data_6KY4
# 
_entry.id   6KY4 
# 
_audit_conform.dict_name       mmcif_pdbx.dic 
_audit_conform.dict_version    5.380 
_audit_conform.dict_location   http://mmcif.pdb.org/dictionaries/ascii/mmcif_pdbx.dic 
# 
loop_
_database_2.database_id 
_database_2.database_code 
_database_2.pdbx_database_accession 
_database_2.pdbx_DOI 
PDB   6KY4         pdb_00006ky4 10.2210/pdb6ky4/pdb 
WWPDB D_1300013830 ?            ?                   
# 
_pdbx_database_status.status_code                     REL 
_pdbx_database_status.status_code_sf                  REL 
_pdbx_database_status.status_code_mr                  ? 
_pdbx_database_status.entry_id                        6KY4 
_pdbx_database_status.recvd_initial_deposition_date   2019-09-16 
_pdbx_database_status.SG_entry                        N 
_pdbx_database_status.deposit_site                    PDBJ 
_pdbx_database_status.process_site                    PDBJ 
_pdbx_database_status.status_code_cs                  ? 
_pdbx_database_status.methods_development_category    ? 
_pdbx_database_status.pdb_format_compatible           Y 
_pdbx_database_status.status_code_nmr_data            ? 
# 
loop_
_audit_author.name 
_audit_author.pdbx_ordinal 
_audit_author.identifier_ORCID 
'Liu, M.'        1 ? 
'Wang, J.'       2 ? 
'Li, X.'         3 ? 
'Li, M.'         4 ? 
'Sylvanno, M.J.' 5 ? 
'Zhang, M.'      6 ? 
'Wang, M.'       7 ? 
# 
_citation.abstract                  ? 
_citation.abstract_id_CAS           ? 
_citation.book_id_ISBN              ? 
_citation.book_publisher            ? 
_citation.book_publisher_city       ? 
_citation.book_title                ? 
_citation.coordinate_linkage        ? 
_citation.country                   US 
_citation.database_id_Medline       ? 
_citation.details                   ? 
_citation.id                        primary 
_citation.journal_abbrev            Biochem.Biophys.Res.Commun. 
_citation.journal_id_ASTM           BBRCA9 
_citation.journal_id_CSD            0146 
_citation.journal_id_ISSN           1090-2104 
_citation.journal_full              ? 
_citation.journal_issue             ? 
_citation.journal_volume            520 
_citation.language                  ? 
_citation.page_first                347 
_citation.page_last                 352 
_citation.title                     
'The crystal structure of sulfiredoxin from Arabidopsis thaliana revealed a more robust antioxidant mechanism in plants.' 
_citation.year                      2019 
_citation.database_id_CSD           ? 
_citation.pdbx_database_id_DOI      10.1016/j.bbrc.2019.10.034 
_citation.pdbx_database_id_PubMed   31604522 
_citation.unpublished_flag          ? 
# 
loop_
_citation_author.citation_id 
_citation_author.name 
_citation_author.ordinal 
_citation_author.identifier_ORCID 
primary 'Liu, M.'        1 ? 
primary 'Wang, J.'       2 ? 
primary 'Li, X.'         3 ? 
primary 'Sylvanno, M.J.' 4 ? 
primary 'Li, M.'         5 ? 
primary 'Zhang, M.'      6 ? 
primary 'Wang, M.'       7 ? 
# 
_cell.angle_alpha                  90.000 
_cell.angle_alpha_esd              ? 
_cell.angle_beta                   90.000 
_cell.angle_beta_esd               ? 
_cell.angle_gamma                  90.000 
_cell.angle_gamma_esd              ? 
_cell.entry_id                     6KY4 
_cell.details                      ? 
_cell.formula_units_Z              ? 
_cell.length_a                     102.544 
_cell.length_a_esd                 ? 
_cell.length_b                     102.544 
_cell.length_b_esd                 ? 
_cell.length_c                     102.544 
_cell.length_c_esd                 ? 
_cell.volume                       ? 
_cell.volume_esd                   ? 
_cell.Z_PDB                        24 
_cell.reciprocal_angle_alpha       ? 
_cell.reciprocal_angle_beta        ? 
_cell.reciprocal_angle_gamma       ? 
_cell.reciprocal_angle_alpha_esd   ? 
_cell.reciprocal_angle_beta_esd    ? 
_cell.reciprocal_angle_gamma_esd   ? 
_cell.reciprocal_length_a          ? 
_cell.reciprocal_length_b          ? 
_cell.reciprocal_length_c          ? 
_cell.reciprocal_length_a_esd      ? 
_cell.reciprocal_length_b_esd      ? 
_cell.reciprocal_length_c_esd      ? 
_cell.pdbx_unique_axis             ? 
# 
_symmetry.entry_id                         6KY4 
_symmetry.cell_setting                     ? 
_symmetry.Int_Tables_number                212 
_symmetry.space_group_name_Hall            ? 
_symmetry.space_group_name_H-M             'P 43 3 2' 
_symmetry.pdbx_full_space_group_name_H-M   ? 
# 
loop_
_entity.id 
_entity.type 
_entity.src_method 
_entity.pdbx_description 
_entity.formula_weight 
_entity.pdbx_number_of_molecules 
_entity.pdbx_ec 
_entity.pdbx_mutation 
_entity.pdbx_fragment 
_entity.details 
1 polymer     man 'Sulfiredoxin, chloroplastic/mitochondrial' 12769.820 1 1.8.98.2 ? ? ? 
2 non-polymer syn "ADENOSINE-5'-DIPHOSPHATE"                  427.201   1 ?        ? ? ? 
3 non-polymer syn 'PHOSPHATE ION'                             94.971    2 ?        ? ? ? 
4 water       nat water                                       18.015    4 ?        ? ? ? 
# 
_entity_name_com.entity_id   1 
_entity_name_com.name        AtSRX 
# 
_entity_poly.entity_id                      1 
_entity_poly.type                           'polypeptide(L)' 
_entity_poly.nstd_linkage                   no 
_entity_poly.nstd_monomer                   no 
_entity_poly.pdbx_seq_one_letter_code       
;MNGSPPVIGGSSGGVGPMIVELPLEKIRRPLMRTRSNDQNKVKELMDSIRQIGLQVPIDVIEVDGTYYGFSGCHRYEAHQ
KLGLPTIRCKIRKGTKETLRHHLRLEHHHHHH
;
_entity_poly.pdbx_seq_one_letter_code_can   
;MNGSPPVIGGSSGGVGPMIVELPLEKIRRPLMRTRSNDQNKVKELMDSIRQIGLQVPIDVIEVDGTYYGFSGCHRYEAHQ
KLGLPTIRCKIRKGTKETLRHHLRLEHHHHHH
;
_entity_poly.pdbx_strand_id                 A 
_entity_poly.pdbx_target_identifier         ? 
# 
loop_
_entity_poly_seq.entity_id 
_entity_poly_seq.num 
_entity_poly_seq.mon_id 
_entity_poly_seq.hetero 
1 1   MET n 
1 2   ASN n 
1 3   GLY n 
1 4   SER n 
1 5   PRO n 
1 6   PRO n 
1 7   VAL n 
1 8   ILE n 
1 9   GLY n 
1 10  GLY n 
1 11  SER n 
1 12  SER n 
1 13  GLY n 
1 14  GLY n 
1 15  VAL n 
1 16  GLY n 
1 17  PRO n 
1 18  MET n 
1 19  ILE n 
1 20  VAL n 
1 21  GLU n 
1 22  LEU n 
1 23  PRO n 
1 24  LEU n 
1 25  GLU n 
1 26  LYS n 
1 27  ILE n 
1 28  ARG n 
1 29  ARG n 
1 30  PRO n 
1 31  LEU n 
1 32  MET n 
1 33  ARG n 
1 34  THR n 
1 35  ARG n 
1 36  SER n 
1 37  ASN n 
1 38  ASP n 
1 39  GLN n 
1 40  ASN n 
1 41  LYS n 
1 42  VAL n 
1 43  LYS n 
1 44  GLU n 
1 45  LEU n 
1 46  MET n 
1 47  ASP n 
1 48  SER n 
1 49  ILE n 
1 50  ARG n 
1 51  GLN n 
1 52  ILE n 
1 53  GLY n 
1 54  LEU n 
1 55  GLN n 
1 56  VAL n 
1 57  PRO n 
1 58  ILE n 
1 59  ASP n 
1 60  VAL n 
1 61  ILE n 
1 62  GLU n 
1 63  VAL n 
1 64  ASP n 
1 65  GLY n 
1 66  THR n 
1 67  TYR n 
1 68  TYR n 
1 69  GLY n 
1 70  PHE n 
1 71  SER n 
1 72  GLY n 
1 73  CYS n 
1 74  HIS n 
1 75  ARG n 
1 76  TYR n 
1 77  GLU n 
1 78  ALA n 
1 79  HIS n 
1 80  GLN n 
1 81  LYS n 
1 82  LEU n 
1 83  GLY n 
1 84  LEU n 
1 85  PRO n 
1 86  THR n 
1 87  ILE n 
1 88  ARG n 
1 89  CYS n 
1 90  LYS n 
1 91  ILE n 
1 92  ARG n 
1 93  LYS n 
1 94  GLY n 
1 95  THR n 
1 96  LYS n 
1 97  GLU n 
1 98  THR n 
1 99  LEU n 
1 100 ARG n 
1 101 HIS n 
1 102 HIS n 
1 103 LEU n 
1 104 ARG n 
1 105 LEU n 
1 106 GLU n 
1 107 HIS n 
1 108 HIS n 
1 109 HIS n 
1 110 HIS n 
1 111 HIS n 
1 112 HIS n 
# 
_entity_src_gen.entity_id                          1 
_entity_src_gen.pdbx_src_id                        1 
_entity_src_gen.pdbx_alt_source_flag               sample 
_entity_src_gen.pdbx_seq_type                      'Biological sequence' 
_entity_src_gen.pdbx_beg_seq_num                   1 
_entity_src_gen.pdbx_end_seq_num                   112 
_entity_src_gen.gene_src_common_name               'Mouse-ear cress' 
_entity_src_gen.gene_src_genus                     ? 
_entity_src_gen.pdbx_gene_src_gene                 'SRX, At1g31170, F28K20.12' 
_entity_src_gen.gene_src_species                   ? 
_entity_src_gen.gene_src_strain                    ? 
_entity_src_gen.gene_src_tissue                    ? 
_entity_src_gen.gene_src_tissue_fraction           ? 
_entity_src_gen.gene_src_details                   ? 
_entity_src_gen.pdbx_gene_src_fragment             ? 
_entity_src_gen.pdbx_gene_src_scientific_name      'Arabidopsis thaliana' 
_entity_src_gen.pdbx_gene_src_ncbi_taxonomy_id     3702 
_entity_src_gen.pdbx_gene_src_variant              ? 
_entity_src_gen.pdbx_gene_src_cell_line            ? 
_entity_src_gen.pdbx_gene_src_atcc                 ? 
_entity_src_gen.pdbx_gene_src_organ                ? 
_entity_src_gen.pdbx_gene_src_organelle            ? 
_entity_src_gen.pdbx_gene_src_cell                 ? 
_entity_src_gen.pdbx_gene_src_cellular_location    ? 
_entity_src_gen.host_org_common_name               ? 
_entity_src_gen.pdbx_host_org_scientific_name      'Escherichia coli BL21' 
_entity_src_gen.pdbx_host_org_ncbi_taxonomy_id     511693 
_entity_src_gen.host_org_genus                     ? 
_entity_src_gen.pdbx_host_org_gene                 ? 
_entity_src_gen.pdbx_host_org_organ                ? 
_entity_src_gen.host_org_species                   ? 
_entity_src_gen.pdbx_host_org_tissue               ? 
_entity_src_gen.pdbx_host_org_tissue_fraction      ? 
_entity_src_gen.pdbx_host_org_strain               ? 
_entity_src_gen.pdbx_host_org_variant              ? 
_entity_src_gen.pdbx_host_org_cell_line            ? 
_entity_src_gen.pdbx_host_org_atcc                 ? 
_entity_src_gen.pdbx_host_org_culture_collection   ? 
_entity_src_gen.pdbx_host_org_cell                 ? 
_entity_src_gen.pdbx_host_org_organelle            ? 
_entity_src_gen.pdbx_host_org_cellular_location    ? 
_entity_src_gen.pdbx_host_org_vector_type          Plasmid 
_entity_src_gen.pdbx_host_org_vector               ? 
_entity_src_gen.host_org_details                   ? 
_entity_src_gen.expression_system_id               ? 
_entity_src_gen.plasmid_name                       pET22b 
_entity_src_gen.plasmid_details                    ? 
_entity_src_gen.pdbx_description                   ? 
# 
_struct_ref.id                         1 
_struct_ref.db_name                    UNP 
_struct_ref.db_code                    SRX_ARATH 
_struct_ref.pdbx_db_accession          Q8GY89 
_struct_ref.pdbx_db_isoform            ? 
_struct_ref.entity_id                  1 
_struct_ref.pdbx_seq_one_letter_code   
;NGSPPVIGGSSGGVGPMIVELPLEKIRRPLMRTRSNDQNKVKELMDSIRQIGLQVPIDVIEVDGTYYGFSGCHRYEAHQK
LGLPTIRCKIRKGTKETLRHHLR
;
_struct_ref.pdbx_align_begin           23 
# 
_struct_ref_seq.align_id                      1 
_struct_ref_seq.ref_id                        1 
_struct_ref_seq.pdbx_PDB_id_code              6KY4 
_struct_ref_seq.pdbx_strand_id                A 
_struct_ref_seq.seq_align_beg                 2 
_struct_ref_seq.pdbx_seq_align_beg_ins_code   ? 
_struct_ref_seq.seq_align_end                 104 
_struct_ref_seq.pdbx_seq_align_end_ins_code   ? 
_struct_ref_seq.pdbx_db_accession             Q8GY89 
_struct_ref_seq.db_align_beg                  23 
_struct_ref_seq.pdbx_db_align_beg_ins_code    ? 
_struct_ref_seq.db_align_end                  125 
_struct_ref_seq.pdbx_db_align_end_ins_code    ? 
_struct_ref_seq.pdbx_auth_seq_align_beg       1 
_struct_ref_seq.pdbx_auth_seq_align_end       103 
# 
loop_
_struct_ref_seq_dif.align_id 
_struct_ref_seq_dif.pdbx_pdb_id_code 
_struct_ref_seq_dif.mon_id 
_struct_ref_seq_dif.pdbx_pdb_strand_id 
_struct_ref_seq_dif.seq_num 
_struct_ref_seq_dif.pdbx_pdb_ins_code 
_struct_ref_seq_dif.pdbx_seq_db_name 
_struct_ref_seq_dif.pdbx_seq_db_accession_code 
_struct_ref_seq_dif.db_mon_id 
_struct_ref_seq_dif.pdbx_seq_db_seq_num 
_struct_ref_seq_dif.details 
_struct_ref_seq_dif.pdbx_auth_seq_num 
_struct_ref_seq_dif.pdbx_ordinal 
1 6KY4 MET A 1   ? UNP Q8GY89 ? ? 'initiating methionine' 0   1 
1 6KY4 LEU A 105 ? UNP Q8GY89 ? ? 'expression tag'        104 2 
1 6KY4 GLU A 106 ? UNP Q8GY89 ? ? 'expression tag'        105 3 
1 6KY4 HIS A 107 ? UNP Q8GY89 ? ? 'expression tag'        106 4 
1 6KY4 HIS A 108 ? UNP Q8GY89 ? ? 'expression tag'        107 5 
1 6KY4 HIS A 109 ? UNP Q8GY89 ? ? 'expression tag'        108 6 
1 6KY4 HIS A 110 ? UNP Q8GY89 ? ? 'expression tag'        109 7 
1 6KY4 HIS A 111 ? UNP Q8GY89 ? ? 'expression tag'        110 8 
1 6KY4 HIS A 112 ? UNP Q8GY89 ? ? 'expression tag'        111 9 
# 
loop_
_chem_comp.id 
_chem_comp.type 
_chem_comp.mon_nstd_flag 
_chem_comp.name 
_chem_comp.pdbx_synonyms 
_chem_comp.formula 
_chem_comp.formula_weight 
ADP non-polymer         n "ADENOSINE-5'-DIPHOSPHATE" ? 'C10 H15 N5 O10 P2' 427.201 
ALA 'L-peptide linking' y ALANINE                    ? 'C3 H7 N O2'        89.093  
ARG 'L-peptide linking' y ARGININE                   ? 'C6 H15 N4 O2 1'    175.209 
ASN 'L-peptide linking' y ASPARAGINE                 ? 'C4 H8 N2 O3'       132.118 
ASP 'L-peptide linking' y 'ASPARTIC ACID'            ? 'C4 H7 N O4'        133.103 
CYS 'L-peptide linking' y CYSTEINE                   ? 'C3 H7 N O2 S'      121.158 
GLN 'L-peptide linking' y GLUTAMINE                  ? 'C5 H10 N2 O3'      146.144 
GLU 'L-peptide linking' y 'GLUTAMIC ACID'            ? 'C5 H9 N O4'        147.129 
GLY 'peptide linking'   y GLYCINE                    ? 'C2 H5 N O2'        75.067  
HIS 'L-peptide linking' y HISTIDINE                  ? 'C6 H10 N3 O2 1'    156.162 
HOH non-polymer         . WATER                      ? 'H2 O'              18.015  
ILE 'L-peptide linking' y ISOLEUCINE                 ? 'C6 H13 N O2'       131.173 
LEU 'L-peptide linking' y LEUCINE                    ? 'C6 H13 N O2'       131.173 
LYS 'L-peptide linking' y LYSINE                     ? 'C6 H15 N2 O2 1'    147.195 
MET 'L-peptide linking' y METHIONINE                 ? 'C5 H11 N O2 S'     149.211 
PHE 'L-peptide linking' y PHENYLALANINE              ? 'C9 H11 N O2'       165.189 
PO4 non-polymer         . 'PHOSPHATE ION'            ? 'O4 P -3'           94.971  
PRO 'L-peptide linking' y PROLINE                    ? 'C5 H9 N O2'        115.130 
SER 'L-peptide linking' y SERINE                     ? 'C3 H7 N O3'        105.093 
THR 'L-peptide linking' y THREONINE                  ? 'C4 H9 N O3'        119.119 
TYR 'L-peptide linking' y TYROSINE                   ? 'C9 H11 N O3'       181.189 
VAL 'L-peptide linking' y VALINE                     ? 'C5 H11 N O2'       117.146 
# 
_exptl.absorpt_coefficient_mu     ? 
_exptl.absorpt_correction_T_max   ? 
_exptl.absorpt_correction_T_min   ? 
_exptl.absorpt_correction_type    ? 
_exptl.absorpt_process_details    ? 
_exptl.entry_id                   6KY4 
_exptl.crystals_number            1 
_exptl.details                    ? 
_exptl.method                     'X-RAY DIFFRACTION' 
_exptl.method_details             ? 
# 
_exptl_crystal.colour                      ? 
_exptl_crystal.density_diffrn              ? 
_exptl_crystal.density_Matthews            3.52 
_exptl_crystal.density_method              ? 
_exptl_crystal.density_percent_sol         65.04 
_exptl_crystal.description                 ? 
_exptl_crystal.F_000                       ? 
_exptl_crystal.id                          1 
_exptl_crystal.preparation                 ? 
_exptl_crystal.size_max                    ? 
_exptl_crystal.size_mid                    ? 
_exptl_crystal.size_min                    ? 
_exptl_crystal.size_rad                    ? 
_exptl_crystal.colour_lustre               ? 
_exptl_crystal.colour_modifier             ? 
_exptl_crystal.colour_primary              ? 
_exptl_crystal.density_meas                ? 
_exptl_crystal.density_meas_esd            ? 
_exptl_crystal.density_meas_gt             ? 
_exptl_crystal.density_meas_lt             ? 
_exptl_crystal.density_meas_temp           ? 
_exptl_crystal.density_meas_temp_esd       ? 
_exptl_crystal.density_meas_temp_gt        ? 
_exptl_crystal.density_meas_temp_lt        ? 
_exptl_crystal.pdbx_crystal_image_url      ? 
_exptl_crystal.pdbx_crystal_image_format   ? 
_exptl_crystal.pdbx_mosaicity              ? 
_exptl_crystal.pdbx_mosaicity_esd          ? 
# 
_exptl_crystal_grow.apparatus       ? 
_exptl_crystal_grow.atmosphere      ? 
_exptl_crystal_grow.crystal_id      1 
_exptl_crystal_grow.details         ? 
_exptl_crystal_grow.method          'VAPOR DIFFUSION, SITTING DROP' 
_exptl_crystal_grow.method_ref      ? 
_exptl_crystal_grow.pH              4.5 
_exptl_crystal_grow.pressure        ? 
_exptl_crystal_grow.pressure_esd    ? 
_exptl_crystal_grow.seeding         ? 
_exptl_crystal_grow.seeding_ref     ? 
_exptl_crystal_grow.temp            289 
_exptl_crystal_grow.temp_details    ? 
_exptl_crystal_grow.temp_esd        ? 
_exptl_crystal_grow.time            ? 
_exptl_crystal_grow.pdbx_details    '0.8 M NaH2PO4/1.2 M KH2PO4, acetate pH 4.5' 
_exptl_crystal_grow.pdbx_pH_range   ? 
# 
_diffrn.ambient_environment              ? 
_diffrn.ambient_temp                     100 
_diffrn.ambient_temp_details             ? 
_diffrn.ambient_temp_esd                 ? 
_diffrn.crystal_id                       1 
_diffrn.crystal_support                  ? 
_diffrn.crystal_treatment                ? 
_diffrn.details                          ? 
_diffrn.id                               1 
_diffrn.ambient_pressure                 ? 
_diffrn.ambient_pressure_esd             ? 
_diffrn.ambient_pressure_gt              ? 
_diffrn.ambient_pressure_lt              ? 
_diffrn.ambient_temp_gt                  ? 
_diffrn.ambient_temp_lt                  ? 
_diffrn.pdbx_serial_crystal_experiment   N 
# 
_diffrn_detector.details                      ? 
_diffrn_detector.detector                     PIXEL 
_diffrn_detector.diffrn_id                    1 
_diffrn_detector.type                         'DECTRIS EIGER X 16M' 
_diffrn_detector.area_resol_mean              ? 
_diffrn_detector.dtime                        ? 
_diffrn_detector.pdbx_frames_total            ? 
_diffrn_detector.pdbx_collection_time_total   ? 
_diffrn_detector.pdbx_collection_date         2018-06-14 
_diffrn_detector.pdbx_frequency               ? 
# 
_diffrn_radiation.collimation                      ? 
_diffrn_radiation.diffrn_id                        1 
_diffrn_radiation.filter_edge                      ? 
_diffrn_radiation.inhomogeneity                    ? 
_diffrn_radiation.monochromator                    ? 
_diffrn_radiation.polarisn_norm                    ? 
_diffrn_radiation.polarisn_ratio                   ? 
_diffrn_radiation.probe                            ? 
_diffrn_radiation.type                             ? 
_diffrn_radiation.xray_symbol                      ? 
_diffrn_radiation.wavelength_id                    1 
_diffrn_radiation.pdbx_monochromatic_or_laue_m_l   M 
_diffrn_radiation.pdbx_wavelength_list             ? 
_diffrn_radiation.pdbx_wavelength                  ? 
_diffrn_radiation.pdbx_diffrn_protocol             'SINGLE WAVELENGTH' 
_diffrn_radiation.pdbx_analyzer                    ? 
_diffrn_radiation.pdbx_scattering_type             x-ray 
# 
_diffrn_radiation_wavelength.id           1 
_diffrn_radiation_wavelength.wavelength   0.9792 
_diffrn_radiation_wavelength.wt           1.0 
# 
_diffrn_source.current                     ? 
_diffrn_source.details                     ? 
_diffrn_source.diffrn_id                   1 
_diffrn_source.power                       ? 
_diffrn_source.size                        ? 
_diffrn_source.source                      SYNCHROTRON 
_diffrn_source.target                      ? 
_diffrn_source.type                        'SSRF BEAMLINE BL17U' 
_diffrn_source.voltage                     ? 
_diffrn_source.take-off_angle              ? 
_diffrn_source.pdbx_wavelength_list        0.9792 
_diffrn_source.pdbx_wavelength             ? 
_diffrn_source.pdbx_synchrotron_beamline   BL17U 
_diffrn_source.pdbx_synchrotron_site       SSRF 
# 
_reflns.B_iso_Wilson_estimate            ? 
_reflns.entry_id                         6KY4 
_reflns.data_reduction_details           ? 
_reflns.data_reduction_method            ? 
_reflns.d_resolution_high                3.200 
_reflns.d_resolution_low                 50.000 
_reflns.details                          ? 
_reflns.limit_h_max                      ? 
_reflns.limit_h_min                      ? 
_reflns.limit_k_max                      ? 
_reflns.limit_k_min                      ? 
_reflns.limit_l_max                      ? 
_reflns.limit_l_min                      ? 
_reflns.number_all                       ? 
_reflns.number_obs                       3377 
_reflns.observed_criterion               ? 
_reflns.observed_criterion_F_max         ? 
_reflns.observed_criterion_F_min         ? 
_reflns.observed_criterion_I_max         ? 
_reflns.observed_criterion_I_min         ? 
_reflns.observed_criterion_sigma_F       ? 
_reflns.observed_criterion_sigma_I       ? 
_reflns.percent_possible_obs             99.900 
_reflns.R_free_details                   ? 
_reflns.Rmerge_F_all                     ? 
_reflns.Rmerge_F_obs                     ? 
_reflns.Friedel_coverage                 ? 
_reflns.number_gt                        ? 
_reflns.threshold_expression             ? 
_reflns.pdbx_redundancy                  37.000 
_reflns.pdbx_Rmerge_I_obs                0.098 
_reflns.pdbx_Rmerge_I_all                ? 
_reflns.pdbx_Rsym_value                  ? 
_reflns.pdbx_netI_over_av_sigmaI         ? 
_reflns.pdbx_netI_over_sigmaI            12.000 
_reflns.pdbx_res_netI_over_av_sigmaI_2   ? 
_reflns.pdbx_res_netI_over_sigmaI_2      ? 
_reflns.pdbx_chi_squared                 1.054 
_reflns.pdbx_scaling_rejects             ? 
_reflns.pdbx_d_res_high_opt              ? 
_reflns.pdbx_d_res_low_opt               ? 
_reflns.pdbx_d_res_opt_method            ? 
_reflns.phase_calculation_details        ? 
_reflns.pdbx_Rrim_I_all                  0.099 
_reflns.pdbx_Rpim_I_all                  0.018 
_reflns.pdbx_d_opt                       ? 
_reflns.pdbx_number_measured_all         124863 
_reflns.pdbx_diffrn_id                   1 
_reflns.pdbx_ordinal                     1 
_reflns.pdbx_CC_half                     ? 
_reflns.pdbx_R_split                     ? 
# 
loop_
_reflns_shell.d_res_high 
_reflns_shell.d_res_low 
_reflns_shell.meanI_over_sigI_all 
_reflns_shell.meanI_over_sigI_obs 
_reflns_shell.number_measured_all 
_reflns_shell.number_measured_obs 
_reflns_shell.number_possible 
_reflns_shell.number_unique_all 
_reflns_shell.number_unique_obs 
_reflns_shell.percent_possible_all 
_reflns_shell.percent_possible_obs 
_reflns_shell.Rmerge_F_all 
_reflns_shell.Rmerge_F_obs 
_reflns_shell.Rmerge_I_all 
_reflns_shell.Rmerge_I_obs 
_reflns_shell.meanI_over_sigI_gt 
_reflns_shell.meanI_over_uI_all 
_reflns_shell.meanI_over_uI_gt 
_reflns_shell.number_measured_gt 
_reflns_shell.number_unique_gt 
_reflns_shell.percent_possible_gt 
_reflns_shell.Rmerge_F_gt 
_reflns_shell.Rmerge_I_gt 
_reflns_shell.pdbx_redundancy 
_reflns_shell.pdbx_Rsym_value 
_reflns_shell.pdbx_chi_squared 
_reflns_shell.pdbx_netI_over_sigmaI_all 
_reflns_shell.pdbx_netI_over_sigmaI_obs 
_reflns_shell.pdbx_Rrim_I_all 
_reflns_shell.pdbx_Rpim_I_all 
_reflns_shell.pdbx_rejects 
_reflns_shell.pdbx_ordinal 
_reflns_shell.pdbx_diffrn_id 
_reflns_shell.pdbx_CC_half 
_reflns_shell.pdbx_R_split 
3.200 3.310  ? ? ? ? ? ? 330 100.000 ? ? ? ? 2.261 ? ? ? ? ? ? ? ? 37.200 ? 0.908 ? ? 2.292 0.372 ? 1  1 0.851 ? 
3.310 3.450  ? ? ? ? ? ? 318 100.000 ? ? ? ? 1.248 ? ? ? ? ? ? ? ? 43.100 ? 1.094 ? ? 1.263 0.191 ? 2  1 0.946 ? 
3.450 3.600  ? ? ? ? ? ? 329 100.000 ? ? ? ? 0.668 ? ? ? ? ? ? ? ? 42.800 ? 1.055 ? ? 0.677 0.103 ? 3  1 0.983 ? 
3.600 3.790  ? ? ? ? ? ? 323 100.000 ? ? ? ? 0.381 ? ? ? ? ? ? ? ? 41.400 ? 1.125 ? ? 0.386 0.060 ? 4  1 0.990 ? 
3.790 4.030  ? ? ? ? ? ? 326 100.000 ? ? ? ? 0.259 ? ? ? ? ? ? ? ? 39.500 ? 1.258 ? ? 0.262 0.042 ? 5  1 0.996 ? 
4.030 4.340  ? ? ? ? ? ? 329 100.000 ? ? ? ? 0.148 ? ? ? ? ? ? ? ? 38.500 ? 1.055 ? ? 0.150 0.024 ? 6  1 0.999 ? 
4.340 4.780  ? ? ? ? ? ? 333 100.000 ? ? ? ? 0.100 ? ? ? ? ? ? ? ? 33.800 ? 0.976 ? ? 0.101 0.017 ? 7  1 0.999 ? 
4.780 5.470  ? ? ? ? ? ? 343 100.000 ? ? ? ? 0.090 ? ? ? ? ? ? ? ? 36.200 ? 1.029 ? ? 0.091 0.015 ? 8  1 0.999 ? 
5.470 6.890  ? ? ? ? ? ? 351 100.000 ? ? ? ? 0.075 ? ? ? ? ? ? ? ? 35.200 ? 0.984 ? ? 0.076 0.013 ? 9  1 0.999 ? 
6.890 50.000 ? ? ? ? ? ? 395 99.000  ? ? ? ? 0.073 ? ? ? ? ? ? ? ? 24.900 ? 1.026 ? ? 0.074 0.015 ? 10 1 0.998 ? 
# 
_refine.aniso_B[1][1]                            ? 
_refine.aniso_B[1][2]                            ? 
_refine.aniso_B[1][3]                            ? 
_refine.aniso_B[2][2]                            ? 
_refine.aniso_B[2][3]                            ? 
_refine.aniso_B[3][3]                            ? 
_refine.B_iso_max                                104.520 
_refine.B_iso_mean                               66.2696 
_refine.B_iso_min                                38.510 
_refine.correlation_coeff_Fo_to_Fc               ? 
_refine.correlation_coeff_Fo_to_Fc_free          ? 
_refine.details                                  ? 
_refine.diff_density_max                         ? 
_refine.diff_density_max_esd                     ? 
_refine.diff_density_min                         ? 
_refine.diff_density_min_esd                     ? 
_refine.diff_density_rms                         ? 
_refine.diff_density_rms_esd                     ? 
_refine.entry_id                                 6KY4 
_refine.pdbx_refine_id                           'X-RAY DIFFRACTION' 
_refine.ls_abs_structure_details                 ? 
_refine.ls_abs_structure_Flack                   ? 
_refine.ls_abs_structure_Flack_esd               ? 
_refine.ls_abs_structure_Rogers                  ? 
_refine.ls_abs_structure_Rogers_esd              ? 
_refine.ls_d_res_high                            3.20 
_refine.ls_d_res_low                             41.8630 
_refine.ls_extinction_coef                       ? 
_refine.ls_extinction_coef_esd                   ? 
_refine.ls_extinction_expression                 ? 
_refine.ls_extinction_method                     ? 
_refine.ls_goodness_of_fit_all                   ? 
_refine.ls_goodness_of_fit_all_esd               ? 
_refine.ls_goodness_of_fit_obs                   ? 
_refine.ls_goodness_of_fit_obs_esd               ? 
_refine.ls_hydrogen_treatment                    ? 
_refine.ls_matrix_type                           ? 
_refine.ls_number_constraints                    ? 
_refine.ls_number_parameters                     ? 
_refine.ls_number_reflns_all                     ? 
_refine.ls_number_reflns_obs                     3335 
_refine.ls_number_reflns_R_free                  334 
_refine.ls_number_reflns_R_work                  ? 
_refine.ls_number_restraints                     ? 
_refine.ls_percent_reflns_obs                    99.6100 
_refine.ls_percent_reflns_R_free                 10.0100 
_refine.ls_R_factor_all                          ? 
_refine.ls_R_factor_obs                          0.2492 
_refine.ls_R_factor_R_free                       0.2938 
_refine.ls_R_factor_R_free_error                 ? 
_refine.ls_R_factor_R_free_error_details         ? 
_refine.ls_R_factor_R_work                       0.2443 
_refine.ls_R_Fsqd_factor_obs                     ? 
_refine.ls_R_I_factor_obs                        ? 
_refine.ls_redundancy_reflns_all                 ? 
_refine.ls_redundancy_reflns_obs                 ? 
_refine.ls_restrained_S_all                      ? 
_refine.ls_restrained_S_obs                      ? 
_refine.ls_shift_over_esd_max                    ? 
_refine.ls_shift_over_esd_mean                   ? 
_refine.ls_structure_factor_coef                 ? 
_refine.ls_weighting_details                     ? 
_refine.ls_weighting_scheme                      ? 
_refine.ls_wR_factor_all                         ? 
_refine.ls_wR_factor_obs                         ? 
_refine.ls_wR_factor_R_free                      ? 
_refine.ls_wR_factor_R_work                      ? 
_refine.occupancy_max                            ? 
_refine.occupancy_min                            ? 
_refine.solvent_model_details                    ? 
_refine.solvent_model_param_bsol                 ? 
_refine.solvent_model_param_ksol                 ? 
_refine.ls_R_factor_gt                           ? 
_refine.ls_goodness_of_fit_gt                    ? 
_refine.ls_goodness_of_fit_ref                   ? 
_refine.ls_shift_over_su_max                     ? 
_refine.ls_shift_over_su_max_lt                  ? 
_refine.ls_shift_over_su_mean                    ? 
_refine.ls_shift_over_su_mean_lt                 ? 
_refine.pdbx_ls_sigma_I                          ? 
_refine.pdbx_ls_sigma_F                          1.350 
_refine.pdbx_ls_sigma_Fsqd                       ? 
_refine.pdbx_data_cutoff_high_absF               ? 
_refine.pdbx_data_cutoff_high_rms_absF           ? 
_refine.pdbx_data_cutoff_low_absF                ? 
_refine.pdbx_isotropic_thermal_model             ? 
_refine.pdbx_ls_cross_valid_method               THROUGHOUT 
_refine.pdbx_method_to_determine_struct          'MOLECULAR REPLACEMENT' 
_refine.pdbx_starting_model                      1xw3 
_refine.pdbx_stereochemistry_target_values       ? 
_refine.pdbx_R_Free_selection_details            ? 
_refine.pdbx_stereochem_target_val_spec_case     ? 
_refine.pdbx_overall_ESU_R                       ? 
_refine.pdbx_overall_ESU_R_Free                  ? 
_refine.pdbx_solvent_vdw_probe_radii             1.1100 
_refine.pdbx_solvent_ion_probe_radii             ? 
_refine.pdbx_solvent_shrinkage_radii             0.9000 
_refine.pdbx_real_space_R                        ? 
_refine.pdbx_density_correlation                 ? 
_refine.pdbx_pd_number_of_powder_patterns        ? 
_refine.pdbx_pd_number_of_points                 ? 
_refine.pdbx_pd_meas_number_of_points            ? 
_refine.pdbx_pd_proc_ls_prof_R_factor            ? 
_refine.pdbx_pd_proc_ls_prof_wR_factor           ? 
_refine.pdbx_pd_Marquardt_correlation_coeff      ? 
_refine.pdbx_pd_Fsqrd_R_factor                   ? 
_refine.pdbx_pd_ls_matrix_band_width             ? 
_refine.pdbx_overall_phase_error                 27.5600 
_refine.pdbx_overall_SU_R_free_Cruickshank_DPI   ? 
_refine.pdbx_overall_SU_R_free_Blow_DPI          ? 
_refine.pdbx_overall_SU_R_Blow_DPI               ? 
_refine.pdbx_TLS_residual_ADP_flag               ? 
_refine.pdbx_diffrn_id                           1 
_refine.overall_SU_B                             ? 
_refine.overall_SU_ML                            0.3900 
_refine.overall_SU_R_Cruickshank_DPI             ? 
_refine.overall_SU_R_free                        ? 
_refine.overall_FOM_free_R_set                   ? 
_refine.overall_FOM_work_R_set                   ? 
_refine.pdbx_average_fsc_overall                 ? 
_refine.pdbx_average_fsc_work                    ? 
_refine.pdbx_average_fsc_free                    ? 
# 
_refine_hist.pdbx_refine_id                   'X-RAY DIFFRACTION' 
_refine_hist.cycle_id                         final 
_refine_hist.details                          ? 
_refine_hist.d_res_high                       3.20 
_refine_hist.d_res_low                        41.8630 
_refine_hist.number_atoms_solvent             4 
_refine_hist.number_atoms_total               771 
_refine_hist.number_reflns_all                ? 
_refine_hist.number_reflns_obs                ? 
_refine_hist.number_reflns_R_free             ? 
_refine_hist.number_reflns_R_work             ? 
_refine_hist.R_factor_all                     ? 
_refine_hist.R_factor_obs                     ? 
_refine_hist.R_factor_R_free                  ? 
_refine_hist.R_factor_R_work                  ? 
_refine_hist.pdbx_number_residues_total       89 
_refine_hist.pdbx_B_iso_mean_ligand           70.73 
_refine_hist.pdbx_B_iso_mean_solvent          49.16 
_refine_hist.pdbx_number_atoms_protein        730 
_refine_hist.pdbx_number_atoms_nucleic_acid   0 
_refine_hist.pdbx_number_atoms_ligand         37 
_refine_hist.pdbx_number_atoms_lipid          ? 
_refine_hist.pdbx_number_atoms_carb           ? 
_refine_hist.pdbx_pseudo_atom_details         ? 
# 
loop_
_refine_ls_shell.pdbx_refine_id 
_refine_ls_shell.d_res_high 
_refine_ls_shell.d_res_low 
_refine_ls_shell.number_reflns_all 
_refine_ls_shell.number_reflns_obs 
_refine_ls_shell.number_reflns_R_free 
_refine_ls_shell.number_reflns_R_work 
_refine_ls_shell.percent_reflns_obs 
_refine_ls_shell.percent_reflns_R_free 
_refine_ls_shell.R_factor_all 
_refine_ls_shell.R_factor_obs 
_refine_ls_shell.R_factor_R_free 
_refine_ls_shell.R_factor_R_free_error 
_refine_ls_shell.R_factor_R_work 
_refine_ls_shell.redundancy_reflns_all 
_refine_ls_shell.redundancy_reflns_obs 
_refine_ls_shell.wR_factor_all 
_refine_ls_shell.wR_factor_obs 
_refine_ls_shell.wR_factor_R_free 
_refine_ls_shell.wR_factor_R_work 
_refine_ls_shell.pdbx_total_number_of_bins_used 
_refine_ls_shell.pdbx_phase_error 
_refine_ls_shell.pdbx_fsc_work 
_refine_ls_shell.pdbx_fsc_free 
'X-RAY DIFFRACTION' 3.20   4.0348 . . 161 1448 100.0000 . . . 0.3314 0.0000 0.2894 . . . . . . . . . . 
'X-RAY DIFFRACTION' 4.0348 41.86  . . 173 1553 100.0000 . . . 0.2754 0.0000 0.2224 . . . . . . . . . . 
# 
_struct.entry_id                     6KY4 
_struct.title                        'Crystal structure of Sulfiredoxin from Arabidopsis thaliana' 
_struct.pdbx_model_details           ? 
_struct.pdbx_formula_weight          ? 
_struct.pdbx_formula_weight_method   ? 
_struct.pdbx_model_type_details      ? 
_struct.pdbx_CASP_flag               N 
# 
_struct_keywords.entry_id        6KY4 
_struct_keywords.text            
'sulfiredoxin, cysteine, sulfinic acid, peroxiredoxin repair protein, arabidopsis thaliana, antioxidant, oxidoreductase' 
_struct_keywords.pdbx_keywords   OXIDOREDUCTASE 
# 
loop_
_struct_asym.id 
_struct_asym.pdbx_blank_PDB_chainid_flag 
_struct_asym.pdbx_modified 
_struct_asym.entity_id 
_struct_asym.details 
A N N 1 ? 
B N N 2 ? 
C N N 3 ? 
D N N 3 ? 
E N N 4 ? 
# 
loop_
_struct_conf.conf_type_id 
_struct_conf.id 
_struct_conf.pdbx_PDB_helix_id 
_struct_conf.beg_label_comp_id 
_struct_conf.beg_label_asym_id 
_struct_conf.beg_label_seq_id 
_struct_conf.pdbx_beg_PDB_ins_code 
_struct_conf.end_label_comp_id 
_struct_conf.end_label_asym_id 
_struct_conf.end_label_seq_id 
_struct_conf.pdbx_end_PDB_ins_code 
_struct_conf.beg_auth_comp_id 
_struct_conf.beg_auth_asym_id 
_struct_conf.beg_auth_seq_id 
_struct_conf.end_auth_comp_id 
_struct_conf.end_auth_asym_id 
_struct_conf.end_auth_seq_id 
_struct_conf.pdbx_PDB_helix_class 
_struct_conf.details 
_struct_conf.pdbx_PDB_helix_length 
HELX_P HELX_P1 AA1 ARG A 29 ? ARG A 35  ? ARG A 28 ARG A 34  5 ? 7  
HELX_P HELX_P2 AA2 ASP A 38 ? GLY A 53  ? ASP A 37 GLY A 52  1 ? 16 
HELX_P HELX_P3 AA3 GLY A 72 ? LEU A 82  ? GLY A 71 LEU A 81  1 ? 11 
HELX_P HELX_P4 AA4 THR A 95 ? LEU A 103 ? THR A 94 LEU A 102 1 ? 9  
# 
_struct_conf_type.id          HELX_P 
_struct_conf_type.criteria    ? 
_struct_conf_type.reference   ? 
# 
_struct_sheet.id               AA1 
_struct_sheet.type             ? 
_struct_sheet.number_strands   5 
_struct_sheet.details          ? 
# 
loop_
_struct_sheet_order.sheet_id 
_struct_sheet_order.range_id_1 
_struct_sheet_order.range_id_2 
_struct_sheet_order.offset 
_struct_sheet_order.sense 
AA1 1 2 ? anti-parallel 
AA1 2 3 ? parallel      
AA1 3 4 ? anti-parallel 
AA1 4 5 ? parallel      
# 
loop_
_struct_sheet_range.sheet_id 
_struct_sheet_range.id 
_struct_sheet_range.beg_label_comp_id 
_struct_sheet_range.beg_label_asym_id 
_struct_sheet_range.beg_label_seq_id 
_struct_sheet_range.pdbx_beg_PDB_ins_code 
_struct_sheet_range.end_label_comp_id 
_struct_sheet_range.end_label_asym_id 
_struct_sheet_range.end_label_seq_id 
_struct_sheet_range.pdbx_end_PDB_ins_code 
_struct_sheet_range.beg_auth_comp_id 
_struct_sheet_range.beg_auth_asym_id 
_struct_sheet_range.beg_auth_seq_id 
_struct_sheet_range.end_auth_comp_id 
_struct_sheet_range.end_auth_asym_id 
_struct_sheet_range.end_auth_seq_id 
AA1 1 ILE A 19 ? PRO A 23 ? ILE A 18 PRO A 22 
AA1 2 THR A 86 ? LYS A 93 ? THR A 85 LYS A 92 
AA1 3 ILE A 58 ? VAL A 63 ? ILE A 57 VAL A 62 
AA1 4 THR A 66 ? TYR A 68 ? THR A 65 TYR A 67 
AA1 5 ILE A 27 ? ARG A 28 ? ILE A 26 ARG A 27 
# 
loop_
_pdbx_struct_sheet_hbond.sheet_id 
_pdbx_struct_sheet_hbond.range_id_1 
_pdbx_struct_sheet_hbond.range_id_2 
_pdbx_struct_sheet_hbond.range_1_label_atom_id 
_pdbx_struct_sheet_hbond.range_1_label_comp_id 
_pdbx_struct_sheet_hbond.range_1_label_asym_id 
_pdbx_struct_sheet_hbond.range_1_label_seq_id 
_pdbx_struct_sheet_hbond.range_1_PDB_ins_code 
_pdbx_struct_sheet_hbond.range_1_auth_atom_id 
_pdbx_struct_sheet_hbond.range_1_auth_comp_id 
_pdbx_struct_sheet_hbond.range_1_auth_asym_id 
_pdbx_struct_sheet_hbond.range_1_auth_seq_id 
_pdbx_struct_sheet_hbond.range_2_label_atom_id 
_pdbx_struct_sheet_hbond.range_2_label_comp_id 
_pdbx_struct_sheet_hbond.range_2_label_asym_id 
_pdbx_struct_sheet_hbond.range_2_label_seq_id 
_pdbx_struct_sheet_hbond.range_2_PDB_ins_code 
_pdbx_struct_sheet_hbond.range_2_auth_atom_id 
_pdbx_struct_sheet_hbond.range_2_auth_comp_id 
_pdbx_struct_sheet_hbond.range_2_auth_asym_id 
_pdbx_struct_sheet_hbond.range_2_auth_seq_id 
AA1 1 2 N VAL A 20 ? N VAL A 19 O CYS A 89 ? O CYS A 88 
AA1 2 3 O ARG A 92 ? O ARG A 91 N VAL A 60 ? N VAL A 59 
AA1 3 4 N VAL A 63 ? N VAL A 62 O THR A 66 ? O THR A 65 
AA1 4 5 O TYR A 67 ? O TYR A 66 N ARG A 28 ? N ARG A 27 
# 
loop_
_struct_site.id 
_struct_site.pdbx_evidence_code 
_struct_site.pdbx_auth_asym_id 
_struct_site.pdbx_auth_comp_id 
_struct_site.pdbx_auth_seq_id 
_struct_site.pdbx_auth_ins_code 
_struct_site.pdbx_num_residues 
_struct_site.details 
AC1 Software A ADP 201 ? 14 'binding site for residue ADP A 201' 
AC2 Software A PO4 202 ? 4  'binding site for residue PO4 A 202' 
AC3 Software A PO4 203 ? 4  'binding site for residue PO4 A 203' 
# 
loop_
_struct_site_gen.id 
_struct_site_gen.site_id 
_struct_site_gen.pdbx_num_res 
_struct_site_gen.label_comp_id 
_struct_site_gen.label_asym_id 
_struct_site_gen.label_seq_id 
_struct_site_gen.pdbx_auth_ins_code 
_struct_site_gen.auth_comp_id 
_struct_site_gen.auth_asym_id 
_struct_site_gen.auth_seq_id 
_struct_site_gen.label_atom_id 
_struct_site_gen.label_alt_id 
_struct_site_gen.symmetry 
_struct_site_gen.details 
1  AC1 14 LEU A 45  ? LEU A 44  . ? 1_555  ? 
2  AC1 14 SER A 48  ? SER A 47  . ? 1_555  ? 
3  AC1 14 GLY A 53  ? GLY A 52  . ? 1_555  ? 
4  AC1 14 LEU A 54  ? LEU A 53  . ? 1_555  ? 
5  AC1 14 GLN A 55  ? GLN A 54  . ? 1_555  ? 
6  AC1 14 VAL A 56  ? VAL A 55  . ? 1_555  ? 
7  AC1 14 GLY A 72  ? GLY A 71  . ? 1_555  ? 
8  AC1 14 CYS A 73  ? CYS A 72  . ? 1_555  ? 
9  AC1 14 HIS A 74  ? HIS A 73  . ? 1_555  ? 
10 AC1 14 ARG A 75  ? ARG A 74  . ? 1_555  ? 
11 AC1 14 LYS A 96  ? LYS A 95  . ? 15_445 ? 
12 AC1 14 LEU A 99  ? LEU A 98  . ? 15_445 ? 
13 AC1 14 ARG A 100 ? ARG A 99  . ? 15_445 ? 
14 AC1 14 PO4 D .   ? PO4 A 203 . ? 1_555  ? 
15 AC2 4  SER A 36  ? SER A 35  . ? 1_555  ? 
16 AC2 4  ASN A 37  ? ASN A 36  . ? 1_555  ? 
17 AC2 4  ASP A 38  ? ASP A 37  . ? 1_555  ? 
18 AC2 4  HIS A 74  ? HIS A 73  . ? 1_555  ? 
19 AC3 4  SER A 71  ? SER A 70  . ? 1_555  ? 
20 AC3 4  GLY A 72  ? GLY A 71  . ? 1_555  ? 
21 AC3 4  CYS A 73  ? CYS A 72  . ? 1_555  ? 
22 AC3 4  ADP B .   ? ADP A 201 . ? 1_555  ? 
# 
_atom_sites.entry_id                    6KY4 
_atom_sites.Cartn_transf_matrix[1][1]   ? 
_atom_sites.Cartn_transf_matrix[1][2]   ? 
_atom_sites.Cartn_transf_matrix[1][3]   ? 
_atom_sites.Cartn_transf_matrix[2][1]   ? 
_atom_sites.Cartn_transf_matrix[2][2]   ? 
_atom_sites.Cartn_transf_matrix[2][3]   ? 
_atom_sites.Cartn_transf_matrix[3][1]   ? 
_atom_sites.Cartn_transf_matrix[3][2]   ? 
_atom_sites.Cartn_transf_matrix[3][3]   ? 
_atom_sites.Cartn_transf_vector[1]      ? 
_atom_sites.Cartn_transf_vector[2]      ? 
_atom_sites.Cartn_transf_vector[3]      ? 
_atom_sites.fract_transf_matrix[1][1]   0.00429747 
_atom_sites.fract_transf_matrix[1][2]   -0.00782240 
_atom_sites.fract_transf_matrix[1][3]   0.00392980 
_atom_sites.fract_transf_matrix[2][1]   0.00416487 
_atom_sites.fract_transf_matrix[2][2]   0.00567758 
_atom_sites.fract_transf_matrix[2][3]   0.00674688 
_atom_sites.fract_transf_matrix[3][1]   -0.00769981 
_atom_sites.fract_transf_matrix[3][2]   -0.00129485 
_atom_sites.fract_transf_matrix[3][3]   0.00584275 
_atom_sites.fract_transf_vector[1]      -0.168872 
_atom_sites.fract_transf_vector[2]      0.003997 
_atom_sites.fract_transf_vector[3]      0.019501 
_atom_sites.solution_primary            ? 
_atom_sites.solution_secondary          ? 
_atom_sites.solution_hydrogens          ? 
_atom_sites.special_details             ? 
# 
loop_
_atom_type.symbol 
C 
N 
O 
P 
S 
# 
loop_
_atom_site.group_PDB 
_atom_site.id 
_atom_site.type_symbol 
_atom_site.label_atom_id 
_atom_site.label_alt_id 
_atom_site.label_comp_id 
_atom_site.label_asym_id 
_atom_site.label_entity_id 
_atom_site.label_seq_id 
_atom_site.pdbx_PDB_ins_code 
_atom_site.Cartn_x 
_atom_site.Cartn_y 
_atom_site.Cartn_z 
_atom_site.occupancy 
_atom_site.B_iso_or_equiv 
_atom_site.pdbx_formal_charge 
_atom_site.auth_seq_id 
_atom_site.auth_comp_id 
_atom_site.auth_asym_id 
_atom_site.auth_atom_id 
_atom_site.pdbx_PDB_model_num 
ATOM   1   N N     . PRO A 1 17  ? -12.873 6.714   -9.646  1.00 70.87  ? 16  PRO A N     1 
ATOM   2   C CA    . PRO A 1 17  ? -11.837 5.849   -9.080  1.00 70.67  ? 16  PRO A CA    1 
ATOM   3   C C     . PRO A 1 17  ? -12.220 4.371   -9.110  1.00 67.82  ? 16  PRO A C     1 
ATOM   4   O O     . PRO A 1 17  ? -13.136 3.955   -8.401  1.00 65.87  ? 16  PRO A O     1 
ATOM   5   C CB    . PRO A 1 17  ? -11.718 6.354   -7.640  1.00 67.76  ? 16  PRO A CB    1 
ATOM   6   C CG    . PRO A 1 17  ? -13.058 7.024   -7.339  1.00 68.94  ? 16  PRO A CG    1 
ATOM   7   C CD    . PRO A 1 17  ? -13.848 7.123   -8.623  1.00 66.77  ? 16  PRO A CD    1 
ATOM   8   N N     . MET A 1 18  ? -11.521 3.591   -9.928  1.00 66.67  ? 17  MET A N     1 
ATOM   9   C CA    . MET A 1 18  ? -11.783 2.167   -10.069 1.00 61.75  ? 17  MET A CA    1 
ATOM   10  C C     . MET A 1 18  ? -10.767 1.369   -9.263  1.00 60.22  ? 17  MET A C     1 
ATOM   11  O O     . MET A 1 18  ? -9.567  1.658   -9.297  1.00 57.07  ? 17  MET A O     1 
ATOM   12  C CB    . MET A 1 18  ? -11.731 1.748   -11.540 1.00 66.58  ? 17  MET A CB    1 
ATOM   13  C CG    . MET A 1 18  ? -12.686 0.623   -11.901 1.00 70.83  ? 17  MET A CG    1 
ATOM   14  S SD    . MET A 1 18  ? -14.343 1.210   -12.309 1.00 92.30  ? 17  MET A SD    1 
ATOM   15  C CE    . MET A 1 18  ? -14.028 2.065   -13.851 1.00 80.14  ? 17  MET A CE    1 
ATOM   16  N N     . ILE A 1 19  ? -11.253 0.365   -8.539  1.00 55.56  ? 18  ILE A N     1 
ATOM   17  C CA    . ILE A 1 19  ? -10.390 -0.470  -7.710  1.00 51.76  ? 18  ILE A CA    1 
ATOM   18  C C     . ILE A 1 19  ? -9.660  -1.471  -8.596  1.00 50.27  ? 18  ILE A C     1 
ATOM   19  O O     . ILE A 1 19  ? -10.285 -2.221  -9.355  1.00 49.72  ? 18  ILE A O     1 
ATOM   20  C CB    . ILE A 1 19  ? -11.204 -1.182  -6.619  1.00 49.36  ? 18  ILE A CB    1 
ATOM   21  C CG1   . ILE A 1 19  ? -11.739 -0.165  -5.609  1.00 49.06  ? 18  ILE A CG1   1 
ATOM   22  C CG2   . ILE A 1 19  ? -10.356 -2.238  -5.925  1.00 48.44  ? 18  ILE A CG2   1 
ATOM   23  C CD1   . ILE A 1 19  ? -12.515 -0.785  -4.471  1.00 55.85  ? 18  ILE A CD1   1 
ATOM   24  N N     . VAL A 1 20  ? -8.332  -1.486  -8.500  1.00 51.34  ? 19  VAL A N     1 
ATOM   25  C CA    . VAL A 1 20  ? -7.483  -2.312  -9.349  1.00 46.16  ? 19  VAL A CA    1 
ATOM   26  C C     . VAL A 1 20  ? -6.583  -3.163  -8.464  1.00 45.54  ? 19  VAL A C     1 
ATOM   27  O O     . VAL A 1 20  ? -6.118  -2.706  -7.415  1.00 48.66  ? 19  VAL A O     1 
ATOM   28  C CB    . VAL A 1 20  ? -6.639  -1.450  -10.312 1.00 46.38  ? 19  VAL A CB    1 
ATOM   29  C CG1   . VAL A 1 20  ? -5.877  -2.324  -11.290 1.00 51.71  ? 19  VAL A CG1   1 
ATOM   30  C CG2   . VAL A 1 20  ? -7.523  -0.459  -11.056 1.00 48.76  ? 19  VAL A CG2   1 
ATOM   31  N N     . GLU A 1 21  ? -6.337  -4.401  -8.885  1.00 47.00  ? 20  GLU A N     1 
ATOM   32  C CA    . GLU A 1 21  ? -5.446  -5.306  -8.158  1.00 49.08  ? 20  GLU A CA    1 
ATOM   33  C C     . GLU A 1 21  ? -4.033  -5.116  -8.694  1.00 46.57  ? 20  GLU A C     1 
ATOM   34  O O     . GLU A 1 21  ? -3.687  -5.622  -9.764  1.00 47.27  ? 20  GLU A O     1 
ATOM   35  C CB    . GLU A 1 21  ? -5.914  -6.750  -8.296  1.00 51.00  ? 20  GLU A CB    1 
ATOM   36  C CG    . GLU A 1 21  ? -7.301  -7.009  -7.729  1.00 50.91  ? 20  GLU A CG    1 
ATOM   37  C CD    . GLU A 1 21  ? -7.721  -8.460  -7.856  1.00 65.07  ? 20  GLU A CD    1 
ATOM   38  O OE1   . GLU A 1 21  ? -6.936  -9.263  -8.405  1.00 60.56  ? 20  GLU A OE1   1 
ATOM   39  O OE2   . GLU A 1 21  ? -8.834  -8.798  -7.404  1.00 64.16  ? 20  GLU A OE2   1 
ATOM   40  N N     . LEU A 1 22  ? -3.209  -4.383  -7.945  1.00 45.93  ? 21  LEU A N     1 
ATOM   41  C CA    . LEU A 1 22  ? -1.847  -4.102  -8.385  1.00 45.70  ? 21  LEU A CA    1 
ATOM   42  C C     . LEU A 1 22  ? -0.856  -5.048  -7.721  1.00 48.19  ? 21  LEU A C     1 
ATOM   43  O O     . LEU A 1 22  ? -1.019  -5.390  -6.544  1.00 52.49  ? 21  LEU A O     1 
ATOM   44  C CB    . LEU A 1 22  ? -1.454  -2.660  -8.056  1.00 44.44  ? 21  LEU A CB    1 
ATOM   45  C CG    . LEU A 1 22  ? -2.119  -1.535  -8.849  1.00 46.49  ? 21  LEU A CG    1 
ATOM   46  C CD1   . LEU A 1 22  ? -1.724  -0.188  -8.272  1.00 50.20  ? 21  LEU A CD1   1 
ATOM   47  C CD2   . LEU A 1 22  ? -1.742  -1.618  -10.320 1.00 47.39  ? 21  LEU A CD2   1 
ATOM   48  N N     . PRO A 1 23  ? 0.170   -5.486  -8.445  1.00 44.43  ? 22  PRO A N     1 
ATOM   49  C CA    . PRO A 1 23  ? 1.201   -6.323  -7.822  1.00 41.59  ? 22  PRO A CA    1 
ATOM   50  C C     . PRO A 1 23  ? 1.985   -5.538  -6.784  1.00 43.95  ? 22  PRO A C     1 
ATOM   51  O O     . PRO A 1 23  ? 2.135   -4.317  -6.875  1.00 50.50  ? 22  PRO A O     1 
ATOM   52  C CB    . PRO A 1 23  ? 2.095   -6.732  -9.001  1.00 49.37  ? 22  PRO A CB    1 
ATOM   53  C CG    . PRO A 1 23  ? 1.273   -6.469  -10.228 1.00 47.64  ? 22  PRO A CG    1 
ATOM   54  C CD    . PRO A 1 23  ? 0.399   -5.306  -9.887  1.00 45.05  ? 22  PRO A CD    1 
ATOM   55  N N     . LEU A 1 24  ? 2.487   -6.262  -5.781  1.00 45.11  ? 23  LEU A N     1 
ATOM   56  C CA    . LEU A 1 24  ? 3.234   -5.610  -4.711  1.00 47.70  ? 23  LEU A CA    1 
ATOM   57  C C     . LEU A 1 24  ? 4.530   -4.992  -5.218  1.00 47.02  ? 23  LEU A C     1 
ATOM   58  O O     . LEU A 1 24  ? 5.008   -4.003  -4.652  1.00 45.06  ? 23  LEU A O     1 
ATOM   59  C CB    . LEU A 1 24  ? 3.526   -6.606  -3.588  1.00 41.01  ? 23  LEU A CB    1 
ATOM   60  C CG    . LEU A 1 24  ? 2.308   -7.277  -2.955  1.00 42.80  ? 23  LEU A CG    1 
ATOM   61  C CD1   . LEU A 1 24  ? 2.725   -8.125  -1.764  1.00 51.11  ? 23  LEU A CD1   1 
ATOM   62  C CD2   . LEU A 1 24  ? 1.282   -6.237  -2.543  1.00 45.70  ? 23  LEU A CD2   1 
ATOM   63  N N     . GLU A 1 25  ? 5.101   -5.543  -6.288  1.00 51.82  ? 24  GLU A N     1 
ATOM   64  C CA    . GLU A 1 25  ? 6.385   -5.088  -6.801  1.00 56.80  ? 24  GLU A CA    1 
ATOM   65  C C     . GLU A 1 25  ? 6.290   -3.813  -7.629  1.00 56.87  ? 24  GLU A C     1 
ATOM   66  O O     . GLU A 1 25  ? 7.318   -3.347  -8.132  1.00 59.71  ? 24  GLU A O     1 
ATOM   67  C CB    . GLU A 1 25  ? 7.028   -6.200  -7.636  1.00 70.76  ? 24  GLU A CB    1 
ATOM   68  C CG    . GLU A 1 25  ? 6.161   -6.684  -8.791  1.00 72.02  ? 24  GLU A CG    1 
ATOM   69  C CD    . GLU A 1 25  ? 6.806   -7.811  -9.578  1.00 86.84  ? 24  GLU A CD    1 
ATOM   70  O OE1   . GLU A 1 25  ? 7.782   -8.413  -9.079  1.00 91.50  ? 24  GLU A OE1   1 
ATOM   71  O OE2   . GLU A 1 25  ? 6.336   -8.094  -10.700 1.00 90.56  ? 24  GLU A OE2   1 
ATOM   72  N N     . LYS A 1 26  ? 5.094   -3.238  -7.790  1.00 53.34  ? 25  LYS A N     1 
ATOM   73  C CA    . LYS A 1 26  ? 4.928   -2.022  -8.574  1.00 54.66  ? 25  LYS A CA    1 
ATOM   74  C C     . LYS A 1 26  ? 4.562   -0.800  -7.743  1.00 50.98  ? 25  LYS A C     1 
ATOM   75  O O     . LYS A 1 26  ? 4.497   0.303   -8.296  1.00 51.46  ? 25  LYS A O     1 
ATOM   76  C CB    . LYS A 1 26  ? 3.864   -2.220  -9.665  1.00 46.68  ? 25  LYS A CB    1 
ATOM   77  C CG    . LYS A 1 26  ? 4.236   -3.239  -10.726 1.00 54.43  ? 25  LYS A CG    1 
ATOM   78  C CD    . LYS A 1 26  ? 3.425   -3.021  -11.993 1.00 61.24  ? 25  LYS A CD    1 
ATOM   79  C CE    . LYS A 1 26  ? 3.737   -1.664  -12.610 1.00 62.92  ? 25  LYS A CE    1 
ATOM   80  N NZ    . LYS A 1 26  ? 2.940   -1.417  -13.845 1.00 63.43  ? 25  LYS A NZ    1 
ATOM   81  N N     . ILE A 1 27  ? 4.335   -0.956  -6.444  1.00 46.68  ? 26  ILE A N     1 
ATOM   82  C CA    . ILE A 1 27  ? 3.956   0.147   -5.569  1.00 44.45  ? 26  ILE A CA    1 
ATOM   83  C C     . ILE A 1 27  ? 5.220   0.604   -4.851  1.00 48.63  ? 26  ILE A C     1 
ATOM   84  O O     . ILE A 1 27  ? 5.705   -0.059  -3.929  1.00 52.89  ? 26  ILE A O     1 
ATOM   85  C CB    . ILE A 1 27  ? 2.862   -0.264  -4.583  1.00 48.27  ? 26  ILE A CB    1 
ATOM   86  C CG1   . ILE A 1 27  ? 1.646   -0.809  -5.335  1.00 45.11  ? 26  ILE A CG1   1 
ATOM   87  C CG2   . ILE A 1 27  ? 2.475   0.916   -3.710  1.00 43.82  ? 26  ILE A CG2   1 
ATOM   88  C CD1   . ILE A 1 27  ? 0.572   -1.360  -4.423  1.00 47.61  ? 26  ILE A CD1   1 
ATOM   89  N N     . ARG A 1 28  ? 5.767   1.738   -5.282  1.00 49.59  ? 27  ARG A N     1 
ATOM   90  C CA    . ARG A 1 28  ? 6.950   2.287   -4.635  1.00 47.24  ? 27  ARG A CA    1 
ATOM   91  C C     . ARG A 1 28  ? 6.598   2.767   -3.231  1.00 46.26  ? 27  ARG A C     1 
ATOM   92  O O     . ARG A 1 28  ? 5.638   3.521   -3.042  1.00 46.47  ? 27  ARG A O     1 
ATOM   93  C CB    . ARG A 1 28  ? 7.527   3.434   -5.462  1.00 42.39  ? 27  ARG A CB    1 
ATOM   94  C CG    . ARG A 1 28  ? 7.760   3.090   -6.926  1.00 45.58  ? 27  ARG A CG    1 
ATOM   95  C CD    . ARG A 1 28  ? 8.814   2.007   -7.088  1.00 50.98  ? 27  ARG A CD    1 
ATOM   96  N NE    . ARG A 1 28  ? 8.485   1.081   -8.170  1.00 60.24  ? 27  ARG A NE    1 
ATOM   97  C CZ    . ARG A 1 28  ? 8.773   1.289   -9.451  1.00 64.84  ? 27  ARG A CZ    1 
ATOM   98  N NH1   . ARG A 1 28  ? 9.397   2.397   -9.826  1.00 66.40  ? 27  ARG A NH1   1 
ATOM   99  N NH2   . ARG A 1 28  ? 8.433   0.387   -10.363 1.00 59.16  ? 27  ARG A NH2   1 
ATOM   100 N N     . ARG A 1 29  ? 7.377   2.323   -2.243  1.00 49.56  ? 28  ARG A N     1 
ATOM   101 C CA    . ARG A 1 29  ? 7.154   2.662   -0.840  1.00 56.05  ? 28  ARG A CA    1 
ATOM   102 C C     . ARG A 1 29  ? 8.304   3.531   -0.346  1.00 59.40  ? 28  ARG A C     1 
ATOM   103 O O     . ARG A 1 29  ? 9.282   3.016   0.217   1.00 66.28  ? 28  ARG A O     1 
ATOM   104 C CB    . ARG A 1 29  ? 7.027   1.394   0.009   1.00 58.38  ? 28  ARG A CB    1 
ATOM   105 C CG    . ARG A 1 29  ? 6.053   0.362   -0.543  1.00 51.20  ? 28  ARG A CG    1 
ATOM   106 C CD    . ARG A 1 29  ? 4.618   0.860   -0.494  1.00 48.82  ? 28  ARG A CD    1 
ATOM   107 N NE    . ARG A 1 29  ? 4.186   1.146   0.871   1.00 50.96  ? 28  ARG A NE    1 
ATOM   108 C CZ    . ARG A 1 29  ? 2.957   1.530   1.200   1.00 54.23  ? 28  ARG A CZ    1 
ATOM   109 N NH1   . ARG A 1 29  ? 2.031   1.673   0.262   1.00 52.26  ? 28  ARG A NH1   1 
ATOM   110 N NH2   . ARG A 1 29  ? 2.653   1.770   2.469   1.00 57.69  ? 28  ARG A NH2   1 
ATOM   111 N N     . PRO A 1 30  ? 8.241   4.855   -0.528  1.00 54.92  ? 29  PRO A N     1 
ATOM   112 C CA    . PRO A 1 30  ? 9.374   5.704   -0.127  1.00 55.21  ? 29  PRO A CA    1 
ATOM   113 C C     . PRO A 1 30  ? 9.517   5.863   1.374   1.00 64.19  ? 29  PRO A C     1 
ATOM   114 O O     . PRO A 1 30  ? 10.591  6.272   1.835   1.00 65.82  ? 29  PRO A O     1 
ATOM   115 C CB    . PRO A 1 30  ? 9.064   7.052   -0.797  1.00 51.00  ? 29  PRO A CB    1 
ATOM   116 C CG    . PRO A 1 30  ? 7.953   6.773   -1.777  1.00 52.30  ? 29  PRO A CG    1 
ATOM   117 C CD    . PRO A 1 30  ? 7.187   5.631   -1.198  1.00 55.66  ? 29  PRO A CD    1 
ATOM   118 N N     . LEU A 1 31  ? 8.480   5.560   2.153   1.00 65.02  ? 30  LEU A N     1 
ATOM   119 C CA    . LEU A 1 31  ? 8.506   5.748   3.596   1.00 64.59  ? 30  LEU A CA    1 
ATOM   120 C C     . LEU A 1 31  ? 8.872   4.473   4.347   1.00 72.93  ? 30  LEU A C     1 
ATOM   121 O O     . LEU A 1 31  ? 8.595   4.367   5.547   1.00 77.75  ? 30  LEU A O     1 
ATOM   122 C CB    . LEU A 1 31  ? 7.157   6.280   4.081   1.00 69.68  ? 30  LEU A CB    1 
ATOM   123 C CG    . LEU A 1 31  ? 6.651   7.547   3.389   1.00 66.73  ? 30  LEU A CG    1 
ATOM   124 C CD1   . LEU A 1 31  ? 5.364   8.034   4.036   1.00 64.09  ? 30  LEU A CD1   1 
ATOM   125 C CD2   . LEU A 1 31  ? 7.713   8.637   3.405   1.00 60.39  ? 30  LEU A CD2   1 
ATOM   126 N N     . MET A 1 32  ? 9.491   3.502   3.670   1.00 75.50  ? 31  MET A N     1 
ATOM   127 C CA    . MET A 1 32  ? 9.949   2.297   4.352   1.00 82.43  ? 31  MET A CA    1 
ATOM   128 C C     . MET A 1 32  ? 11.093  2.568   5.318   1.00 90.38  ? 31  MET A C     1 
ATOM   129 O O     . MET A 1 32  ? 11.430  1.684   6.113   1.00 92.44  ? 31  MET A O     1 
ATOM   130 C CB    . MET A 1 32  ? 10.373  1.236   3.334   1.00 77.02  ? 31  MET A CB    1 
ATOM   131 C CG    . MET A 1 32  ? 9.223   0.396   2.799   1.00 79.56  ? 31  MET A CG    1 
ATOM   132 S SD    . MET A 1 32  ? 9.777   -0.931  1.709   1.00 104.52 ? 31  MET A SD    1 
ATOM   133 C CE    . MET A 1 32  ? 8.248   -1.831  1.455   1.00 59.95  ? 31  MET A CE    1 
ATOM   134 N N     . ARG A 1 33  ? 11.700  3.757   5.267   1.00 87.72  ? 32  ARG A N     1 
ATOM   135 C CA    . ARG A 1 33  ? 12.706  4.115   6.260   1.00 88.08  ? 32  ARG A CA    1 
ATOM   136 C C     . ARG A 1 33  ? 12.081  4.298   7.636   1.00 93.35  ? 32  ARG A C     1 
ATOM   137 O O     . ARG A 1 33  ? 12.728  4.019   8.652   1.00 100.86 ? 32  ARG A O     1 
ATOM   138 C CB    . ARG A 1 33  ? 13.439  5.386   5.832   1.00 87.04  ? 32  ARG A CB    1 
ATOM   139 C CG    . ARG A 1 33  ? 14.070  5.303   4.453   1.00 88.25  ? 32  ARG A CG    1 
ATOM   140 C CD    . ARG A 1 33  ? 14.983  4.092   4.331   1.00 95.21  ? 32  ARG A CD    1 
ATOM   141 N NE    . ARG A 1 33  ? 15.638  4.024   3.028   1.00 93.79  ? 32  ARG A NE    1 
ATOM   142 C CZ    . ARG A 1 33  ? 16.858  4.489   2.779   1.00 88.00  ? 32  ARG A CZ    1 
ATOM   143 N NH1   . ARG A 1 33  ? 17.562  5.058   3.749   1.00 82.98  ? 32  ARG A NH1   1 
ATOM   144 N NH2   . ARG A 1 33  ? 17.376  4.384   1.564   1.00 81.71  ? 32  ARG A NH2   1 
ATOM   145 N N     . THR A 1 34  ? 10.836  4.756   7.690   1.00 94.95  ? 33  THR A N     1 
ATOM   146 C CA    . THR A 1 34  ? 10.095  4.868   8.946   1.00 96.17  ? 33  THR A CA    1 
ATOM   147 C C     . THR A 1 34  ? 9.096   3.717   9.070   1.00 98.84  ? 33  THR A C     1 
ATOM   148 O O     . THR A 1 34  ? 7.874   3.896   9.093   1.00 95.35  ? 33  THR A O     1 
ATOM   149 C CB    . THR A 1 34  ? 9.401   6.226   9.030   1.00 87.55  ? 33  THR A CB    1 
ATOM   150 O OG1   . THR A 1 34  ? 10.301  7.248   8.591   1.00 92.00  ? 33  THR A OG1   1 
ATOM   151 C CG2   . THR A 1 34  ? 8.979   6.528   10.461  1.00 85.54  ? 33  THR A CG2   1 
ATOM   152 N N     . ARG A 1 35  ? 9.641   2.508   9.157   1.00 97.33  ? 34  ARG A N     1 
ATOM   153 C CA    . ARG A 1 35  ? 8.841   1.290   9.206   1.00 98.55  ? 34  ARG A CA    1 
ATOM   154 C C     . ARG A 1 35  ? 8.836   0.751   10.633  1.00 96.55  ? 34  ARG A C     1 
ATOM   155 O O     . ARG A 1 35  ? 9.406   -0.299  10.936  1.00 94.81  ? 34  ARG A O     1 
ATOM   156 C CB    . ARG A 1 35  ? 9.380   0.256   8.204   1.00 97.73  ? 34  ARG A CB    1 
ATOM   157 C CG    . ARG A 1 35  ? 8.441   -0.905  7.944   1.00 92.15  ? 34  ARG A CG    1 
ATOM   158 C CD    . ARG A 1 35  ? 9.019   -1.858  6.913   1.00 92.61  ? 34  ARG A CD    1 
ATOM   159 N NE    . ARG A 1 35  ? 8.067   -2.900  6.536   1.00 93.95  ? 34  ARG A NE    1 
ATOM   160 C CZ    . ARG A 1 35  ? 8.307   -3.852  5.636   1.00 88.36  ? 34  ARG A CZ    1 
ATOM   161 N NH1   . ARG A 1 35  ? 9.475   -3.910  5.007   1.00 84.16  ? 34  ARG A NH1   1 
ATOM   162 N NH2   . ARG A 1 35  ? 7.373   -4.754  5.362   1.00 80.32  ? 34  ARG A NH2   1 
ATOM   163 N N     . SER A 1 36  ? 8.199   1.504   11.520  1.00 93.28  ? 35  SER A N     1 
ATOM   164 C CA    . SER A 1 36  ? 8.007   1.076   12.903  1.00 96.28  ? 35  SER A CA    1 
ATOM   165 C C     . SER A 1 36  ? 6.717   0.272   13.053  1.00 96.40  ? 35  SER A C     1 
ATOM   166 O O     . SER A 1 36  ? 5.872   0.557   13.899  1.00 101.61 ? 35  SER A O     1 
ATOM   167 C CB    . SER A 1 36  ? 8.024   2.291   13.824  1.00 100.39 ? 35  SER A CB    1 
ATOM   168 O OG    . SER A 1 36  ? 7.073   3.265   13.419  1.00 99.58  ? 35  SER A OG    1 
ATOM   169 N N     . ASN A 1 37  ? 6.555   -0.742  12.205  1.00 90.70  ? 36  ASN A N     1 
ATOM   170 C CA    . ASN A 1 37  ? 5.325   -1.526  12.166  1.00 89.36  ? 36  ASN A CA    1 
ATOM   171 C C     . ASN A 1 37  ? 5.303   -2.527  13.316  1.00 86.88  ? 36  ASN A C     1 
ATOM   172 O O     . ASN A 1 37  ? 6.215   -3.350  13.452  1.00 84.07  ? 36  ASN A O     1 
ATOM   173 C CB    . ASN A 1 37  ? 5.194   -2.248  10.827  1.00 86.22  ? 36  ASN A CB    1 
ATOM   174 C CG    . ASN A 1 37  ? 4.796   -1.316  9.699   1.00 82.00  ? 36  ASN A CG    1 
ATOM   175 O OD1   . ASN A 1 37  ? 4.109   -0.318  9.915   1.00 80.93  ? 36  ASN A OD1   1 
ATOM   176 N ND2   . ASN A 1 37  ? 5.222   -1.642  8.485   1.00 78.40  ? 36  ASN A ND2   1 
ATOM   177 N N     . ASP A 1 38  ? 4.262   -2.451  14.142  1.00 87.64  ? 37  ASP A N     1 
ATOM   178 C CA    . ASP A 1 38  ? 4.048   -3.447  15.183  1.00 88.89  ? 37  ASP A CA    1 
ATOM   179 C C     . ASP A 1 38  ? 3.650   -4.767  14.535  1.00 84.48  ? 37  ASP A C     1 
ATOM   180 O O     . ASP A 1 38  ? 2.651   -4.833  13.812  1.00 87.77  ? 37  ASP A O     1 
ATOM   181 C CB    . ASP A 1 38  ? 2.967   -2.972  16.153  1.00 87.63  ? 37  ASP A CB    1 
ATOM   182 C CG    . ASP A 1 38  ? 2.918   -3.795  17.432  1.00 92.75  ? 37  ASP A CG    1 
ATOM   183 O OD1   . ASP A 1 38  ? 3.425   -4.937  17.441  1.00 89.76  ? 37  ASP A OD1   1 
ATOM   184 O OD2   . ASP A 1 38  ? 2.362   -3.299  18.434  1.00 97.71  ? 37  ASP A OD2   1 
ATOM   185 N N     . GLN A 1 39  ? 4.432   -5.818  14.792  1.00 81.21  ? 38  GLN A N     1 
ATOM   186 C CA    . GLN A 1 39  ? 4.137   -7.121  14.210  1.00 83.48  ? 38  GLN A CA    1 
ATOM   187 C C     . GLN A 1 39  ? 2.807   -7.685  14.696  1.00 87.31  ? 38  GLN A C     1 
ATOM   188 O O     . GLN A 1 39  ? 2.245   -8.569  14.041  1.00 81.86  ? 38  GLN A O     1 
ATOM   189 C CB    . GLN A 1 39  ? 5.269   -8.103  14.518  1.00 81.84  ? 38  GLN A CB    1 
ATOM   190 C CG    . GLN A 1 39  ? 6.616   -7.682  13.950  1.00 81.63  ? 38  GLN A CG    1 
ATOM   191 C CD    . GLN A 1 39  ? 6.609   -7.599  12.436  1.00 83.87  ? 38  GLN A CD    1 
ATOM   192 O OE1   . GLN A 1 39  ? 6.025   -8.445  11.758  1.00 82.12  ? 38  GLN A OE1   1 
ATOM   193 N NE2   . GLN A 1 39  ? 7.255   -6.572  11.895  1.00 83.01  ? 38  GLN A NE2   1 
ATOM   194 N N     . ASN A 1 40  ? 2.285   -7.187  15.819  1.00 90.22  ? 39  ASN A N     1 
ATOM   195 C CA    . ASN A 1 40  ? 0.989   -7.650  16.305  1.00 92.05  ? 39  ASN A CA    1 
ATOM   196 C C     . ASN A 1 40  ? -0.132  -7.255  15.349  1.00 90.32  ? 39  ASN A C     1 
ATOM   197 O O     . ASN A 1 40  ? -0.924  -8.103  14.921  1.00 91.34  ? 39  ASN A O     1 
ATOM   198 C CB    . ASN A 1 40  ? 0.725   -7.096  17.706  1.00 94.74  ? 39  ASN A CB    1 
ATOM   199 C CG    . ASN A 1 40  ? 1.680   -7.656  18.742  1.00 98.57  ? 39  ASN A CG    1 
ATOM   200 O OD1   . ASN A 1 40  ? 2.051   -8.828  18.692  1.00 95.31  ? 39  ASN A OD1   1 
ATOM   201 N ND2   . ASN A 1 40  ? 2.085   -6.816  19.688  1.00 99.94  ? 39  ASN A ND2   1 
ATOM   202 N N     . LYS A 1 41  ? -0.218  -5.965  15.011  1.00 85.05  ? 40  LYS A N     1 
ATOM   203 C CA    . LYS A 1 41  ? -1.222  -5.520  14.050  1.00 83.89  ? 40  LYS A CA    1 
ATOM   204 C C     . LYS A 1 41  ? -1.004  -6.168  12.689  1.00 82.73  ? 40  LYS A C     1 
ATOM   205 O O     . LYS A 1 41  ? -1.969  -6.500  11.989  1.00 84.00  ? 40  LYS A O     1 
ATOM   206 C CB    . LYS A 1 41  ? -1.196  -3.997  13.922  1.00 84.22  ? 40  LYS A CB    1 
ATOM   207 C CG    . LYS A 1 41  ? -1.615  -3.247  15.174  1.00 87.49  ? 40  LYS A CG    1 
ATOM   208 C CD    . LYS A 1 41  ? -1.652  -1.748  14.917  1.00 89.29  ? 40  LYS A CD    1 
ATOM   209 C CE    . LYS A 1 41  ? -2.105  -0.981  16.147  1.00 93.48  ? 40  LYS A CE    1 
ATOM   210 N NZ    . LYS A 1 41  ? -2.160  0.485   15.894  1.00 89.20  ? 40  LYS A NZ    1 
ATOM   211 N N     . VAL A 1 42  ? 0.259   -6.359  12.301  1.00 79.25  ? 41  VAL A N     1 
ATOM   212 C CA    . VAL A 1 42  ? 0.559   -6.990  11.018  1.00 75.46  ? 41  VAL A CA    1 
ATOM   213 C C     . VAL A 1 42  ? 0.016   -8.412  10.984  1.00 78.43  ? 41  VAL A C     1 
ATOM   214 O O     . VAL A 1 42  ? -0.602  -8.828  9.999   1.00 81.19  ? 41  VAL A O     1 
ATOM   215 C CB    . VAL A 1 42  ? 2.073   -6.952  10.741  1.00 72.90  ? 41  VAL A CB    1 
ATOM   216 C CG1   . VAL A 1 42  ? 2.400   -7.723  9.470   1.00 68.92  ? 41  VAL A CG1   1 
ATOM   217 C CG2   . VAL A 1 42  ? 2.555   -5.515  10.628  1.00 71.60  ? 41  VAL A CG2   1 
ATOM   218 N N     . LYS A 1 43  ? 0.212   -9.172  12.064  1.00 81.83  ? 42  LYS A N     1 
ATOM   219 C CA    . LYS A 1 43  ? -0.278  -10.548 12.091  1.00 81.94  ? 42  LYS A CA    1 
ATOM   220 C C     . LYS A 1 43  ? -1.798  -10.608 12.211  1.00 80.03  ? 42  LYS A C     1 
ATOM   221 O O     . LYS A 1 43  ? -2.428  -11.503 11.633  1.00 80.29  ? 42  LYS A O     1 
ATOM   222 C CB    . LYS A 1 43  ? 0.389   -11.318 13.232  1.00 84.27  ? 42  LYS A CB    1 
ATOM   223 C CG    . LYS A 1 43  ? 1.876   -11.559 13.007  1.00 91.87  ? 42  LYS A CG    1 
ATOM   224 C CD    . LYS A 1 43  ? 2.574   -12.037 14.266  1.00 94.02  ? 42  LYS A CD    1 
ATOM   225 C CE    . LYS A 1 43  ? 4.077   -12.140 14.049  1.00 86.99  ? 42  LYS A CE    1 
ATOM   226 N NZ    . LYS A 1 43  ? 4.801   -12.515 15.295  1.00 75.62  ? 42  LYS A NZ    1 
ATOM   227 N N     . GLU A 1 44  ? -2.403  -9.668  12.942  1.00 79.62  ? 43  GLU A N     1 
ATOM   228 C CA    . GLU A 1 44  ? -3.862  -9.596  12.989  1.00 77.63  ? 43  GLU A CA    1 
ATOM   229 C C     . GLU A 1 44  ? -4.438  -9.365  11.598  1.00 79.24  ? 43  GLU A C     1 
ATOM   230 O O     . GLU A 1 44  ? -5.379  -10.052 11.175  1.00 79.25  ? 43  GLU A O     1 
ATOM   231 C CB    . GLU A 1 44  ? -4.305  -8.485  13.941  1.00 81.15  ? 43  GLU A CB    1 
ATOM   232 C CG    . GLU A 1 44  ? -3.958  -8.726  15.396  1.00 83.92  ? 43  GLU A CG    1 
ATOM   233 C CD    . GLU A 1 44  ? -4.227  -7.511  16.260  1.00 93.90  ? 43  GLU A CD    1 
ATOM   234 O OE1   . GLU A 1 44  ? -4.968  -6.613  15.809  1.00 95.63  ? 43  GLU A OE1   1 
ATOM   235 O OE2   . GLU A 1 44  ? -3.692  -7.452  17.387  1.00 97.27  ? 43  GLU A OE2   1 
ATOM   236 N N     . LEU A 1 45  ? -3.879  -8.396  10.868  1.00 78.55  ? 44  LEU A N     1 
ATOM   237 C CA    . LEU A 1 45  ? -4.337  -8.139  9.508   1.00 73.23  ? 44  LEU A CA    1 
ATOM   238 C C     . LEU A 1 45  ? -4.033  -9.312  8.584   1.00 75.49  ? 44  LEU A C     1 
ATOM   239 O O     . LEU A 1 45  ? -4.822  -9.598  7.680   1.00 79.06  ? 44  LEU A O     1 
ATOM   240 C CB    . LEU A 1 45  ? -3.706  -6.853  8.972   1.00 71.53  ? 44  LEU A CB    1 
ATOM   241 C CG    . LEU A 1 45  ? -4.469  -5.545  9.212   1.00 72.27  ? 44  LEU A CG    1 
ATOM   242 C CD1   . LEU A 1 45  ? -4.714  -5.289  10.694  1.00 77.66  ? 44  LEU A CD1   1 
ATOM   243 C CD2   . LEU A 1 45  ? -3.729  -4.376  8.583   1.00 63.61  ? 44  LEU A CD2   1 
ATOM   244 N N     . MET A 1 46  ? -2.911  -10.004 8.799   1.00 70.88  ? 45  MET A N     1 
ATOM   245 C CA    . MET A 1 46  ? -2.613  -11.204 8.023   1.00 71.18  ? 45  MET A CA    1 
ATOM   246 C C     . MET A 1 46  ? -3.706  -12.248 8.196   1.00 77.70  ? 45  MET A C     1 
ATOM   247 O O     . MET A 1 46  ? -4.206  -12.810 7.216   1.00 77.98  ? 45  MET A O     1 
ATOM   248 C CB    . MET A 1 46  ? -1.258  -11.784 8.437   1.00 72.03  ? 45  MET A CB    1 
ATOM   249 C CG    . MET A 1 46  ? -0.056  -11.095 7.818   1.00 72.74  ? 45  MET A CG    1 
ATOM   250 S SD    . MET A 1 46  ? 1.517   -11.808 8.342   1.00 72.96  ? 45  MET A SD    1 
ATOM   251 C CE    . MET A 1 46  ? 1.376   -13.472 7.695   1.00 58.56  ? 45  MET A CE    1 
ATOM   252 N N     . ASP A 1 47  ? -4.087  -12.521 9.446   1.00 81.11  ? 46  ASP A N     1 
ATOM   253 C CA    . ASP A 1 47  ? -5.138  -13.503 9.698   1.00 80.43  ? 46  ASP A CA    1 
ATOM   254 C C     . ASP A 1 47  ? -6.468  -13.053 9.104   1.00 79.04  ? 46  ASP A C     1 
ATOM   255 O O     . ASP A 1 47  ? -7.183  -13.852 8.485   1.00 83.28  ? 46  ASP A O     1 
ATOM   256 C CB    . ASP A 1 47  ? -5.274  -13.752 11.200  1.00 79.97  ? 46  ASP A CB    1 
ATOM   257 C CG    . ASP A 1 47  ? -4.046  -14.418 11.794  1.00 84.18  ? 46  ASP A CG    1 
ATOM   258 O OD1   . ASP A 1 47  ? -3.084  -14.680 11.040  1.00 79.79  ? 46  ASP A OD1   1 
ATOM   259 O OD2   . ASP A 1 47  ? -4.045  -14.682 13.015  1.00 88.91  ? 46  ASP A OD2   1 
ATOM   260 N N     . SER A 1 48  ? -6.806  -11.772 9.260   1.00 78.25  ? 47  SER A N     1 
ATOM   261 C CA    . SER A 1 48  ? -8.087  -11.287 8.754   1.00 78.63  ? 47  SER A CA    1 
ATOM   262 C C     . SER A 1 48  ? -8.149  -11.346 7.230   1.00 75.30  ? 47  SER A C     1 
ATOM   263 O O     . SER A 1 48  ? -9.199  -11.664 6.659   1.00 75.26  ? 47  SER A O     1 
ATOM   264 C CB    . SER A 1 48  ? -8.340  -9.865  9.249   1.00 76.47  ? 47  SER A CB    1 
ATOM   265 O OG    . SER A 1 48  ? -9.590  -9.386  8.784   1.00 72.75  ? 47  SER A OG    1 
ATOM   266 N N     . ILE A 1 49  ? -7.037  -11.049 6.554   1.00 74.19  ? 48  ILE A N     1 
ATOM   267 C CA    . ILE A 1 49  ? -7.021  -11.088 5.095   1.00 71.38  ? 48  ILE A CA    1 
ATOM   268 C C     . ILE A 1 49  ? -7.001  -12.529 4.601   1.00 74.21  ? 48  ILE A C     1 
ATOM   269 O O     . ILE A 1 49  ? -7.644  -12.866 3.599   1.00 77.95  ? 48  ILE A O     1 
ATOM   270 C CB    . ILE A 1 49  ? -5.825  -10.279 4.559   1.00 64.89  ? 48  ILE A CB    1 
ATOM   271 C CG1   . ILE A 1 49  ? -6.004  -8.796  4.889   1.00 62.22  ? 48  ILE A CG1   1 
ATOM   272 C CG2   . ILE A 1 49  ? -5.666  -10.475 3.059   1.00 65.67  ? 48  ILE A CG2   1 
ATOM   273 C CD1   . ILE A 1 49  ? -4.772  -7.960  4.636   1.00 56.85  ? 48  ILE A CD1   1 
ATOM   274 N N     . ARG A 1 50  ? -6.273  -13.406 5.293   1.00 77.03  ? 49  ARG A N     1 
ATOM   275 C CA    . ARG A 1 50  ? -6.301  -14.821 4.955   1.00 81.67  ? 49  ARG A CA    1 
ATOM   276 C C     . ARG A 1 50  ? -7.681  -15.423 5.176   1.00 86.15  ? 49  ARG A C     1 
ATOM   277 O O     . ARG A 1 50  ? -8.015  -16.434 4.548   1.00 88.29  ? 49  ARG A O     1 
ATOM   278 C CB    . ARG A 1 50  ? -5.246  -15.560 5.779   1.00 81.66  ? 49  ARG A CB    1 
ATOM   279 C CG    . ARG A 1 50  ? -4.955  -16.980 5.337   1.00 85.20  ? 49  ARG A CG    1 
ATOM   280 C CD    . ARG A 1 50  ? -3.556  -17.383 5.770   1.00 89.46  ? 49  ARG A CD    1 
ATOM   281 N NE    . ARG A 1 50  ? -3.299  -17.044 7.168   1.00 88.36  ? 49  ARG A NE    1 
ATOM   282 C CZ    . ARG A 1 50  ? -2.102  -17.106 7.742   1.00 89.37  ? 49  ARG A CZ    1 
ATOM   283 N NH1   . ARG A 1 50  ? -1.045  -17.491 7.040   1.00 87.43  ? 49  ARG A NH1   1 
ATOM   284 N NH2   . ARG A 1 50  ? -1.959  -16.777 9.019   1.00 84.86  ? 49  ARG A NH2   1 
ATOM   285 N N     . GLN A 1 51  ? -8.486  -14.822 6.052   1.00 83.35  ? 50  GLN A N     1 
ATOM   286 C CA    . GLN A 1 51  ? -9.854  -15.290 6.252   1.00 85.20  ? 50  GLN A CA    1 
ATOM   287 C C     . GLN A 1 51  ? -10.798 -14.736 5.189   1.00 82.48  ? 50  GLN A C     1 
ATOM   288 O O     . GLN A 1 51  ? -11.354 -15.492 4.384   1.00 86.03  ? 50  GLN A O     1 
ATOM   289 C CB    . GLN A 1 51  ? -10.337 -14.912 7.655   1.00 87.65  ? 50  GLN A CB    1 
ATOM   290 C CG    . GLN A 1 51  ? -11.714 -15.455 8.012   1.00 90.83  ? 50  GLN A CG    1 
ATOM   291 C CD    . GLN A 1 51  ? -11.735 -16.968 8.155   1.00 95.41  ? 50  GLN A CD    1 
ATOM   292 O OE1   . GLN A 1 51  ? -10.691 -17.604 8.310   1.00 95.94  ? 50  GLN A OE1   1 
ATOM   293 N NE2   . GLN A 1 51  ? -12.927 -17.550 8.105   1.00 88.62  ? 50  GLN A NE2   1 
ATOM   294 N N     . ILE A 1 52  ? -10.985 -13.417 5.163   1.00 78.31  ? 51  ILE A N     1 
ATOM   295 C CA    . ILE A 1 52  ? -12.012 -12.795 4.332   1.00 77.80  ? 51  ILE A CA    1 
ATOM   296 C C     . ILE A 1 52  ? -11.439 -11.899 3.246   1.00 77.38  ? 51  ILE A C     1 
ATOM   297 O O     . ILE A 1 52  ? -12.218 -11.279 2.500   1.00 76.90  ? 51  ILE A O     1 
ATOM   298 C CB    . ILE A 1 52  ? -13.018 -12.000 5.185   1.00 75.26  ? 51  ILE A CB    1 
ATOM   299 C CG1   . ILE A 1 52  ? -12.332 -10.790 5.823   1.00 71.59  ? 51  ILE A CG1   1 
ATOM   300 C CG2   . ILE A 1 52  ? -13.640 -12.896 6.247   1.00 79.83  ? 51  ILE A CG2   1 
ATOM   301 C CD1   . ILE A 1 52  ? -13.271 -9.881  6.587   1.00 65.44  ? 51  ILE A CD1   1 
ATOM   302 N N     . GLY A 1 53  ? -10.117 -11.804 3.119   1.00 73.72  ? 52  GLY A N     1 
ATOM   303 C CA    . GLY A 1 53  ? -9.520  -10.946 2.119   1.00 67.23  ? 52  GLY A CA    1 
ATOM   304 C C     . GLY A 1 53  ? -9.525  -9.483  2.532   1.00 62.71  ? 52  GLY A C     1 
ATOM   305 O O     . GLY A 1 53  ? -10.148 -9.072  3.512   1.00 66.93  ? 52  GLY A O     1 
ATOM   306 N N     . LEU A 1 54  ? -8.801  -8.682  1.755   1.00 58.47  ? 53  LEU A N     1 
ATOM   307 C CA    . LEU A 1 54  ? -8.692  -7.258  2.042   1.00 58.29  ? 53  LEU A CA    1 
ATOM   308 C C     . LEU A 1 54  ? -10.019 -6.561  1.764   1.00 58.26  ? 53  LEU A C     1 
ATOM   309 O O     . LEU A 1 54  ? -10.615 -6.739  0.698   1.00 56.27  ? 53  LEU A O     1 
ATOM   310 C CB    . LEU A 1 54  ? -7.576  -6.631  1.206   1.00 51.04  ? 53  LEU A CB    1 
ATOM   311 C CG    . LEU A 1 54  ? -7.256  -5.171  1.524   1.00 44.14  ? 53  LEU A CG    1 
ATOM   312 C CD1   . LEU A 1 54  ? -6.597  -5.052  2.887   1.00 45.98  ? 53  LEU A CD1   1 
ATOM   313 C CD2   . LEU A 1 54  ? -6.377  -4.568  0.444   1.00 45.38  ? 53  LEU A CD2   1 
ATOM   314 N N     . GLN A 1 55  ? -10.478 -5.764  2.727   1.00 57.51  ? 54  GLN A N     1 
ATOM   315 C CA    . GLN A 1 55  ? -11.743 -5.046  2.613   1.00 53.26  ? 54  GLN A CA    1 
ATOM   316 C C     . GLN A 1 55  ? -11.572 -3.577  2.256   1.00 51.32  ? 54  GLN A C     1 
ATOM   317 O O     . GLN A 1 55  ? -12.360 -3.043  1.471   1.00 51.28  ? 54  GLN A O     1 
ATOM   318 C CB    . GLN A 1 55  ? -12.535 -5.164  3.920   1.00 51.90  ? 54  GLN A CB    1 
ATOM   319 C CG    . GLN A 1 55  ? -12.812 -6.595  4.351   1.00 58.20  ? 54  GLN A CG    1 
ATOM   320 C CD    . GLN A 1 55  ? -13.683 -7.349  3.364   1.00 62.21  ? 54  GLN A CD    1 
ATOM   321 O OE1   . GLN A 1 55  ? -14.491 -6.754  2.649   1.00 59.60  ? 54  GLN A OE1   1 
ATOM   322 N NE2   . GLN A 1 55  ? -13.519 -8.667  3.317   1.00 65.81  ? 54  GLN A NE2   1 
ATOM   323 N N     . VAL A 1 56  ? -10.565 -2.910  2.813   1.00 51.27  ? 55  VAL A N     1 
ATOM   324 C CA    . VAL A 1 56  ? -10.297 -1.504  2.531   1.00 52.18  ? 55  VAL A CA    1 
ATOM   325 C C     . VAL A 1 56  ? -9.084  -1.436  1.605   1.00 47.82  ? 55  VAL A C     1 
ATOM   326 O O     . VAL A 1 56  ? -7.951  -1.659  2.067   1.00 47.62  ? 55  VAL A O     1 
ATOM   327 C CB    . VAL A 1 56  ? -10.064 -0.700  3.817   1.00 48.91  ? 55  VAL A CB    1 
ATOM   328 C CG1   . VAL A 1 56  ? -9.855  0.769   3.494   1.00 41.07  ? 55  VAL A CG1   1 
ATOM   329 C CG2   . VAL A 1 56  ? -11.235 -0.883  4.776   1.00 53.16  ? 55  VAL A CG2   1 
ATOM   330 N N     . PRO A 1 57  ? -9.264  -1.144  0.320   1.00 41.85  ? 56  PRO A N     1 
ATOM   331 C CA    . PRO A 1 57  ? -8.109  -1.043  -0.575  1.00 43.55  ? 56  PRO A CA    1 
ATOM   332 C C     . PRO A 1 57  ? -7.230  0.145   -0.216  1.00 40.85  ? 56  PRO A C     1 
ATOM   333 O O     . PRO A 1 57  ? -7.703  1.180   0.258   1.00 41.73  ? 56  PRO A O     1 
ATOM   334 C CB    . PRO A 1 57  ? -8.746  -0.874  -1.960  1.00 47.20  ? 56  PRO A CB    1 
ATOM   335 C CG    . PRO A 1 57  ? -10.098 -0.311  -1.681  1.00 45.67  ? 56  PRO A CG    1 
ATOM   336 C CD    . PRO A 1 57  ? -10.537 -0.927  -0.387  1.00 43.83  ? 56  PRO A CD    1 
ATOM   337 N N     . ILE A 1 58  ? -5.927  -0.024  -0.448  1.00 41.64  ? 57  ILE A N     1 
ATOM   338 C CA    . ILE A 1 58  ? -4.973  1.014   -0.091  1.00 46.71  ? 57  ILE A CA    1 
ATOM   339 C C     . ILE A 1 58  ? -5.056  2.179   -1.076  1.00 46.33  ? 57  ILE A C     1 
ATOM   340 O O     . ILE A 1 58  ? -5.623  2.083   -2.171  1.00 47.53  ? 57  ILE A O     1 
ATOM   341 C CB    . ILE A 1 58  ? -3.543  0.451   -0.027  1.00 44.88  ? 57  ILE A CB    1 
ATOM   342 C CG1   . ILE A 1 58  ? -3.087  0.021   -1.427  1.00 41.63  ? 57  ILE A CG1   1 
ATOM   343 C CG2   . ILE A 1 58  ? -3.463  -0.711  0.958   1.00 38.51  ? 57  ILE A CG2   1 
ATOM   344 C CD1   . ILE A 1 58  ? -1.664  -0.495  -1.474  1.00 40.69  ? 57  ILE A CD1   1 
ATOM   345 N N     . ASP A 1 59  ? -4.476  3.304   -0.668  1.00 44.63  ? 58  ASP A N     1 
ATOM   346 C CA    . ASP A 1 59  ? -4.440  4.511   -1.486  1.00 49.88  ? 58  ASP A CA    1 
ATOM   347 C C     . ASP A 1 59  ? -3.120  4.554   -2.246  1.00 50.57  ? 58  ASP A C     1 
ATOM   348 O O     . ASP A 1 59  ? -2.047  4.517   -1.636  1.00 54.28  ? 58  ASP A O     1 
ATOM   349 C CB    . ASP A 1 59  ? -4.607  5.762   -0.624  1.00 59.14  ? 58  ASP A CB    1 
ATOM   350 C CG    . ASP A 1 59  ? -5.952  5.811   0.079   1.00 69.41  ? 58  ASP A CG    1 
ATOM   351 O OD1   . ASP A 1 59  ? -6.932  5.272   -0.475  1.00 67.67  ? 58  ASP A OD1   1 
ATOM   352 O OD2   . ASP A 1 59  ? -6.027  6.389   1.185   1.00 78.73  ? 58  ASP A OD2   1 
ATOM   353 N N     . VAL A 1 60  ? -3.204  4.642   -3.572  1.00 43.91  ? 59  VAL A N     1 
ATOM   354 C CA    . VAL A 1 60  ? -2.037  4.672   -4.442  1.00 41.62  ? 59  VAL A CA    1 
ATOM   355 C C     . VAL A 1 60  ? -2.144  5.885   -5.356  1.00 44.14  ? 59  VAL A C     1 
ATOM   356 O O     . VAL A 1 60  ? -3.231  6.214   -5.842  1.00 49.18  ? 59  VAL A O     1 
ATOM   357 C CB    . VAL A 1 60  ? -1.911  3.371   -5.264  1.00 43.20  ? 59  VAL A CB    1 
ATOM   358 C CG1   . VAL A 1 60  ? -0.738  3.450   -6.228  1.00 40.38  ? 59  VAL A CG1   1 
ATOM   359 C CG2   . VAL A 1 60  ? -1.756  2.175   -4.340  1.00 47.28  ? 59  VAL A CG2   1 
ATOM   360 N N     . ILE A 1 61  ? -1.016  6.555   -5.582  1.00 45.38  ? 60  ILE A N     1 
ATOM   361 C CA    . ILE A 1 61  ? -0.947  7.747   -6.420  1.00 49.85  ? 60  ILE A CA    1 
ATOM   362 C C     . ILE A 1 61  ? -0.104  7.424   -7.644  1.00 54.75  ? 60  ILE A C     1 
ATOM   363 O O     . ILE A 1 61  ? 1.016   6.915   -7.515  1.00 54.42  ? 60  ILE A O     1 
ATOM   364 C CB    . ILE A 1 61  ? -0.358  8.939   -5.648  1.00 53.83  ? 60  ILE A CB    1 
ATOM   365 C CG1   . ILE A 1 61  ? -1.171  9.209   -4.383  1.00 57.70  ? 60  ILE A CG1   1 
ATOM   366 C CG2   . ILE A 1 61  ? -0.303  10.174  -6.529  1.00 59.46  ? 60  ILE A CG2   1 
ATOM   367 C CD1   . ILE A 1 61  ? -0.552  10.241  -3.467  1.00 70.61  ? 60  ILE A CD1   1 
ATOM   368 N N     . GLU A 1 62  ? -0.635  7.716   -8.829  1.00 59.14  ? 61  GLU A N     1 
ATOM   369 C CA    . GLU A 1 62  ? 0.076   7.484   -10.079 1.00 58.62  ? 61  GLU A CA    1 
ATOM   370 C C     . GLU A 1 62  ? 0.709   8.787   -10.549 1.00 63.84  ? 61  GLU A C     1 
ATOM   371 O O     . GLU A 1 62  ? 0.010   9.790   -10.730 1.00 66.27  ? 61  GLU A O     1 
ATOM   372 C CB    . GLU A 1 62  ? -0.856  6.930   -11.155 1.00 61.51  ? 61  GLU A CB    1 
ATOM   373 C CG    . GLU A 1 62  ? -0.177  6.758   -12.506 1.00 67.06  ? 61  GLU A CG    1 
ATOM   374 C CD    . GLU A 1 62  ? -1.121  6.271   -13.585 1.00 82.35  ? 61  GLU A CD    1 
ATOM   375 O OE1   . GLU A 1 62  ? -2.341  6.205   -13.323 1.00 87.30  ? 61  GLU A OE1   1 
ATOM   376 O OE2   . GLU A 1 62  ? -0.644  5.951   -14.695 1.00 82.73  ? 61  GLU A OE2   1 
ATOM   377 N N     . VAL A 1 63  ? 2.024   8.768   -10.746 1.00 65.66  ? 62  VAL A N     1 
ATOM   378 C CA    . VAL A 1 63  ? 2.771   9.914   -11.252 1.00 63.00  ? 62  VAL A CA    1 
ATOM   379 C C     . VAL A 1 63  ? 3.722   9.411   -12.329 1.00 64.02  ? 62  VAL A C     1 
ATOM   380 O O     . VAL A 1 63  ? 4.570   8.552   -12.059 1.00 66.41  ? 62  VAL A O     1 
ATOM   381 C CB    . VAL A 1 63  ? 3.551   10.638  -10.140 1.00 63.31  ? 62  VAL A CB    1 
ATOM   382 C CG1   . VAL A 1 63  ? 4.420   11.737  -10.733 1.00 69.19  ? 62  VAL A CG1   1 
ATOM   383 C CG2   . VAL A 1 63  ? 2.599   11.214  -9.103  1.00 64.53  ? 62  VAL A CG2   1 
ATOM   384 N N     . ASP A 1 64  ? 3.570   9.937   -13.546 1.00 68.21  ? 63  ASP A N     1 
ATOM   385 C CA    . ASP A 1 64  ? 4.449   9.611   -14.670 1.00 68.79  ? 63  ASP A CA    1 
ATOM   386 C C     . ASP A 1 64  ? 4.521   8.102   -14.902 1.00 71.07  ? 63  ASP A C     1 
ATOM   387 O O     . ASP A 1 64  ? 5.576   7.545   -15.213 1.00 77.57  ? 63  ASP A O     1 
ATOM   388 C CB    . ASP A 1 64  ? 5.846   10.202  -14.460 1.00 73.15  ? 63  ASP A CB    1 
ATOM   389 C CG    . ASP A 1 64  ? 6.644   10.297  -15.749 1.00 85.24  ? 63  ASP A CG    1 
ATOM   390 O OD1   . ASP A 1 64  ? 6.088   9.974   -16.822 1.00 91.30  ? 63  ASP A OD1   1 
ATOM   391 O OD2   . ASP A 1 64  ? 7.826   10.695  -15.690 1.00 87.52  ? 63  ASP A OD2   1 
ATOM   392 N N     . GLY A 1 65  ? 3.384   7.431   -14.742 1.00 68.12  ? 64  GLY A N     1 
ATOM   393 C CA    . GLY A 1 65  ? 3.336   5.998   -14.952 1.00 68.61  ? 64  GLY A CA    1 
ATOM   394 C C     . GLY A 1 65  ? 3.988   5.169   -13.871 1.00 65.22  ? 64  GLY A C     1 
ATOM   395 O O     . GLY A 1 65  ? 4.334   4.011   -14.117 1.00 68.21  ? 64  GLY A O     1 
ATOM   396 N N     . THR A 1 66  ? 4.172   5.728   -12.677 1.00 61.92  ? 65  THR A N     1 
ATOM   397 C CA    . THR A 1 66  ? 4.743   5.003   -11.551 1.00 55.85  ? 65  THR A CA    1 
ATOM   398 C C     . THR A 1 66  ? 3.828   5.160   -10.345 1.00 53.70  ? 65  THR A C     1 
ATOM   399 O O     . THR A 1 66  ? 3.316   6.252   -10.082 1.00 54.90  ? 65  THR A O     1 
ATOM   400 C CB    . THR A 1 66  ? 6.158   5.505   -11.222 1.00 56.55  ? 65  THR A CB    1 
ATOM   401 O OG1   . THR A 1 66  ? 6.995   5.361   -12.376 1.00 54.16  ? 65  THR A OG1   1 
ATOM   402 C CG2   . THR A 1 66  ? 6.761   4.710   -10.075 1.00 57.17  ? 65  THR A CG2   1 
ATOM   403 N N     . TYR A 1 67  ? 3.616   4.062   -9.622  1.00 50.41  ? 66  TYR A N     1 
ATOM   404 C CA    . TYR A 1 67  ? 2.686   4.026   -8.501  1.00 44.87  ? 66  TYR A CA    1 
ATOM   405 C C     . TYR A 1 67  ? 3.436   4.222   -7.190  1.00 43.04  ? 66  TYR A C     1 
ATOM   406 O O     . TYR A 1 67  ? 4.483   3.607   -6.970  1.00 45.94  ? 66  TYR A O     1 
ATOM   407 C CB    . TYR A 1 67  ? 1.920   2.702   -8.482  1.00 46.16  ? 66  TYR A CB    1 
ATOM   408 C CG    . TYR A 1 67  ? 1.152   2.431   -9.754  1.00 48.89  ? 66  TYR A CG    1 
ATOM   409 C CD1   . TYR A 1 67  ? -0.062  3.057   -10.002 1.00 50.83  ? 66  TYR A CD1   1 
ATOM   410 C CD2   . TYR A 1 67  ? 1.643   1.551   -10.710 1.00 55.65  ? 66  TYR A CD2   1 
ATOM   411 C CE1   . TYR A 1 67  ? -0.766  2.814   -11.166 1.00 54.49  ? 66  TYR A CE1   1 
ATOM   412 C CE2   . TYR A 1 67  ? 0.945   1.300   -11.876 1.00 56.78  ? 66  TYR A CE2   1 
ATOM   413 C CZ    . TYR A 1 67  ? -0.259  1.935   -12.099 1.00 58.89  ? 66  TYR A CZ    1 
ATOM   414 O OH    . TYR A 1 67  ? -0.957  1.688   -13.259 1.00 61.78  ? 66  TYR A OH    1 
ATOM   415 N N     . TYR A 1 68  ? 2.891   5.077   -6.326  1.00 41.74  ? 67  TYR A N     1 
ATOM   416 C CA    . TYR A 1 68  ? 3.477   5.383   -5.030  1.00 40.53  ? 67  TYR A CA    1 
ATOM   417 C C     . TYR A 1 68  ? 2.436   5.165   -3.943  1.00 38.98  ? 67  TYR A C     1 
ATOM   418 O O     . TYR A 1 68  ? 1.255   5.469   -4.134  1.00 45.25  ? 67  TYR A O     1 
ATOM   419 C CB    . TYR A 1 68  ? 3.990   6.827   -4.973  1.00 43.71  ? 67  TYR A CB    1 
ATOM   420 C CG    . TYR A 1 68  ? 5.051   7.149   -6.001  1.00 43.68  ? 67  TYR A CG    1 
ATOM   421 C CD1   . TYR A 1 68  ? 6.400   7.023   -5.699  1.00 45.37  ? 67  TYR A CD1   1 
ATOM   422 C CD2   . TYR A 1 68  ? 4.703   7.580   -7.275  1.00 49.56  ? 67  TYR A CD2   1 
ATOM   423 C CE1   . TYR A 1 68  ? 7.374   7.316   -6.635  1.00 46.51  ? 67  TYR A CE1   1 
ATOM   424 C CE2   . TYR A 1 68  ? 5.669   7.875   -8.218  1.00 53.62  ? 67  TYR A CE2   1 
ATOM   425 C CZ    . TYR A 1 68  ? 7.003   7.741   -7.893  1.00 50.52  ? 67  TYR A CZ    1 
ATOM   426 O OH    . TYR A 1 68  ? 7.967   8.034   -8.830  1.00 51.94  ? 67  TYR A OH    1 
ATOM   427 N N     . GLY A 1 69  ? 2.880   4.640   -2.806  1.00 39.87  ? 68  GLY A N     1 
ATOM   428 C CA    . GLY A 1 69  ? 1.985   4.398   -1.691  1.00 47.87  ? 68  GLY A CA    1 
ATOM   429 C C     . GLY A 1 69  ? 2.549   4.870   -0.368  1.00 53.75  ? 68  GLY A C     1 
ATOM   430 O O     . GLY A 1 69  ? 3.648   4.467   0.027   1.00 54.37  ? 68  GLY A O     1 
ATOM   431 N N     . PHE A 1 70  ? 1.802   5.726   0.332   1.00 56.41  ? 69  PHE A N     1 
ATOM   432 C CA    . PHE A 1 70  ? 2.242   6.267   1.609   1.00 56.33  ? 69  PHE A CA    1 
ATOM   433 C C     . PHE A 1 70  ? 1.410   5.795   2.791   1.00 62.12  ? 69  PHE A C     1 
ATOM   434 O O     . PHE A 1 70  ? 1.918   5.788   3.917   1.00 69.55  ? 69  PHE A O     1 
ATOM   435 C CB    . PHE A 1 70  ? 2.227   7.801   1.567   1.00 56.57  ? 69  PHE A CB    1 
ATOM   436 C CG    . PHE A 1 70  ? 3.046   8.375   0.450   1.00 59.09  ? 69  PHE A CG    1 
ATOM   437 C CD1   . PHE A 1 70  ? 4.407   8.581   0.608   1.00 62.47  ? 69  PHE A CD1   1 
ATOM   438 C CD2   . PHE A 1 70  ? 2.459   8.697   -0.761  1.00 58.92  ? 69  PHE A CD2   1 
ATOM   439 C CE1   . PHE A 1 70  ? 5.166   9.105   -0.421  1.00 59.64  ? 69  PHE A CE1   1 
ATOM   440 C CE2   . PHE A 1 70  ? 3.212   9.222   -1.793  1.00 59.27  ? 69  PHE A CE2   1 
ATOM   441 C CZ    . PHE A 1 70  ? 4.568   9.426   -1.622  1.00 55.87  ? 69  PHE A CZ    1 
ATOM   442 N N     . SER A 1 71  ? 0.159   5.408   2.570   1.00 61.39  ? 70  SER A N     1 
ATOM   443 C CA    . SER A 1 71  ? -0.668  4.810   3.602   1.00 61.11  ? 70  SER A CA    1 
ATOM   444 C C     . SER A 1 71  ? -0.710  3.296   3.406   1.00 58.18  ? 70  SER A C     1 
ATOM   445 O O     . SER A 1 71  ? -0.097  2.744   2.489   1.00 58.22  ? 70  SER A O     1 
ATOM   446 C CB    . SER A 1 71  ? -2.071  5.418   3.579   1.00 58.73  ? 70  SER A CB    1 
ATOM   447 O OG    . SER A 1 71  ? -2.687  5.209   2.321   1.00 62.38  ? 70  SER A OG    1 
ATOM   448 N N     . GLY A 1 72  ? -1.440  2.619   4.286   1.00 55.66  ? 71  GLY A N     1 
ATOM   449 C CA    . GLY A 1 72  ? -1.587  1.177   4.189   1.00 53.26  ? 71  GLY A CA    1 
ATOM   450 C C     . GLY A 1 72  ? -0.307  0.404   4.419   1.00 53.42  ? 71  GLY A C     1 
ATOM   451 O O     . GLY A 1 72  ? -0.040  -0.570  3.703   1.00 56.29  ? 71  GLY A O     1 
ATOM   452 N N     . CYS A 1 73  ? 0.495   0.814   5.403   1.00 57.97  ? 72  CYS A N     1 
ATOM   453 C CA    . CYS A 1 73  ? 1.760   0.133   5.660   1.00 56.42  ? 72  CYS A CA    1 
ATOM   454 C C     . CYS A 1 73  ? 1.527   -1.259  6.232   1.00 52.15  ? 72  CYS A C     1 
ATOM   455 O O     . CYS A 1 73  ? 2.152   -2.234  5.795   1.00 50.09  ? 72  CYS A O     1 
ATOM   456 C CB    . CYS A 1 73  ? 2.620   0.973   6.607   1.00 57.93  ? 72  CYS A CB    1 
ATOM   457 S SG    . CYS A 1 73  ? 3.014   2.628   5.989   1.00 78.72  ? 72  CYS A SG    1 
ATOM   458 N N     . HIS A 1 74  ? 0.626   -1.373  7.211   1.00 52.69  ? 73  HIS A N     1 
ATOM   459 C CA    . HIS A 1 74  ? 0.352   -2.671  7.817   1.00 49.48  ? 73  HIS A CA    1 
ATOM   460 C C     . HIS A 1 74  ? -0.280  -3.627  6.814   1.00 50.61  ? 73  HIS A C     1 
ATOM   461 O O     . HIS A 1 74  ? 0.076   -4.809  6.769   1.00 51.74  ? 73  HIS A O     1 
ATOM   462 C CB    . HIS A 1 74  ? -0.550  -2.507  9.039   1.00 54.12  ? 73  HIS A CB    1 
ATOM   463 C CG    . HIS A 1 74  ? 0.086   -1.756  10.167  1.00 58.67  ? 73  HIS A CG    1 
ATOM   464 N ND1   . HIS A 1 74  ? 0.609   -0.490  10.018  1.00 62.55  ? 73  HIS A ND1   1 
ATOM   465 C CD2   . HIS A 1 74  ? 0.276   -2.092  11.464  1.00 65.71  ? 73  HIS A CD2   1 
ATOM   466 C CE1   . HIS A 1 74  ? 1.097   -0.079  11.174  1.00 67.31  ? 73  HIS A CE1   1 
ATOM   467 N NE2   . HIS A 1 74  ? 0.906   -1.032  12.069  1.00 72.93  ? 73  HIS A NE2   1 
ATOM   468 N N     . ARG A 1 75  ? -1.215  -3.133  5.997   1.00 52.90  ? 74  ARG A N     1 
ATOM   469 C CA    . ARG A 1 75  ? -1.841  -3.982  4.986   1.00 46.34  ? 74  ARG A CA    1 
ATOM   470 C C     . ARG A 1 75  ? -0.829  -4.437  3.940   1.00 47.69  ? 74  ARG A C     1 
ATOM   471 O O     . ARG A 1 75  ? -0.850  -5.597  3.508   1.00 47.49  ? 74  ARG A O     1 
ATOM   472 C CB    . ARG A 1 75  ? -2.999  -3.231  4.329   1.00 43.75  ? 74  ARG A CB    1 
ATOM   473 C CG    . ARG A 1 75  ? -4.230  -3.106  5.214   1.00 49.50  ? 74  ARG A CG    1 
ATOM   474 C CD    . ARG A 1 75  ? -5.195  -2.054  4.694   1.00 46.72  ? 74  ARG A CD    1 
ATOM   475 N NE    . ARG A 1 75  ? -4.763  -0.702  5.034   1.00 51.41  ? 74  ARG A NE    1 
ATOM   476 C CZ    . ARG A 1 75  ? -5.402  0.403   4.664   1.00 49.77  ? 74  ARG A CZ    1 
ATOM   477 N NH1   . ARG A 1 75  ? -6.505  0.319   3.932   1.00 47.85  ? 74  ARG A NH1   1 
ATOM   478 N NH2   . ARG A 1 75  ? -4.939  1.593   5.021   1.00 54.56  ? 74  ARG A NH2   1 
ATOM   479 N N     . TYR A 1 76  ? 0.069   -3.540  3.529   1.00 47.26  ? 75  TYR A N     1 
ATOM   480 C CA    . TYR A 1 76  ? 1.100   -3.906  2.563   1.00 43.97  ? 75  TYR A CA    1 
ATOM   481 C C     . TYR A 1 76  ? 2.043   -4.957  3.139   1.00 47.09  ? 75  TYR A C     1 
ATOM   482 O O     . TYR A 1 76  ? 2.370   -5.950  2.476   1.00 47.51  ? 75  TYR A O     1 
ATOM   483 C CB    . TYR A 1 76  ? 1.874   -2.657  2.138   1.00 43.15  ? 75  TYR A CB    1 
ATOM   484 C CG    . TYR A 1 76  ? 2.796   -2.859  0.958   1.00 46.02  ? 75  TYR A CG    1 
ATOM   485 C CD1   . TYR A 1 76  ? 2.323   -2.745  -0.342  1.00 47.44  ? 75  TYR A CD1   1 
ATOM   486 C CD2   . TYR A 1 76  ? 4.144   -3.143  1.143   1.00 45.02  ? 75  TYR A CD2   1 
ATOM   487 C CE1   . TYR A 1 76  ? 3.161   -2.918  -1.424  1.00 46.49  ? 75  TYR A CE1   1 
ATOM   488 C CE2   . TYR A 1 76  ? 4.991   -3.317  0.066   1.00 45.49  ? 75  TYR A CE2   1 
ATOM   489 C CZ    . TYR A 1 76  ? 4.493   -3.203  -1.216  1.00 43.44  ? 75  TYR A CZ    1 
ATOM   490 O OH    . TYR A 1 76  ? 5.332   -3.377  -2.293  1.00 42.13  ? 75  TYR A OH    1 
ATOM   491 N N     . GLU A 1 77  ? 2.489   -4.757  4.382   1.00 51.28  ? 76  GLU A N     1 
ATOM   492 C CA    . GLU A 1 77  ? 3.375   -5.731  5.014   1.00 52.77  ? 76  GLU A CA    1 
ATOM   493 C C     . GLU A 1 77  ? 2.673   -7.070  5.211   1.00 51.48  ? 76  GLU A C     1 
ATOM   494 O O     . GLU A 1 77  ? 3.295   -8.131  5.088   1.00 55.57  ? 76  GLU A O     1 
ATOM   495 C CB    . GLU A 1 77  ? 3.890   -5.185  6.347   1.00 61.39  ? 76  GLU A CB    1 
ATOM   496 C CG    . GLU A 1 77  ? 4.850   -6.114  7.073   1.00 66.57  ? 76  GLU A CG    1 
ATOM   497 C CD    . GLU A 1 77  ? 5.566   -5.430  8.219   1.00 80.22  ? 76  GLU A CD    1 
ATOM   498 O OE1   . GLU A 1 77  ? 5.535   -4.184  8.270   1.00 83.25  ? 76  GLU A OE1   1 
ATOM   499 O OE2   . GLU A 1 77  ? 6.158   -6.130  9.068   1.00 79.80  ? 76  GLU A OE2   1 
ATOM   500 N N     . ALA A 1 78  ? 1.370   -7.039  5.500   1.00 50.11  ? 77  ALA A N     1 
ATOM   501 C CA    . ALA A 1 78  ? 0.611   -8.280  5.638   1.00 47.42  ? 77  ALA A CA    1 
ATOM   502 C C     . ALA A 1 78  ? 0.516   -9.019  4.310   1.00 47.62  ? 77  ALA A C     1 
ATOM   503 O O     . ALA A 1 78  ? 0.698   -10.242 4.261   1.00 49.57  ? 77  ALA A O     1 
ATOM   504 C CB    . ALA A 1 78  ? -0.787  -7.989  6.185   1.00 48.00  ? 77  ALA A CB    1 
ATOM   505 N N     . HIS A 1 79  ? 0.233   -8.296  3.224   1.00 49.47  ? 78  HIS A N     1 
ATOM   506 C CA    . HIS A 1 79  ? 0.211   -8.929  1.909   1.00 48.34  ? 78  HIS A CA    1 
ATOM   507 C C     . HIS A 1 79  ? 1.577   -9.489  1.532   1.00 50.11  ? 78  HIS A C     1 
ATOM   508 O O     . HIS A 1 79  ? 1.659   -10.531 0.871   1.00 50.58  ? 78  HIS A O     1 
ATOM   509 C CB    . HIS A 1 79  ? -0.269  -7.936  0.849   1.00 48.47  ? 78  HIS A CB    1 
ATOM   510 C CG    . HIS A 1 79  ? -1.758  -7.854  0.733   1.00 45.69  ? 78  HIS A CG    1 
ATOM   511 N ND1   . HIS A 1 79  ? -2.561  -7.382  1.749   1.00 42.14  ? 78  HIS A ND1   1 
ATOM   512 C CD2   . HIS A 1 79  ? -2.592  -8.192  -0.280  1.00 45.04  ? 78  HIS A CD2   1 
ATOM   513 C CE1   . HIS A 1 79  ? -3.824  -7.430  1.366   1.00 46.49  ? 78  HIS A CE1   1 
ATOM   514 N NE2   . HIS A 1 79  ? -3.870  -7.918  0.139   1.00 48.57  ? 78  HIS A NE2   1 
ATOM   515 N N     . GLN A 1 80  ? 2.656   -8.817  1.940   1.00 56.26  ? 79  GLN A N     1 
ATOM   516 C CA    . GLN A 1 80  ? 3.995   -9.332  1.658   1.00 52.70  ? 79  GLN A CA    1 
ATOM   517 C C     . GLN A 1 80  ? 4.274   -10.608 2.444   1.00 49.92  ? 79  GLN A C     1 
ATOM   518 O O     . GLN A 1 80  ? 4.734   -11.608 1.881   1.00 52.60  ? 79  GLN A O     1 
ATOM   519 C CB    . GLN A 1 80  ? 5.049   -8.270  1.971   1.00 52.48  ? 79  GLN A CB    1 
ATOM   520 C CG    . GLN A 1 80  ? 5.294   -7.283  0.845   1.00 49.88  ? 79  GLN A CG    1 
ATOM   521 C CD    . GLN A 1 80  ? 6.426   -6.325  1.154   1.00 52.44  ? 79  GLN A CD    1 
ATOM   522 O OE1   . GLN A 1 80  ? 6.706   -6.031  2.317   1.00 52.53  ? 79  GLN A OE1   1 
ATOM   523 N NE2   . GLN A 1 80  ? 7.089   -5.838  0.111   1.00 55.87  ? 79  GLN A NE2   1 
ATOM   524 N N     . LYS A 1 81  ? 4.004   -10.592 3.748   1.00 49.33  ? 80  LYS A N     1 
ATOM   525 C CA    . LYS A 1 81  ? 4.284   -11.737 4.604   1.00 50.23  ? 80  LYS A CA    1 
ATOM   526 C C     . LYS A 1 81  ? 3.255   -12.852 4.473   1.00 51.55  ? 80  LYS A C     1 
ATOM   527 O O     . LYS A 1 81  ? 3.417   -13.897 5.112   1.00 54.49  ? 80  LYS A O     1 
ATOM   528 C CB    . LYS A 1 81  ? 4.381   -11.285 6.064   1.00 51.86  ? 80  LYS A CB    1 
ATOM   529 C CG    . LYS A 1 81  ? 5.548   -10.346 6.333   1.00 54.73  ? 80  LYS A CG    1 
ATOM   530 C CD    . LYS A 1 81  ? 5.651   -9.984  7.804   1.00 60.80  ? 80  LYS A CD    1 
ATOM   531 C CE    . LYS A 1 81  ? 6.887   -9.138  8.073   1.00 69.66  ? 80  LYS A CE    1 
ATOM   532 N NZ    . LYS A 1 81  ? 7.006   -8.758  9.507   1.00 71.71  ? 80  LYS A NZ    1 
ATOM   533 N N     . LEU A 1 82  ? 2.204   -12.658 3.676   1.00 52.97  ? 81  LEU A N     1 
ATOM   534 C CA    . LEU A 1 82  ? 1.248   -13.716 3.383   1.00 53.22  ? 81  LEU A CA    1 
ATOM   535 C C     . LEU A 1 82  ? 1.525   -14.422 2.063   1.00 53.42  ? 81  LEU A C     1 
ATOM   536 O O     . LEU A 1 82  ? 0.852   -15.412 1.756   1.00 57.41  ? 81  LEU A O     1 
ATOM   537 C CB    . LEU A 1 82  ? -0.179  -13.157 3.363   1.00 56.89  ? 81  LEU A CB    1 
ATOM   538 C CG    . LEU A 1 82  ? -0.934  -13.127 4.691   1.00 59.58  ? 81  LEU A CG    1 
ATOM   539 C CD1   . LEU A 1 82  ? -2.292  -12.474 4.509   1.00 59.70  ? 81  LEU A CD1   1 
ATOM   540 C CD2   . LEU A 1 82  ? -1.087  -14.534 5.244   1.00 69.36  ? 81  LEU A CD2   1 
ATOM   541 N N     . GLY A 1 83  ? 2.489   -13.943 1.282   1.00 50.34  ? 82  GLY A N     1 
ATOM   542 C CA    . GLY A 1 83  ? 2.772   -14.542 -0.005  1.00 48.15  ? 82  GLY A CA    1 
ATOM   543 C C     . GLY A 1 83  ? 1.770   -14.220 -1.087  1.00 50.90  ? 82  GLY A C     1 
ATOM   544 O O     . GLY A 1 83  ? 1.669   -14.971 -2.062  1.00 58.86  ? 82  GLY A O     1 
ATOM   545 N N     . LEU A 1 84  ? 1.023   -13.126 -0.948  1.00 49.79  ? 83  LEU A N     1 
ATOM   546 C CA    . LEU A 1 84  ? 0.034   -12.749 -1.949  1.00 47.11  ? 83  LEU A CA    1 
ATOM   547 C C     . LEU A 1 84  ? 0.683   -11.914 -3.049  1.00 43.92  ? 83  LEU A C     1 
ATOM   548 O O     . LEU A 1 84  ? 1.485   -11.021 -2.760  1.00 44.78  ? 83  LEU A O     1 
ATOM   549 C CB    . LEU A 1 84  ? -1.106  -11.960 -1.314  1.00 45.36  ? 83  LEU A CB    1 
ATOM   550 C CG    . LEU A 1 84  ? -1.978  -12.744 -0.329  1.00 47.81  ? 83  LEU A CG    1 
ATOM   551 C CD1   . LEU A 1 84  ? -3.049  -11.853 0.277   1.00 48.45  ? 83  LEU A CD1   1 
ATOM   552 C CD2   . LEU A 1 84  ? -2.605  -13.945 -1.018  1.00 52.75  ? 83  LEU A CD2   1 
ATOM   553 N N     . PRO A 1 85  ? 0.351   -12.187 -4.314  1.00 44.93  ? 84  PRO A N     1 
ATOM   554 C CA    . PRO A 1 85  ? 1.007   -11.446 -5.403  1.00 44.52  ? 84  PRO A CA    1 
ATOM   555 C C     . PRO A 1 85  ? 0.511   -10.020 -5.550  1.00 46.01  ? 84  PRO A C     1 
ATOM   556 O O     . PRO A 1 85  ? 1.313   -9.119  -5.830  1.00 44.41  ? 84  PRO A O     1 
ATOM   557 C CB    . PRO A 1 85  ? 0.681   -12.295 -6.640  1.00 41.23  ? 84  PRO A CB    1 
ATOM   558 C CG    . PRO A 1 85  ? -0.612  -12.958 -6.298  1.00 46.53  ? 84  PRO A CG    1 
ATOM   559 C CD    . PRO A 1 85  ? -0.567  -13.225 -4.815  1.00 48.29  ? 84  PRO A CD    1 
ATOM   560 N N     . THR A 1 86  ? -0.786  -9.783  -5.371  1.00 47.01  ? 85  THR A N     1 
ATOM   561 C CA    . THR A 1 86  ? -1.382  -8.481  -5.630  1.00 42.11  ? 85  THR A CA    1 
ATOM   562 C C     . THR A 1 86  ? -2.136  -7.990  -4.401  1.00 45.47  ? 85  THR A C     1 
ATOM   563 O O     . THR A 1 86  ? -2.384  -8.734  -3.448  1.00 45.45  ? 85  THR A O     1 
ATOM   564 C CB    . THR A 1 86  ? -2.329  -8.529  -6.836  1.00 41.16  ? 85  THR A CB    1 
ATOM   565 O OG1   . THR A 1 86  ? -3.335  -9.527  -6.617  1.00 47.70  ? 85  THR A OG1   1 
ATOM   566 C CG2   . THR A 1 86  ? -1.561  -8.856  -8.107  1.00 42.48  ? 85  THR A CG2   1 
ATOM   567 N N     . ILE A 1 87  ? -2.501  -6.710  -4.446  1.00 46.11  ? 86  ILE A N     1 
ATOM   568 C CA    . ILE A 1 87  ? -3.282  -6.060  -3.404  1.00 44.26  ? 86  ILE A CA    1 
ATOM   569 C C     . ILE A 1 87  ? -4.250  -5.091  -4.073  1.00 45.30  ? 86  ILE A C     1 
ATOM   570 O O     . ILE A 1 87  ? -3.961  -4.525  -5.132  1.00 44.54  ? 86  ILE A O     1 
ATOM   571 C CB    . ILE A 1 87  ? -2.380  -5.333  -2.378  1.00 44.28  ? 86  ILE A CB    1 
ATOM   572 C CG1   . ILE A 1 87  ? -3.189  -4.880  -1.163  1.00 43.80  ? 86  ILE A CG1   1 
ATOM   573 C CG2   . ILE A 1 87  ? -1.675  -4.148  -3.021  1.00 44.36  ? 86  ILE A CG2   1 
ATOM   574 C CD1   . ILE A 1 87  ? -2.365  -4.180  -0.102  1.00 40.49  ? 86  ILE A CD1   1 
ATOM   575 N N     . ARG A 1 88  ? -5.418  -4.920  -3.458  1.00 47.82  ? 87  ARG A N     1 
ATOM   576 C CA    . ARG A 1 88  ? -6.430  -4.016  -3.985  1.00 46.68  ? 87  ARG A CA    1 
ATOM   577 C C     . ARG A 1 88  ? -6.044  -2.568  -3.713  1.00 42.38  ? 87  ARG A C     1 
ATOM   578 O O     . ARG A 1 88  ? -5.594  -2.227  -2.615  1.00 42.39  ? 87  ARG A O     1 
ATOM   579 C CB    . ARG A 1 88  ? -7.791  -4.317  -3.360  1.00 44.42  ? 87  ARG A CB    1 
ATOM   580 C CG    . ARG A 1 88  ? -8.231  -5.764  -3.493  1.00 44.41  ? 87  ARG A CG    1 
ATOM   581 C CD    . ARG A 1 88  ? -9.499  -6.011  -2.700  1.00 48.84  ? 87  ARG A CD    1 
ATOM   582 N NE    . ARG A 1 88  ? -10.579 -5.124  -3.118  1.00 54.43  ? 87  ARG A NE    1 
ATOM   583 C CZ    . ARG A 1 88  ? -11.704 -4.944  -2.434  1.00 57.67  ? 87  ARG A CZ    1 
ATOM   584 N NH1   . ARG A 1 88  ? -11.896 -5.584  -1.288  1.00 56.20  ? 87  ARG A NH1   1 
ATOM   585 N NH2   . ARG A 1 88  ? -12.636 -4.119  -2.891  1.00 58.29  ? 87  ARG A NH2   1 
ATOM   586 N N     . CYS A 1 89  ? -6.230  -1.712  -4.715  1.00 40.65  ? 88  CYS A N     1 
ATOM   587 C CA    . CYS A 1 89  ? -5.831  -0.318  -4.623  1.00 42.78  ? 88  CYS A CA    1 
ATOM   588 C C     . CYS A 1 89  ? -6.893  0.565   -5.257  1.00 48.03  ? 88  CYS A C     1 
ATOM   589 O O     . CYS A 1 89  ? -7.541  0.182   -6.236  1.00 48.78  ? 88  CYS A O     1 
ATOM   590 C CB    . CYS A 1 89  ? -4.487  -0.066  -5.320  1.00 44.14  ? 88  CYS A CB    1 
ATOM   591 S SG    . CYS A 1 89  ? -3.164  -1.208  -4.871  1.00 51.15  ? 88  CYS A SG    1 
ATOM   592 N N     . LYS A 1 90  ? -7.062  1.752   -4.685  1.00 49.52  ? 89  LYS A N     1 
ATOM   593 C CA    . LYS A 1 90  ? -7.869  2.819   -5.269  1.00 48.73  ? 89  LYS A CA    1 
ATOM   594 C C     . LYS A 1 90  ? -6.889  3.873   -5.774  1.00 48.75  ? 89  LYS A C     1 
ATOM   595 O O     . LYS A 1 90  ? -6.360  4.669   -4.992  1.00 50.03  ? 89  LYS A O     1 
ATOM   596 C CB    . LYS A 1 90  ? -8.852  3.394   -4.254  1.00 49.47  ? 89  LYS A CB    1 
ATOM   597 C CG    . LYS A 1 90  ? -9.783  4.451   -4.827  1.00 62.63  ? 89  LYS A CG    1 
ATOM   598 C CD    . LYS A 1 90  ? -10.761 4.960   -3.778  1.00 67.67  ? 89  LYS A CD    1 
ATOM   599 C CE    . LYS A 1 90  ? -11.655 3.842   -3.264  1.00 68.16  ? 89  LYS A CE    1 
ATOM   600 N NZ    . LYS A 1 90  ? -12.628 4.332   -2.247  1.00 72.43  ? 89  LYS A NZ    1 
ATOM   601 N N     . ILE A 1 91  ? -6.640  3.869   -7.080  1.00 49.99  ? 90  ILE A N     1 
ATOM   602 C CA    . ILE A 1 91  ? -5.609  4.716   -7.668  1.00 47.83  ? 90  ILE A CA    1 
ATOM   603 C C     . ILE A 1 91  ? -6.158  6.120   -7.875  1.00 51.51  ? 90  ILE A C     1 
ATOM   604 O O     . ILE A 1 91  ? -7.256  6.301   -8.416  1.00 54.72  ? 90  ILE A O     1 
ATOM   605 C CB    . ILE A 1 91  ? -5.106  4.118   -8.991  1.00 47.55  ? 90  ILE A CB    1 
ATOM   606 C CG1   . ILE A 1 91  ? -4.619  2.685   -8.773  1.00 46.69  ? 90  ILE A CG1   1 
ATOM   607 C CG2   . ILE A 1 91  ? -3.996  4.978   -9.578  1.00 52.33  ? 90  ILE A CG2   1 
ATOM   608 C CD1   . ILE A 1 91  ? -4.148  2.004   -10.039 1.00 48.47  ? 90  ILE A CD1   1 
ATOM   609 N N     . ARG A 1 92  ? -5.390  7.120   -7.447  1.00 55.46  ? 91  ARG A N     1 
ATOM   610 C CA    . ARG A 1 92  ? -5.718  8.525   -7.650  1.00 58.86  ? 91  ARG A CA    1 
ATOM   611 C C     . ARG A 1 92  ? -4.661  9.143   -8.553  1.00 61.48  ? 91  ARG A C     1 
ATOM   612 O O     . ARG A 1 92  ? -3.463  9.059   -8.258  1.00 63.06  ? 91  ARG A O     1 
ATOM   613 C CB    . ARG A 1 92  ? -5.792  9.275   -6.316  1.00 60.60  ? 91  ARG A CB    1 
ATOM   614 C CG    . ARG A 1 92  ? -5.971  10.781  -6.463  1.00 75.59  ? 91  ARG A CG    1 
ATOM   615 C CD    . ARG A 1 92  ? -6.199  11.461  -5.120  1.00 87.04  ? 91  ARG A CD    1 
ATOM   616 N NE    . ARG A 1 92  ? -5.002  11.482  -4.282  1.00 88.58  ? 91  ARG A NE    1 
ATOM   617 C CZ    . ARG A 1 92  ? -4.159  12.508  -4.206  1.00 87.03  ? 91  ARG A CZ    1 
ATOM   618 N NH1   . ARG A 1 92  ? -4.377  13.604  -4.919  1.00 86.37  ? 91  ARG A NH1   1 
ATOM   619 N NH2   . ARG A 1 92  ? -3.097  12.439  -3.413  1.00 83.09  ? 91  ARG A NH2   1 
ATOM   620 N N     . LYS A 1 93  ? -5.101  9.751   -9.653  1.00 67.95  ? 92  LYS A N     1 
ATOM   621 C CA    . LYS A 1 93  ? -4.190  10.439  -10.563 1.00 67.84  ? 92  LYS A CA    1 
ATOM   622 C C     . LYS A 1 93  ? -3.594  11.645  -9.851  1.00 71.24  ? 92  LYS A C     1 
ATOM   623 O O     . LYS A 1 93  ? -4.304  12.612  -9.550  1.00 74.17  ? 92  LYS A O     1 
ATOM   624 C CB    . LYS A 1 93  ? -4.925  10.862  -11.831 1.00 72.14  ? 92  LYS A CB    1 
ATOM   625 C CG    . LYS A 1 93  ? -5.669  9.736   -12.530 1.00 78.78  ? 92  LYS A CG    1 
ATOM   626 C CD    . LYS A 1 93  ? -4.719  8.659   -13.020 1.00 80.98  ? 92  LYS A CD    1 
ATOM   627 C CE    . LYS A 1 93  ? -5.476  7.533   -13.705 1.00 83.20  ? 92  LYS A CE    1 
ATOM   628 N NZ    . LYS A 1 93  ? -4.560  6.484   -14.227 1.00 81.12  ? 92  LYS A NZ    1 
ATOM   629 N N     . GLY A 1 94  ? -2.291  11.594  -9.571  1.00 69.30  ? 93  GLY A N     1 
ATOM   630 C CA    . GLY A 1 94  ? -1.616  12.626  -8.819  1.00 70.89  ? 93  GLY A CA    1 
ATOM   631 C C     . GLY A 1 94  ? -0.619  13.411  -9.657  1.00 73.64  ? 93  GLY A C     1 
ATOM   632 O O     . GLY A 1 94  ? -0.228  13.019  -10.755 1.00 74.28  ? 93  GLY A O     1 
ATOM   633 N N     . THR A 1 95  ? -0.211  14.546  -9.102  1.00 76.47  ? 94  THR A N     1 
ATOM   634 C CA    . THR A 1 95  ? 0.754   15.441  -9.717  1.00 77.61  ? 94  THR A CA    1 
ATOM   635 C C     . THR A 1 95  ? 2.081   15.355  -8.967  1.00 79.65  ? 94  THR A C     1 
ATOM   636 O O     . THR A 1 95  ? 2.256   14.537  -8.055  1.00 78.59  ? 94  THR A O     1 
ATOM   637 C CB    . THR A 1 95  ? 0.208   16.871  -9.735  1.00 87.91  ? 94  THR A CB    1 
ATOM   638 O OG1   . THR A 1 95  ? 0.019   17.330  -8.390  1.00 88.73  ? 94  THR A OG1   1 
ATOM   639 C CG2   . THR A 1 95  ? -1.121  16.925  -10.473 1.00 86.81  ? 94  THR A CG2   1 
ATOM   640 N N     . LYS A 1 96  ? 3.028   16.211  -9.353  1.00 81.09  ? 95  LYS A N     1 
ATOM   641 C CA    . LYS A 1 96  ? 4.314   16.248  -8.674  1.00 78.46  ? 95  LYS A CA    1 
ATOM   642 C C     . LYS A 1 96  ? 4.233   16.925  -7.313  1.00 82.85  ? 95  LYS A C     1 
ATOM   643 O O     . LYS A 1 96  ? 5.066   16.642  -6.446  1.00 82.55  ? 95  LYS A O     1 
ATOM   644 C CB    . LYS A 1 96  ? 5.352   16.960  -9.548  1.00 74.37  ? 95  LYS A CB    1 
ATOM   645 C CG    . LYS A 1 96  ? 5.620   16.268  -10.877 1.00 80.02  ? 95  LYS A CG    1 
ATOM   646 C CD    . LYS A 1 96  ? 6.707   16.981  -11.668 1.00 78.67  ? 95  LYS A CD    1 
ATOM   647 C CE    . LYS A 1 96  ? 8.034   16.958  -10.932 1.00 66.49  ? 95  LYS A CE    1 
ATOM   648 N NZ    . LYS A 1 96  ? 9.116   17.605  -11.728 1.00 66.15  ? 95  LYS A NZ    1 
ATOM   649 N N     . GLU A 1 97  ? 3.248   17.799  -7.096  1.00 82.50  ? 96  GLU A N     1 
ATOM   650 C CA    . GLU A 1 97  ? 3.149   18.501  -5.821  1.00 86.70  ? 96  GLU A CA    1 
ATOM   651 C C     . GLU A 1 97  ? 2.612   17.588  -4.725  1.00 89.79  ? 96  GLU A C     1 
ATOM   652 O O     . GLU A 1 97  ? 3.161   17.548  -3.618  1.00 88.92  ? 96  GLU A O     1 
ATOM   653 C CB    . GLU A 1 97  ? 2.265   19.743  -5.966  1.00 87.57  ? 96  GLU A CB    1 
ATOM   654 C CG    . GLU A 1 97  ? 2.978   21.054  -5.663  1.00 93.70  ? 96  GLU A CG    1 
ATOM   655 C CD    . GLU A 1 97  ? 3.539   21.114  -4.253  1.00 101.45 ? 96  GLU A CD    1 
ATOM   656 O OE1   . GLU A 1 97  ? 2.908   20.556  -3.331  1.00 100.17 ? 96  GLU A OE1   1 
ATOM   657 O OE2   . GLU A 1 97  ? 4.618   21.716  -4.069  1.00 96.00  ? 96  GLU A OE2   1 
ATOM   658 N N     . THR A 1 98  ? 1.533   16.851  -5.013  1.00 92.37  ? 97  THR A N     1 
ATOM   659 C CA    . THR A 1 98  ? 0.995   15.923  -4.024  1.00 92.19  ? 97  THR A CA    1 
ATOM   660 C C     . THR A 1 98  ? 1.980   14.804  -3.720  1.00 87.34  ? 97  THR A C     1 
ATOM   661 O O     . THR A 1 98  ? 1.940   14.221  -2.632  1.00 84.41  ? 97  THR A O     1 
ATOM   662 C CB    . THR A 1 98  ? -0.337  15.345  -4.504  1.00 87.99  ? 97  THR A CB    1 
ATOM   663 O OG1   . THR A 1 98  ? -0.179  14.800  -5.819  1.00 83.94  ? 97  THR A OG1   1 
ATOM   664 C CG2   . THR A 1 98  ? -1.412  16.425  -4.523  1.00 82.85  ? 97  THR A CG2   1 
ATOM   665 N N     . LEU A 1 99  ? 2.865   14.490  -4.668  1.00 82.66  ? 98  LEU A N     1 
ATOM   666 C CA    . LEU A 1 99  ? 3.969   13.579  -4.392  1.00 81.68  ? 98  LEU A CA    1 
ATOM   667 C C     . LEU A 1 99  ? 5.056   14.258  -3.571  1.00 79.28  ? 98  LEU A C     1 
ATOM   668 O O     . LEU A 1 99  ? 5.703   13.607  -2.741  1.00 77.10  ? 98  LEU A O     1 
ATOM   669 C CB    . LEU A 1 99  ? 4.550   13.051  -5.705  1.00 76.52  ? 98  LEU A CB    1 
ATOM   670 C CG    . LEU A 1 99  ? 5.692   12.037  -5.609  1.00 64.18  ? 98  LEU A CG    1 
ATOM   671 C CD1   . LEU A 1 99  ? 5.217   10.773  -4.913  1.00 65.55  ? 98  LEU A CD1   1 
ATOM   672 C CD2   . LEU A 1 99  ? 6.246   11.720  -6.988  1.00 58.52  ? 98  LEU A CD2   1 
ATOM   673 N N     . ARG A 1 100 ? 5.262   15.558  -3.783  1.00 85.50  ? 99  ARG A N     1 
ATOM   674 C CA    . ARG A 1 100 ? 6.248   16.315  -3.024  1.00 84.50  ? 99  ARG A CA    1 
ATOM   675 C C     . ARG A 1 100 ? 5.738   16.674  -1.633  1.00 82.85  ? 99  ARG A C     1 
ATOM   676 O O     . ARG A 1 100 ? 6.539   16.819  -0.703  1.00 79.43  ? 99  ARG A O     1 
ATOM   677 C CB    . ARG A 1 100 ? 6.629   17.577  -3.802  1.00 83.58  ? 99  ARG A CB    1 
ATOM   678 C CG    . ARG A 1 100 ? 7.741   18.411  -3.191  1.00 87.42  ? 99  ARG A CG    1 
ATOM   679 C CD    . ARG A 1 100 ? 8.262   19.422  -4.203  1.00 87.43  ? 99  ARG A CD    1 
ATOM   680 N NE    . ARG A 1 100 ? 7.199   20.260  -4.749  1.00 91.02  ? 99  ARG A NE    1 
ATOM   681 C CZ    . ARG A 1 100 ? 7.200   20.758  -5.983  1.00 87.10  ? 99  ARG A CZ    1 
ATOM   682 N NH1   . ARG A 1 100 ? 8.202   20.487  -6.808  1.00 78.72  ? 99  ARG A NH1   1 
ATOM   683 N NH2   . ARG A 1 100 ? 6.193   21.513  -6.397  1.00 91.76  ? 99  ARG A NH2   1 
ATOM   684 N N     . HIS A 1 101 ? 4.419   16.812  -1.473  1.00 86.62  ? 100 HIS A N     1 
ATOM   685 C CA    . HIS A 1 101 ? 3.855   17.102  -0.157  1.00 87.53  ? 100 HIS A CA    1 
ATOM   686 C C     . HIS A 1 101 ? 4.046   15.930  0.798   1.00 87.72  ? 100 HIS A C     1 
ATOM   687 O O     . HIS A 1 101 ? 4.327   16.129  1.986   1.00 84.76  ? 100 HIS A O     1 
ATOM   688 C CB    . HIS A 1 101 ? 2.373   17.455  -0.286  1.00 89.58  ? 100 HIS A CB    1 
ATOM   689 C CG    . HIS A 1 101 ? 1.628   17.420  1.013   1.00 96.43  ? 100 HIS A CG    1 
ATOM   690 N ND1   . HIS A 1 101 ? 0.827   16.360  1.383   1.00 92.84  ? 100 HIS A ND1   1 
ATOM   691 C CD2   . HIS A 1 101 ? 1.562   18.313  2.030   1.00 99.05  ? 100 HIS A CD2   1 
ATOM   692 C CE1   . HIS A 1 101 ? 0.299   16.602  2.570   1.00 99.89  ? 100 HIS A CE1   1 
ATOM   693 N NE2   . HIS A 1 101 ? 0.729   17.781  2.984   1.00 101.68 ? 100 HIS A NE2   1 
ATOM   694 N N     . HIS A 1 102 ? 3.899   14.700  0.300   1.00 87.25  ? 101 HIS A N     1 
ATOM   695 C CA    . HIS A 1 102 ? 4.104   13.525  1.139   1.00 77.77  ? 101 HIS A CA    1 
ATOM   696 C C     . HIS A 1 102 ? 5.572   13.304  1.476   1.00 78.23  ? 101 HIS A C     1 
ATOM   697 O O     . HIS A 1 102 ? 5.872   12.629  2.467   1.00 78.13  ? 101 HIS A O     1 
ATOM   698 C CB    . HIS A 1 102 ? 3.538   12.278  0.455   1.00 72.32  ? 101 HIS A CB    1 
ATOM   699 C CG    . HIS A 1 102 ? 2.045   12.278  0.329   1.00 75.28  ? 101 HIS A CG    1 
ATOM   700 N ND1   . HIS A 1 102 ? 1.364   13.171  -0.469  1.00 83.10  ? 101 HIS A ND1   1 
ATOM   701 C CD2   . HIS A 1 102 ? 1.103   11.488  0.897   1.00 71.70  ? 101 HIS A CD2   1 
ATOM   702 C CE1   . HIS A 1 102 ? 0.067   12.934  -0.385  1.00 82.63  ? 101 HIS A CE1   1 
ATOM   703 N NE2   . HIS A 1 102 ? -0.119  11.917  0.437   1.00 75.16  ? 101 HIS A NE2   1 
ATOM   704 N N     . LEU A 1 103 ? 6.491   13.854  0.679   1.00 79.73  ? 102 LEU A N     1 
ATOM   705 C CA    . LEU A 1 103 ? 7.924   13.702  0.899   1.00 80.92  ? 102 LEU A CA    1 
ATOM   706 C C     . LEU A 1 103 ? 8.551   14.944  1.523   1.00 85.05  ? 102 LEU A C     1 
ATOM   707 O O     . LEU A 1 103 ? 9.718   15.252  1.252   1.00 82.67  ? 102 LEU A O     1 
ATOM   708 C CB    . LEU A 1 103 ? 8.626   13.359  -0.415  1.00 72.45  ? 102 LEU A CB    1 
ATOM   709 C CG    . LEU A 1 103 ? 8.293   12.003  -1.037  1.00 71.18  ? 102 LEU A CG    1 
ATOM   710 C CD1   . LEU A 1 103 ? 9.016   11.831  -2.362  1.00 64.61  ? 102 LEU A CD1   1 
ATOM   711 C CD2   . LEU A 1 103 ? 8.648   10.876  -0.080  1.00 68.73  ? 102 LEU A CD2   1 
ATOM   712 N N     . ARG A 1 104 ? 7.803   15.663  2.352   1.00 87.80  ? 103 ARG A N     1 
ATOM   713 C CA    . ARG A 1 104 ? 8.286   16.875  3.001   1.00 90.34  ? 103 ARG A CA    1 
ATOM   714 C C     . ARG A 1 104 ? 8.409   16.628  4.498   1.00 94.88  ? 103 ARG A C     1 
ATOM   715 O O     . ARG A 1 104 ? 7.466   16.144  5.132   1.00 90.83  ? 103 ARG A O     1 
ATOM   716 C CB    . ARG A 1 104 ? 7.346   18.052  2.728   1.00 87.69  ? 103 ARG A CB    1 
ATOM   717 C CG    . ARG A 1 104 ? 7.981   19.419  2.936   1.00 86.32  ? 103 ARG A CG    1 
ATOM   718 C CD    . ARG A 1 104 ? 7.000   20.543  2.632   1.00 89.79  ? 103 ARG A CD    1 
ATOM   719 N NE    . ARG A 1 104 ? 6.421   20.428  1.295   1.00 91.42  ? 103 ARG A NE    1 
ATOM   720 C CZ    . ARG A 1 104 ? 6.961   20.948  0.196   1.00 88.09  ? 103 ARG A CZ    1 
ATOM   721 N NH1   . ARG A 1 104 ? 8.102   21.619  0.268   1.00 86.82  ? 103 ARG A NH1   1 
ATOM   722 N NH2   . ARG A 1 104 ? 6.360   20.793  -0.977  1.00 85.36  ? 103 ARG A NH2   1 
ATOM   723 N N     . LEU A 1 105 ? 9.573   16.955  5.054   1.00 95.65  ? 104 LEU A N     1 
ATOM   724 C CA    . LEU A 1 105 ? 9.833   16.758  6.476   1.00 95.07  ? 104 LEU A CA    1 
ATOM   725 C C     . LEU A 1 105 ? 8.934   17.645  7.332   1.00 94.52  ? 104 LEU A C     1 
ATOM   726 O O     . LEU A 1 105 ? 9.413   18.394  8.184   1.00 94.20  ? 104 LEU A O     1 
ATOM   727 C CB    . LEU A 1 105 ? 11.302  17.040  6.796   1.00 95.13  ? 104 LEU A CB    1 
ATOM   728 C CG    . LEU A 1 105 ? 12.340  16.166  6.087   1.00 94.42  ? 104 LEU A CG    1 
ATOM   729 C CD1   . LEU A 1 105 ? 13.748  16.596  6.466   1.00 88.58  ? 104 LEU A CD1   1 
ATOM   730 C CD2   . LEU A 1 105 ? 12.119  14.698  6.414   1.00 97.58  ? 104 LEU A CD2   1 
HETATM 731 P PB    . ADP B 2 .   ? -2.348  0.922   7.786   1.00 62.83  ? 201 ADP A PB    1 
HETATM 732 O O1B   . ADP B 2 .   ? -1.718  -0.241  7.061   1.00 55.05  ? 201 ADP A O1B   1 
HETATM 733 O O2B   . ADP B 2 .   ? -1.527  1.462   8.931   1.00 69.24  ? 201 ADP A O2B   1 
HETATM 734 O O3B   . ADP B 2 .   ? -2.940  1.988   6.899   1.00 61.15  ? 201 ADP A O3B   1 
HETATM 735 P PA    . ADP B 2 .   ? -3.902  0.001   10.006  1.00 57.45  ? 201 ADP A PA    1 
HETATM 736 O O1A   . ADP B 2 .   ? -2.608  -0.221  10.750  1.00 69.51  ? 201 ADP A O1A   1 
HETATM 737 O O2A   . ADP B 2 .   ? -4.868  1.084   10.429  1.00 58.76  ? 201 ADP A O2A   1 
HETATM 738 O O3A   . ADP B 2 .   ? -3.653  0.253   8.437   1.00 53.81  ? 201 ADP A O3A   1 
HETATM 739 O "O5'" . ADP B 2 .   ? -4.628  -1.425  9.879   1.00 70.76  ? 201 ADP A "O5'" 1 
HETATM 740 C "C5'" . ADP B 2 .   ? -6.002  -1.581  10.199  1.00 71.99  ? 201 ADP A "C5'" 1 
HETATM 741 C "C4'" . ADP B 2 .   ? -6.803  -1.107  8.992   1.00 70.45  ? 201 ADP A "C4'" 1 
HETATM 742 O "O4'" . ADP B 2 .   ? -6.858  -2.088  7.948   1.00 66.36  ? 201 ADP A "O4'" 1 
HETATM 743 C "C3'" . ADP B 2 .   ? -8.232  -0.782  9.382   1.00 77.37  ? 201 ADP A "C3'" 1 
HETATM 744 O "O3'" . ADP B 2 .   ? -8.489  0.579   9.016   1.00 78.18  ? 201 ADP A "O3'" 1 
HETATM 745 C "C2'" . ADP B 2 .   ? -9.079  -1.701  8.535   1.00 67.65  ? 201 ADP A "C2'" 1 
HETATM 746 O "O2'" . ADP B 2 .   ? -10.246 -1.014  8.086   1.00 81.71  ? 201 ADP A "O2'" 1 
HETATM 747 C "C1'" . ADP B 2 .   ? -8.167  -2.044  7.370   1.00 63.51  ? 201 ADP A "C1'" 1 
HETATM 748 N N9    . ADP B 2 .   ? -8.545  -3.321  6.714   1.00 65.79  ? 201 ADP A N9    1 
HETATM 749 C C8    . ADP B 2 .   ? -8.735  -3.474  5.388   1.00 61.93  ? 201 ADP A C8    1 
HETATM 750 N N7    . ADP B 2 .   ? -9.084  -4.745  5.071   1.00 58.96  ? 201 ADP A N7    1 
HETATM 751 C C5    . ADP B 2 .   ? -9.124  -5.432  6.223   1.00 56.44  ? 201 ADP A C5    1 
HETATM 752 C C6    . ADP B 2 .   ? -9.424  -6.823  6.595   1.00 59.71  ? 201 ADP A C6    1 
HETATM 753 N N6    . ADP B 2 .   ? -9.754  -7.749  5.666   1.00 64.29  ? 201 ADP A N6    1 
HETATM 754 N N1    . ADP B 2 .   ? -9.356  -7.139  7.901   1.00 68.14  ? 201 ADP A N1    1 
HETATM 755 C C2    . ADP B 2 .   ? -9.031  -6.244  8.847   1.00 69.76  ? 201 ADP A C2    1 
HETATM 756 N N3    . ADP B 2 .   ? -8.746  -4.960  8.576   1.00 66.32  ? 201 ADP A N3    1 
HETATM 757 C C4    . ADP B 2 .   ? -8.775  -4.496  7.306   1.00 61.61  ? 201 ADP A C4    1 
HETATM 758 P P     . PO4 C 3 .   ? 2.287   0.876   14.939  1.00 102.25 ? 202 PO4 A P     1 
HETATM 759 O O1    . PO4 C 3 .   ? 3.087   -0.231  14.294  1.00 90.43  ? 202 PO4 A O1    1 
HETATM 760 O O2    . PO4 C 3 .   ? 3.222   1.978   15.377  1.00 104.11 ? 202 PO4 A O2    1 
HETATM 761 O O3    . PO4 C 3 .   ? 1.293   1.426   13.946  1.00 104.04 ? 202 PO4 A O3    1 
HETATM 762 O O4    . PO4 C 3 .   ? 1.549   0.328   16.138  1.00 98.26  ? 202 PO4 A O4    1 
HETATM 763 P P     . PO4 D 3 .   ? -0.637  4.955   7.740   0.70 77.95  ? 203 PO4 A P     1 
HETATM 764 O O1    . PO4 D 3 .   ? 0.463   3.956   7.473   0.70 63.92  ? 203 PO4 A O1    1 
HETATM 765 O O2    . PO4 D 3 .   ? -0.126  6.349   7.464   0.70 74.51  ? 203 PO4 A O2    1 
HETATM 766 O O3    . PO4 D 3 .   ? -1.816  4.663   6.841   0.70 62.55  ? 203 PO4 A O3    1 
HETATM 767 O O4    . PO4 D 3 .   ? -1.070  4.850   9.183   0.70 68.38  ? 203 PO4 A O4    1 
HETATM 768 O O     . HOH E 4 .   ? 5.084   2.403   3.853   1.00 47.68  ? 301 HOH A O     1 
HETATM 769 O O     . HOH E 4 .   ? 8.203   2.194   -12.849 1.00 51.69  ? 302 HOH A O     1 
HETATM 770 O O     . HOH E 4 .   ? -4.837  5.719   5.924   1.00 54.64  ? 303 HOH A O     1 
HETATM 771 O O     . HOH E 4 .   ? 10.460  1.126   -2.726  1.00 42.62  ? 304 HOH A O     1 
# 
loop_
_pdbx_poly_seq_scheme.asym_id 
_pdbx_poly_seq_scheme.entity_id 
_pdbx_poly_seq_scheme.seq_id 
_pdbx_poly_seq_scheme.mon_id 
_pdbx_poly_seq_scheme.ndb_seq_num 
_pdbx_poly_seq_scheme.pdb_seq_num 
_pdbx_poly_seq_scheme.auth_seq_num 
_pdbx_poly_seq_scheme.pdb_mon_id 
_pdbx_poly_seq_scheme.auth_mon_id 
_pdbx_poly_seq_scheme.pdb_strand_id 
_pdbx_poly_seq_scheme.pdb_ins_code 
_pdbx_poly_seq_scheme.hetero 
A 1 1   MET 1   0   ?   ?   ?   A . n 
A 1 2   ASN 2   1   ?   ?   ?   A . n 
A 1 3   GLY 3   2   ?   ?   ?   A . n 
A 1 4   SER 4   3   ?   ?   ?   A . n 
A 1 5   PRO 5   4   ?   ?   ?   A . n 
A 1 6   PRO 6   5   ?   ?   ?   A . n 
A 1 7   VAL 7   6   ?   ?   ?   A . n 
A 1 8   ILE 8   7   ?   ?   ?   A . n 
A 1 9   GLY 9   8   ?   ?   ?   A . n 
A 1 10  GLY 10  9   ?   ?   ?   A . n 
A 1 11  SER 11  10  ?   ?   ?   A . n 
A 1 12  SER 12  11  ?   ?   ?   A . n 
A 1 13  GLY 13  12  ?   ?   ?   A . n 
A 1 14  GLY 14  13  ?   ?   ?   A . n 
A 1 15  VAL 15  14  ?   ?   ?   A . n 
A 1 16  GLY 16  15  ?   ?   ?   A . n 
A 1 17  PRO 17  16  16  PRO PRO A . n 
A 1 18  MET 18  17  17  MET MET A . n 
A 1 19  ILE 19  18  18  ILE ILE A . n 
A 1 20  VAL 20  19  19  VAL VAL A . n 
A 1 21  GLU 21  20  20  GLU GLU A . n 
A 1 22  LEU 22  21  21  LEU LEU A . n 
A 1 23  PRO 23  22  22  PRO PRO A . n 
A 1 24  LEU 24  23  23  LEU LEU A . n 
A 1 25  GLU 25  24  24  GLU GLU A . n 
A 1 26  LYS 26  25  25  LYS LYS A . n 
A 1 27  ILE 27  26  26  ILE ILE A . n 
A 1 28  ARG 28  27  27  ARG ARG A . n 
A 1 29  ARG 29  28  28  ARG ARG A . n 
A 1 30  PRO 30  29  29  PRO PRO A . n 
A 1 31  LEU 31  30  30  LEU LEU A . n 
A 1 32  MET 32  31  31  MET MET A . n 
A 1 33  ARG 33  32  32  ARG ARG A . n 
A 1 34  THR 34  33  33  THR THR A . n 
A 1 35  ARG 35  34  34  ARG ARG A . n 
A 1 36  SER 36  35  35  SER SER A . n 
A 1 37  ASN 37  36  36  ASN ASN A . n 
A 1 38  ASP 38  37  37  ASP ASP A . n 
A 1 39  GLN 39  38  38  GLN GLN A . n 
A 1 40  ASN 40  39  39  ASN ASN A . n 
A 1 41  LYS 41  40  40  LYS LYS A . n 
A 1 42  VAL 42  41  41  VAL VAL A . n 
A 1 43  LYS 43  42  42  LYS LYS A . n 
A 1 44  GLU 44  43  43  GLU GLU A . n 
A 1 45  LEU 45  44  44  LEU LEU A . n 
A 1 46  MET 46  45  45  MET MET A . n 
A 1 47  ASP 47  46  46  ASP ASP A . n 
A 1 48  SER 48  47  47  SER SER A . n 
A 1 49  ILE 49  48  48  ILE ILE A . n 
A 1 50  ARG 50  49  49  ARG ARG A . n 
A 1 51  GLN 51  50  50  GLN GLN A . n 
A 1 52  ILE 52  51  51  ILE ILE A . n 
A 1 53  GLY 53  52  52  GLY GLY A . n 
A 1 54  LEU 54  53  53  LEU LEU A . n 
A 1 55  GLN 55  54  54  GLN GLN A . n 
A 1 56  VAL 56  55  55  VAL VAL A . n 
A 1 57  PRO 57  56  56  PRO PRO A . n 
A 1 58  ILE 58  57  57  ILE ILE A . n 
A 1 59  ASP 59  58  58  ASP ASP A . n 
A 1 60  VAL 60  59  59  VAL VAL A . n 
A 1 61  ILE 61  60  60  ILE ILE A . n 
A 1 62  GLU 62  61  61  GLU GLU A . n 
A 1 63  VAL 63  62  62  VAL VAL A . n 
A 1 64  ASP 64  63  63  ASP ASP A . n 
A 1 65  GLY 65  64  64  GLY GLY A . n 
A 1 66  THR 66  65  65  THR THR A . n 
A 1 67  TYR 67  66  66  TYR TYR A . n 
A 1 68  TYR 68  67  67  TYR TYR A . n 
A 1 69  GLY 69  68  68  GLY GLY A . n 
A 1 70  PHE 70  69  69  PHE PHE A . n 
A 1 71  SER 71  70  70  SER SER A . n 
A 1 72  GLY 72  71  71  GLY GLY A . n 
A 1 73  CYS 73  72  72  CYS CYS A . n 
A 1 74  HIS 74  73  73  HIS HIS A . n 
A 1 75  ARG 75  74  74  ARG ARG A . n 
A 1 76  TYR 76  75  75  TYR TYR A . n 
A 1 77  GLU 77  76  76  GLU GLU A . n 
A 1 78  ALA 78  77  77  ALA ALA A . n 
A 1 79  HIS 79  78  78  HIS HIS A . n 
A 1 80  GLN 80  79  79  GLN GLN A . n 
A 1 81  LYS 81  80  80  LYS LYS A . n 
A 1 82  LEU 82  81  81  LEU LEU A . n 
A 1 83  GLY 83  82  82  GLY GLY A . n 
A 1 84  LEU 84  83  83  LEU LEU A . n 
A 1 85  PRO 85  84  84  PRO PRO A . n 
A 1 86  THR 86  85  85  THR THR A . n 
A 1 87  ILE 87  86  86  ILE ILE A . n 
A 1 88  ARG 88  87  87  ARG ARG A . n 
A 1 89  CYS 89  88  88  CYS CYS A . n 
A 1 90  LYS 90  89  89  LYS LYS A . n 
A 1 91  ILE 91  90  90  ILE ILE A . n 
A 1 92  ARG 92  91  91  ARG ARG A . n 
A 1 93  LYS 93  92  92  LYS LYS A . n 
A 1 94  GLY 94  93  93  GLY GLY A . n 
A 1 95  THR 95  94  94  THR THR A . n 
A 1 96  LYS 96  95  95  LYS LYS A . n 
A 1 97  GLU 97  96  96  GLU GLU A . n 
A 1 98  THR 98  97  97  THR THR A . n 
A 1 99  LEU 99  98  98  LEU LEU A . n 
A 1 100 ARG 100 99  99  ARG ARG A . n 
A 1 101 HIS 101 100 100 HIS HIS A . n 
A 1 102 HIS 102 101 101 HIS HIS A . n 
A 1 103 LEU 103 102 102 LEU LEU A . n 
A 1 104 ARG 104 103 103 ARG ARG A . n 
A 1 105 LEU 105 104 104 LEU LEU A . n 
A 1 106 GLU 106 105 ?   ?   ?   A . n 
A 1 107 HIS 107 106 ?   ?   ?   A . n 
A 1 108 HIS 108 107 ?   ?   ?   A . n 
A 1 109 HIS 109 108 ?   ?   ?   A . n 
A 1 110 HIS 110 109 ?   ?   ?   A . n 
A 1 111 HIS 111 110 ?   ?   ?   A . n 
A 1 112 HIS 112 111 ?   ?   ?   A . n 
# 
loop_
_pdbx_nonpoly_scheme.asym_id 
_pdbx_nonpoly_scheme.entity_id 
_pdbx_nonpoly_scheme.mon_id 
_pdbx_nonpoly_scheme.ndb_seq_num 
_pdbx_nonpoly_scheme.pdb_seq_num 
_pdbx_nonpoly_scheme.auth_seq_num 
_pdbx_nonpoly_scheme.pdb_mon_id 
_pdbx_nonpoly_scheme.auth_mon_id 
_pdbx_nonpoly_scheme.pdb_strand_id 
_pdbx_nonpoly_scheme.pdb_ins_code 
B 2 ADP 1 201 1 ADP ADP A . 
C 3 PO4 1 202 1 PO4 PO4 A . 
D 3 PO4 1 203 2 PO4 PO4 A . 
E 4 HOH 1 301 2 HOH HOH A . 
E 4 HOH 2 302 1 HOH HOH A . 
E 4 HOH 3 303 4 HOH HOH A . 
E 4 HOH 4 304 3 HOH HOH A . 
# 
_pdbx_struct_assembly.id                   1 
_pdbx_struct_assembly.details              author_and_software_defined_assembly 
_pdbx_struct_assembly.method_details       PISA 
_pdbx_struct_assembly.oligomeric_details   monomeric 
_pdbx_struct_assembly.oligomeric_count     1 
# 
_pdbx_struct_assembly_gen.assembly_id       1 
_pdbx_struct_assembly_gen.oper_expression   1 
_pdbx_struct_assembly_gen.asym_id_list      A,B,C,D,E 
# 
loop_
_pdbx_struct_assembly_prop.biol_id 
_pdbx_struct_assembly_prop.type 
_pdbx_struct_assembly_prop.value 
_pdbx_struct_assembly_prop.details 
1 'ABSA (A^2)' 760  ? 
1 MORE         -11  ? 
1 'SSA (A^2)'  6170 ? 
# 
_pdbx_struct_oper_list.id                   1 
_pdbx_struct_oper_list.type                 'identity operation' 
_pdbx_struct_oper_list.name                 1_555 
_pdbx_struct_oper_list.symmetry_operation   x,y,z 
_pdbx_struct_oper_list.matrix[1][1]         1.0000000000 
_pdbx_struct_oper_list.matrix[1][2]         0.0000000000 
_pdbx_struct_oper_list.matrix[1][3]         0.0000000000 
_pdbx_struct_oper_list.vector[1]            0.0000000000 
_pdbx_struct_oper_list.matrix[2][1]         0.0000000000 
_pdbx_struct_oper_list.matrix[2][2]         1.0000000000 
_pdbx_struct_oper_list.matrix[2][3]         0.0000000000 
_pdbx_struct_oper_list.vector[2]            0.0000000000 
_pdbx_struct_oper_list.matrix[3][1]         0.0000000000 
_pdbx_struct_oper_list.matrix[3][2]         0.0000000000 
_pdbx_struct_oper_list.matrix[3][3]         1.0000000000 
_pdbx_struct_oper_list.vector[3]            0.0000000000 
# 
loop_
_pdbx_audit_revision_history.ordinal 
_pdbx_audit_revision_history.data_content_type 
_pdbx_audit_revision_history.major_revision 
_pdbx_audit_revision_history.minor_revision 
_pdbx_audit_revision_history.revision_date 
1 'Structure model' 1 0 2019-10-16 
2 'Structure model' 1 1 2019-10-23 
3 'Structure model' 1 2 2019-11-13 
4 'Structure model' 1 3 2023-11-22 
# 
_pdbx_audit_revision_details.ordinal             1 
_pdbx_audit_revision_details.revision_ordinal    1 
_pdbx_audit_revision_details.data_content_type   'Structure model' 
_pdbx_audit_revision_details.provider            repository 
_pdbx_audit_revision_details.type                'Initial release' 
_pdbx_audit_revision_details.description         ? 
_pdbx_audit_revision_details.details             ? 
# 
loop_
_pdbx_audit_revision_group.ordinal 
_pdbx_audit_revision_group.revision_ordinal 
_pdbx_audit_revision_group.data_content_type 
_pdbx_audit_revision_group.group 
1 2 'Structure model' 'Data collection'        
2 2 'Structure model' 'Database references'    
3 3 'Structure model' 'Data collection'        
4 3 'Structure model' 'Database references'    
5 4 'Structure model' 'Data collection'        
6 4 'Structure model' 'Database references'    
7 4 'Structure model' 'Refinement description' 
# 
loop_
_pdbx_audit_revision_category.ordinal 
_pdbx_audit_revision_category.revision_ordinal 
_pdbx_audit_revision_category.data_content_type 
_pdbx_audit_revision_category.category 
1 2 'Structure model' citation                      
2 2 'Structure model' citation_author               
3 3 'Structure model' citation                      
4 4 'Structure model' chem_comp_atom                
5 4 'Structure model' chem_comp_bond                
6 4 'Structure model' database_2                    
7 4 'Structure model' pdbx_initial_refinement_model 
# 
loop_
_pdbx_audit_revision_item.ordinal 
_pdbx_audit_revision_item.revision_ordinal 
_pdbx_audit_revision_item.data_content_type 
_pdbx_audit_revision_item.item 
1 2 'Structure model' '_citation.pdbx_database_id_PubMed'   
2 2 'Structure model' '_citation.title'                     
3 2 'Structure model' '_citation_author.name'               
4 3 'Structure model' '_citation.journal_volume'            
5 3 'Structure model' '_citation.page_first'                
6 3 'Structure model' '_citation.page_last'                 
7 4 'Structure model' '_database_2.pdbx_DOI'                
8 4 'Structure model' '_database_2.pdbx_database_accession' 
# 
loop_
_software.citation_id 
_software.classification 
_software.compiler_name 
_software.compiler_version 
_software.contact_author 
_software.contact_author_email 
_software.date 
_software.description 
_software.dependencies 
_software.hardware 
_software.language 
_software.location 
_software.mods 
_software.name 
_software.os 
_software.os_version 
_software.type 
_software.version 
_software.pdbx_ordinal 
? 'data scaling'    ? ? ? ? ? ? ? ? ? ? ? HKL-2000    ? ? ? .         1 
? refinement        ? ? ? ? ? ? ? ? ? ? ? PHENIX      ? ? ? 1.14_3260 2 
? 'data extraction' ? ? ? ? ? ? ? ? ? ? ? PDB_EXTRACT ? ? ? 3.25      3 
? 'data reduction'  ? ? ? ? ? ? ? ? ? ? ? HKL-2000    ? ? ? .         4 
? phasing           ? ? ? ? ? ? ? ? ? ? ? PHASER      ? ? ? .         5 
# 
_pdbx_entry_details.entry_id                 6KY4 
_pdbx_entry_details.has_ligand_of_interest   Y 
_pdbx_entry_details.compound_details         ? 
_pdbx_entry_details.source_details           ? 
_pdbx_entry_details.nonpolymer_details       ? 
_pdbx_entry_details.sequence_details         ? 
# 
loop_
_pdbx_validate_torsion.id 
_pdbx_validate_torsion.PDB_model_num 
_pdbx_validate_torsion.auth_comp_id 
_pdbx_validate_torsion.auth_asym_id 
_pdbx_validate_torsion.auth_seq_id 
_pdbx_validate_torsion.PDB_ins_code 
_pdbx_validate_torsion.label_alt_id 
_pdbx_validate_torsion.phi 
_pdbx_validate_torsion.psi 
1 1 THR A 33 ? ? -102.57 64.58 
2 1 ARG A 34 ? ? -104.94 67.37 
# 
loop_
_pdbx_unobs_or_zero_occ_residues.id 
_pdbx_unobs_or_zero_occ_residues.PDB_model_num 
_pdbx_unobs_or_zero_occ_residues.polymer_flag 
_pdbx_unobs_or_zero_occ_residues.occupancy_flag 
_pdbx_unobs_or_zero_occ_residues.auth_asym_id 
_pdbx_unobs_or_zero_occ_residues.auth_comp_id 
_pdbx_unobs_or_zero_occ_residues.auth_seq_id 
_pdbx_unobs_or_zero_occ_residues.PDB_ins_code 
_pdbx_unobs_or_zero_occ_residues.label_asym_id 
_pdbx_unobs_or_zero_occ_residues.label_comp_id 
_pdbx_unobs_or_zero_occ_residues.label_seq_id 
1  1 Y 1 A MET 0   ? A MET 1   
2  1 Y 1 A ASN 1   ? A ASN 2   
3  1 Y 1 A GLY 2   ? A GLY 3   
4  1 Y 1 A SER 3   ? A SER 4   
5  1 Y 1 A PRO 4   ? A PRO 5   
6  1 Y 1 A PRO 5   ? A PRO 6   
7  1 Y 1 A VAL 6   ? A VAL 7   
8  1 Y 1 A ILE 7   ? A ILE 8   
9  1 Y 1 A GLY 8   ? A GLY 9   
10 1 Y 1 A GLY 9   ? A GLY 10  
11 1 Y 1 A SER 10  ? A SER 11  
12 1 Y 1 A SER 11  ? A SER 12  
13 1 Y 1 A GLY 12  ? A GLY 13  
14 1 Y 1 A GLY 13  ? A GLY 14  
15 1 Y 1 A VAL 14  ? A VAL 15  
16 1 Y 1 A GLY 15  ? A GLY 16  
17 1 Y 1 A GLU 105 ? A GLU 106 
18 1 Y 1 A HIS 106 ? A HIS 107 
19 1 Y 1 A HIS 107 ? A HIS 108 
20 1 Y 1 A HIS 108 ? A HIS 109 
21 1 Y 1 A HIS 109 ? A HIS 110 
22 1 Y 1 A HIS 110 ? A HIS 111 
23 1 Y 1 A HIS 111 ? A HIS 112 
# 
loop_
_chem_comp_atom.comp_id 
_chem_comp_atom.atom_id 
_chem_comp_atom.type_symbol 
_chem_comp_atom.pdbx_aromatic_flag 
_chem_comp_atom.pdbx_stereo_config 
_chem_comp_atom.pdbx_ordinal 
ADP PB     P N N 1   
ADP O1B    O N N 2   
ADP O2B    O N N 3   
ADP O3B    O N N 4   
ADP PA     P N S 5   
ADP O1A    O N N 6   
ADP O2A    O N N 7   
ADP O3A    O N N 8   
ADP "O5'"  O N N 9   
ADP "C5'"  C N N 10  
ADP "C4'"  C N R 11  
ADP "O4'"  O N N 12  
ADP "C3'"  C N S 13  
ADP "O3'"  O N N 14  
ADP "C2'"  C N R 15  
ADP "O2'"  O N N 16  
ADP "C1'"  C N R 17  
ADP N9     N Y N 18  
ADP C8     C Y N 19  
ADP N7     N Y N 20  
ADP C5     C Y N 21  
ADP C6     C Y N 22  
ADP N6     N N N 23  
ADP N1     N Y N 24  
ADP C2     C Y N 25  
ADP N3     N Y N 26  
ADP C4     C Y N 27  
ADP HOB2   H N N 28  
ADP HOB3   H N N 29  
ADP HOA2   H N N 30  
ADP "H5'1" H N N 31  
ADP "H5'2" H N N 32  
ADP "H4'"  H N N 33  
ADP "H3'"  H N N 34  
ADP "HO3'" H N N 35  
ADP "H2'"  H N N 36  
ADP "HO2'" H N N 37  
ADP "H1'"  H N N 38  
ADP H8     H N N 39  
ADP HN61   H N N 40  
ADP HN62   H N N 41  
ADP H2     H N N 42  
ALA N      N N N 43  
ALA CA     C N S 44  
ALA C      C N N 45  
ALA O      O N N 46  
ALA CB     C N N 47  
ALA OXT    O N N 48  
ALA H      H N N 49  
ALA H2     H N N 50  
ALA HA     H N N 51  
ALA HB1    H N N 52  
ALA HB2    H N N 53  
ALA HB3    H N N 54  
ALA HXT    H N N 55  
ARG N      N N N 56  
ARG CA     C N S 57  
ARG C      C N N 58  
ARG O      O N N 59  
ARG CB     C N N 60  
ARG CG     C N N 61  
ARG CD     C N N 62  
ARG NE     N N N 63  
ARG CZ     C N N 64  
ARG NH1    N N N 65  
ARG NH2    N N N 66  
ARG OXT    O N N 67  
ARG H      H N N 68  
ARG H2     H N N 69  
ARG HA     H N N 70  
ARG HB2    H N N 71  
ARG HB3    H N N 72  
ARG HG2    H N N 73  
ARG HG3    H N N 74  
ARG HD2    H N N 75  
ARG HD3    H N N 76  
ARG HE     H N N 77  
ARG HH11   H N N 78  
ARG HH12   H N N 79  
ARG HH21   H N N 80  
ARG HH22   H N N 81  
ARG HXT    H N N 82  
ASN N      N N N 83  
ASN CA     C N S 84  
ASN C      C N N 85  
ASN O      O N N 86  
ASN CB     C N N 87  
ASN CG     C N N 88  
ASN OD1    O N N 89  
ASN ND2    N N N 90  
ASN OXT    O N N 91  
ASN H      H N N 92  
ASN H2     H N N 93  
ASN HA     H N N 94  
ASN HB2    H N N 95  
ASN HB3    H N N 96  
ASN HD21   H N N 97  
ASN HD22   H N N 98  
ASN HXT    H N N 99  
ASP N      N N N 100 
ASP CA     C N S 101 
ASP C      C N N 102 
ASP O      O N N 103 
ASP CB     C N N 104 
ASP CG     C N N 105 
ASP OD1    O N N 106 
ASP OD2    O N N 107 
ASP OXT    O N N 108 
ASP H      H N N 109 
ASP H2     H N N 110 
ASP HA     H N N 111 
ASP HB2    H N N 112 
ASP HB3    H N N 113 
ASP HD2    H N N 114 
ASP HXT    H N N 115 
CYS N      N N N 116 
CYS CA     C N R 117 
CYS C      C N N 118 
CYS O      O N N 119 
CYS CB     C N N 120 
CYS SG     S N N 121 
CYS OXT    O N N 122 
CYS H      H N N 123 
CYS H2     H N N 124 
CYS HA     H N N 125 
CYS HB2    H N N 126 
CYS HB3    H N N 127 
CYS HG     H N N 128 
CYS HXT    H N N 129 
GLN N      N N N 130 
GLN CA     C N S 131 
GLN C      C N N 132 
GLN O      O N N 133 
GLN CB     C N N 134 
GLN CG     C N N 135 
GLN CD     C N N 136 
GLN OE1    O N N 137 
GLN NE2    N N N 138 
GLN OXT    O N N 139 
GLN H      H N N 140 
GLN H2     H N N 141 
GLN HA     H N N 142 
GLN HB2    H N N 143 
GLN HB3    H N N 144 
GLN HG2    H N N 145 
GLN HG3    H N N 146 
GLN HE21   H N N 147 
GLN HE22   H N N 148 
GLN HXT    H N N 149 
GLU N      N N N 150 
GLU CA     C N S 151 
GLU C      C N N 152 
GLU O      O N N 153 
GLU CB     C N N 154 
GLU CG     C N N 155 
GLU CD     C N N 156 
GLU OE1    O N N 157 
GLU OE2    O N N 158 
GLU OXT    O N N 159 
GLU H      H N N 160 
GLU H2     H N N 161 
GLU HA     H N N 162 
GLU HB2    H N N 163 
GLU HB3    H N N 164 
GLU HG2    H N N 165 
GLU HG3    H N N 166 
GLU HE2    H N N 167 
GLU HXT    H N N 168 
GLY N      N N N 169 
GLY CA     C N N 170 
GLY C      C N N 171 
GLY O      O N N 172 
GLY OXT    O N N 173 
GLY H      H N N 174 
GLY H2     H N N 175 
GLY HA2    H N N 176 
GLY HA3    H N N 177 
GLY HXT    H N N 178 
HIS N      N N N 179 
HIS CA     C N S 180 
HIS C      C N N 181 
HIS O      O N N 182 
HIS CB     C N N 183 
HIS CG     C Y N 184 
HIS ND1    N Y N 185 
HIS CD2    C Y N 186 
HIS CE1    C Y N 187 
HIS NE2    N Y N 188 
HIS OXT    O N N 189 
HIS H      H N N 190 
HIS H2     H N N 191 
HIS HA     H N N 192 
HIS HB2    H N N 193 
HIS HB3    H N N 194 
HIS HD1    H N N 195 
HIS HD2    H N N 196 
HIS HE1    H N N 197 
HIS HE2    H N N 198 
HIS HXT    H N N 199 
HOH O      O N N 200 
HOH H1     H N N 201 
HOH H2     H N N 202 
ILE N      N N N 203 
ILE CA     C N S 204 
ILE C      C N N 205 
ILE O      O N N 206 
ILE CB     C N S 207 
ILE CG1    C N N 208 
ILE CG2    C N N 209 
ILE CD1    C N N 210 
ILE OXT    O N N 211 
ILE H      H N N 212 
ILE H2     H N N 213 
ILE HA     H N N 214 
ILE HB     H N N 215 
ILE HG12   H N N 216 
ILE HG13   H N N 217 
ILE HG21   H N N 218 
ILE HG22   H N N 219 
ILE HG23   H N N 220 
ILE HD11   H N N 221 
ILE HD12   H N N 222 
ILE HD13   H N N 223 
ILE HXT    H N N 224 
LEU N      N N N 225 
LEU CA     C N S 226 
LEU C      C N N 227 
LEU O      O N N 228 
LEU CB     C N N 229 
LEU CG     C N N 230 
LEU CD1    C N N 231 
LEU CD2    C N N 232 
LEU OXT    O N N 233 
LEU H      H N N 234 
LEU H2     H N N 235 
LEU HA     H N N 236 
LEU HB2    H N N 237 
LEU HB3    H N N 238 
LEU HG     H N N 239 
LEU HD11   H N N 240 
LEU HD12   H N N 241 
LEU HD13   H N N 242 
LEU HD21   H N N 243 
LEU HD22   H N N 244 
LEU HD23   H N N 245 
LEU HXT    H N N 246 
LYS N      N N N 247 
LYS CA     C N S 248 
LYS C      C N N 249 
LYS O      O N N 250 
LYS CB     C N N 251 
LYS CG     C N N 252 
LYS CD     C N N 253 
LYS CE     C N N 254 
LYS NZ     N N N 255 
LYS OXT    O N N 256 
LYS H      H N N 257 
LYS H2     H N N 258 
LYS HA     H N N 259 
LYS HB2    H N N 260 
LYS HB3    H N N 261 
LYS HG2    H N N 262 
LYS HG3    H N N 263 
LYS HD2    H N N 264 
LYS HD3    H N N 265 
LYS HE2    H N N 266 
LYS HE3    H N N 267 
LYS HZ1    H N N 268 
LYS HZ2    H N N 269 
LYS HZ3    H N N 270 
LYS HXT    H N N 271 
MET N      N N N 272 
MET CA     C N S 273 
MET C      C N N 274 
MET O      O N N 275 
MET CB     C N N 276 
MET CG     C N N 277 
MET SD     S N N 278 
MET CE     C N N 279 
MET OXT    O N N 280 
MET H      H N N 281 
MET H2     H N N 282 
MET HA     H N N 283 
MET HB2    H N N 284 
MET HB3    H N N 285 
MET HG2    H N N 286 
MET HG3    H N N 287 
MET HE1    H N N 288 
MET HE2    H N N 289 
MET HE3    H N N 290 
MET HXT    H N N 291 
PHE N      N N N 292 
PHE CA     C N S 293 
PHE C      C N N 294 
PHE O      O N N 295 
PHE CB     C N N 296 
PHE CG     C Y N 297 
PHE CD1    C Y N 298 
PHE CD2    C Y N 299 
PHE CE1    C Y N 300 
PHE CE2    C Y N 301 
PHE CZ     C Y N 302 
PHE OXT    O N N 303 
PHE H      H N N 304 
PHE H2     H N N 305 
PHE HA     H N N 306 
PHE HB2    H N N 307 
PHE HB3    H N N 308 
PHE HD1    H N N 309 
PHE HD2    H N N 310 
PHE HE1    H N N 311 
PHE HE2    H N N 312 
PHE HZ     H N N 313 
PHE HXT    H N N 314 
PO4 P      P N N 315 
PO4 O1     O N N 316 
PO4 O2     O N N 317 
PO4 O3     O N N 318 
PO4 O4     O N N 319 
PRO N      N N N 320 
PRO CA     C N S 321 
PRO C      C N N 322 
PRO O      O N N 323 
PRO CB     C N N 324 
PRO CG     C N N 325 
PRO CD     C N N 326 
PRO OXT    O N N 327 
PRO H      H N N 328 
PRO HA     H N N 329 
PRO HB2    H N N 330 
PRO HB3    H N N 331 
PRO HG2    H N N 332 
PRO HG3    H N N 333 
PRO HD2    H N N 334 
PRO HD3    H N N 335 
PRO HXT    H N N 336 
SER N      N N N 337 
SER CA     C N S 338 
SER C      C N N 339 
SER O      O N N 340 
SER CB     C N N 341 
SER OG     O N N 342 
SER OXT    O N N 343 
SER H      H N N 344 
SER H2     H N N 345 
SER HA     H N N 346 
SER HB2    H N N 347 
SER HB3    H N N 348 
SER HG     H N N 349 
SER HXT    H N N 350 
THR N      N N N 351 
THR CA     C N S 352 
THR C      C N N 353 
THR O      O N N 354 
THR CB     C N R 355 
THR OG1    O N N 356 
THR CG2    C N N 357 
THR OXT    O N N 358 
THR H      H N N 359 
THR H2     H N N 360 
THR HA     H N N 361 
THR HB     H N N 362 
THR HG1    H N N 363 
THR HG21   H N N 364 
THR HG22   H N N 365 
THR HG23   H N N 366 
THR HXT    H N N 367 
TYR N      N N N 368 
TYR CA     C N S 369 
TYR C      C N N 370 
TYR O      O N N 371 
TYR CB     C N N 372 
TYR CG     C Y N 373 
TYR CD1    C Y N 374 
TYR CD2    C Y N 375 
TYR CE1    C Y N 376 
TYR CE2    C Y N 377 
TYR CZ     C Y N 378 
TYR OH     O N N 379 
TYR OXT    O N N 380 
TYR H      H N N 381 
TYR H2     H N N 382 
TYR HA     H N N 383 
TYR HB2    H N N 384 
TYR HB3    H N N 385 
TYR HD1    H N N 386 
TYR HD2    H N N 387 
TYR HE1    H N N 388 
TYR HE2    H N N 389 
TYR HH     H N N 390 
TYR HXT    H N N 391 
VAL N      N N N 392 
VAL CA     C N S 393 
VAL C      C N N 394 
VAL O      O N N 395 
VAL CB     C N N 396 
VAL CG1    C N N 397 
VAL CG2    C N N 398 
VAL OXT    O N N 399 
VAL H      H N N 400 
VAL H2     H N N 401 
VAL HA     H N N 402 
VAL HB     H N N 403 
VAL HG11   H N N 404 
VAL HG12   H N N 405 
VAL HG13   H N N 406 
VAL HG21   H N N 407 
VAL HG22   H N N 408 
VAL HG23   H N N 409 
VAL HXT    H N N 410 
# 
loop_
_chem_comp_bond.comp_id 
_chem_comp_bond.atom_id_1 
_chem_comp_bond.atom_id_2 
_chem_comp_bond.value_order 
_chem_comp_bond.pdbx_aromatic_flag 
_chem_comp_bond.pdbx_stereo_config 
_chem_comp_bond.pdbx_ordinal 
ADP PB    O1B    doub N N 1   
ADP PB    O2B    sing N N 2   
ADP PB    O3B    sing N N 3   
ADP PB    O3A    sing N N 4   
ADP O2B   HOB2   sing N N 5   
ADP O3B   HOB3   sing N N 6   
ADP PA    O1A    doub N N 7   
ADP PA    O2A    sing N N 8   
ADP PA    O3A    sing N N 9   
ADP PA    "O5'"  sing N N 10  
ADP O2A   HOA2   sing N N 11  
ADP "O5'" "C5'"  sing N N 12  
ADP "C5'" "C4'"  sing N N 13  
ADP "C5'" "H5'1" sing N N 14  
ADP "C5'" "H5'2" sing N N 15  
ADP "C4'" "O4'"  sing N N 16  
ADP "C4'" "C3'"  sing N N 17  
ADP "C4'" "H4'"  sing N N 18  
ADP "O4'" "C1'"  sing N N 19  
ADP "C3'" "O3'"  sing N N 20  
ADP "C3'" "C2'"  sing N N 21  
ADP "C3'" "H3'"  sing N N 22  
ADP "O3'" "HO3'" sing N N 23  
ADP "C2'" "O2'"  sing N N 24  
ADP "C2'" "C1'"  sing N N 25  
ADP "C2'" "H2'"  sing N N 26  
ADP "O2'" "HO2'" sing N N 27  
ADP "C1'" N9     sing N N 28  
ADP "C1'" "H1'"  sing N N 29  
ADP N9    C8     sing Y N 30  
ADP N9    C4     sing Y N 31  
ADP C8    N7     doub Y N 32  
ADP C8    H8     sing N N 33  
ADP N7    C5     sing Y N 34  
ADP C5    C6     sing Y N 35  
ADP C5    C4     doub Y N 36  
ADP C6    N6     sing N N 37  
ADP C6    N1     doub Y N 38  
ADP N6    HN61   sing N N 39  
ADP N6    HN62   sing N N 40  
ADP N1    C2     sing Y N 41  
ADP C2    N3     doub Y N 42  
ADP C2    H2     sing N N 43  
ADP N3    C4     sing Y N 44  
ALA N     CA     sing N N 45  
ALA N     H      sing N N 46  
ALA N     H2     sing N N 47  
ALA CA    C      sing N N 48  
ALA CA    CB     sing N N 49  
ALA CA    HA     sing N N 50  
ALA C     O      doub N N 51  
ALA C     OXT    sing N N 52  
ALA CB    HB1    sing N N 53  
ALA CB    HB2    sing N N 54  
ALA CB    HB3    sing N N 55  
ALA OXT   HXT    sing N N 56  
ARG N     CA     sing N N 57  
ARG N     H      sing N N 58  
ARG N     H2     sing N N 59  
ARG CA    C      sing N N 60  
ARG CA    CB     sing N N 61  
ARG CA    HA     sing N N 62  
ARG C     O      doub N N 63  
ARG C     OXT    sing N N 64  
ARG CB    CG     sing N N 65  
ARG CB    HB2    sing N N 66  
ARG CB    HB3    sing N N 67  
ARG CG    CD     sing N N 68  
ARG CG    HG2    sing N N 69  
ARG CG    HG3    sing N N 70  
ARG CD    NE     sing N N 71  
ARG CD    HD2    sing N N 72  
ARG CD    HD3    sing N N 73  
ARG NE    CZ     sing N N 74  
ARG NE    HE     sing N N 75  
ARG CZ    NH1    sing N N 76  
ARG CZ    NH2    doub N N 77  
ARG NH1   HH11   sing N N 78  
ARG NH1   HH12   sing N N 79  
ARG NH2   HH21   sing N N 80  
ARG NH2   HH22   sing N N 81  
ARG OXT   HXT    sing N N 82  
ASN N     CA     sing N N 83  
ASN N     H      sing N N 84  
ASN N     H2     sing N N 85  
ASN CA    C      sing N N 86  
ASN CA    CB     sing N N 87  
ASN CA    HA     sing N N 88  
ASN C     O      doub N N 89  
ASN C     OXT    sing N N 90  
ASN CB    CG     sing N N 91  
ASN CB    HB2    sing N N 92  
ASN CB    HB3    sing N N 93  
ASN CG    OD1    doub N N 94  
ASN CG    ND2    sing N N 95  
ASN ND2   HD21   sing N N 96  
ASN ND2   HD22   sing N N 97  
ASN OXT   HXT    sing N N 98  
ASP N     CA     sing N N 99  
ASP N     H      sing N N 100 
ASP N     H2     sing N N 101 
ASP CA    C      sing N N 102 
ASP CA    CB     sing N N 103 
ASP CA    HA     sing N N 104 
ASP C     O      doub N N 105 
ASP C     OXT    sing N N 106 
ASP CB    CG     sing N N 107 
ASP CB    HB2    sing N N 108 
ASP CB    HB3    sing N N 109 
ASP CG    OD1    doub N N 110 
ASP CG    OD2    sing N N 111 
ASP OD2   HD2    sing N N 112 
ASP OXT   HXT    sing N N 113 
CYS N     CA     sing N N 114 
CYS N     H      sing N N 115 
CYS N     H2     sing N N 116 
CYS CA    C      sing N N 117 
CYS CA    CB     sing N N 118 
CYS CA    HA     sing N N 119 
CYS C     O      doub N N 120 
CYS C     OXT    sing N N 121 
CYS CB    SG     sing N N 122 
CYS CB    HB2    sing N N 123 
CYS CB    HB3    sing N N 124 
CYS SG    HG     sing N N 125 
CYS OXT   HXT    sing N N 126 
GLN N     CA     sing N N 127 
GLN N     H      sing N N 128 
GLN N     H2     sing N N 129 
GLN CA    C      sing N N 130 
GLN CA    CB     sing N N 131 
GLN CA    HA     sing N N 132 
GLN C     O      doub N N 133 
GLN C     OXT    sing N N 134 
GLN CB    CG     sing N N 135 
GLN CB    HB2    sing N N 136 
GLN CB    HB3    sing N N 137 
GLN CG    CD     sing N N 138 
GLN CG    HG2    sing N N 139 
GLN CG    HG3    sing N N 140 
GLN CD    OE1    doub N N 141 
GLN CD    NE2    sing N N 142 
GLN NE2   HE21   sing N N 143 
GLN NE2   HE22   sing N N 144 
GLN OXT   HXT    sing N N 145 
GLU N     CA     sing N N 146 
GLU N     H      sing N N 147 
GLU N     H2     sing N N 148 
GLU CA    C      sing N N 149 
GLU CA    CB     sing N N 150 
GLU CA    HA     sing N N 151 
GLU C     O      doub N N 152 
GLU C     OXT    sing N N 153 
GLU CB    CG     sing N N 154 
GLU CB    HB2    sing N N 155 
GLU CB    HB3    sing N N 156 
GLU CG    CD     sing N N 157 
GLU CG    HG2    sing N N 158 
GLU CG    HG3    sing N N 159 
GLU CD    OE1    doub N N 160 
GLU CD    OE2    sing N N 161 
GLU OE2   HE2    sing N N 162 
GLU OXT   HXT    sing N N 163 
GLY N     CA     sing N N 164 
GLY N     H      sing N N 165 
GLY N     H2     sing N N 166 
GLY CA    C      sing N N 167 
GLY CA    HA2    sing N N 168 
GLY CA    HA3    sing N N 169 
GLY C     O      doub N N 170 
GLY C     OXT    sing N N 171 
GLY OXT   HXT    sing N N 172 
HIS N     CA     sing N N 173 
HIS N     H      sing N N 174 
HIS N     H2     sing N N 175 
HIS CA    C      sing N N 176 
HIS CA    CB     sing N N 177 
HIS CA    HA     sing N N 178 
HIS C     O      doub N N 179 
HIS C     OXT    sing N N 180 
HIS CB    CG     sing N N 181 
HIS CB    HB2    sing N N 182 
HIS CB    HB3    sing N N 183 
HIS CG    ND1    sing Y N 184 
HIS CG    CD2    doub Y N 185 
HIS ND1   CE1    doub Y N 186 
HIS ND1   HD1    sing N N 187 
HIS CD2   NE2    sing Y N 188 
HIS CD2   HD2    sing N N 189 
HIS CE1   NE2    sing Y N 190 
HIS CE1   HE1    sing N N 191 
HIS NE2   HE2    sing N N 192 
HIS OXT   HXT    sing N N 193 
HOH O     H1     sing N N 194 
HOH O     H2     sing N N 195 
ILE N     CA     sing N N 196 
ILE N     H      sing N N 197 
ILE N     H2     sing N N 198 
ILE CA    C      sing N N 199 
ILE CA    CB     sing N N 200 
ILE CA    HA     sing N N 201 
ILE C     O      doub N N 202 
ILE C     OXT    sing N N 203 
ILE CB    CG1    sing N N 204 
ILE CB    CG2    sing N N 205 
ILE CB    HB     sing N N 206 
ILE CG1   CD1    sing N N 207 
ILE CG1   HG12   sing N N 208 
ILE CG1   HG13   sing N N 209 
ILE CG2   HG21   sing N N 210 
ILE CG2   HG22   sing N N 211 
ILE CG2   HG23   sing N N 212 
ILE CD1   HD11   sing N N 213 
ILE CD1   HD12   sing N N 214 
ILE CD1   HD13   sing N N 215 
ILE OXT   HXT    sing N N 216 
LEU N     CA     sing N N 217 
LEU N     H      sing N N 218 
LEU N     H2     sing N N 219 
LEU CA    C      sing N N 220 
LEU CA    CB     sing N N 221 
LEU CA    HA     sing N N 222 
LEU C     O      doub N N 223 
LEU C     OXT    sing N N 224 
LEU CB    CG     sing N N 225 
LEU CB    HB2    sing N N 226 
LEU CB    HB3    sing N N 227 
LEU CG    CD1    sing N N 228 
LEU CG    CD2    sing N N 229 
LEU CG    HG     sing N N 230 
LEU CD1   HD11   sing N N 231 
LEU CD1   HD12   sing N N 232 
LEU CD1   HD13   sing N N 233 
LEU CD2   HD21   sing N N 234 
LEU CD2   HD22   sing N N 235 
LEU CD2   HD23   sing N N 236 
LEU OXT   HXT    sing N N 237 
LYS N     CA     sing N N 238 
LYS N     H      sing N N 239 
LYS N     H2     sing N N 240 
LYS CA    C      sing N N 241 
LYS CA    CB     sing N N 242 
LYS CA    HA     sing N N 243 
LYS C     O      doub N N 244 
LYS C     OXT    sing N N 245 
LYS CB    CG     sing N N 246 
LYS CB    HB2    sing N N 247 
LYS CB    HB3    sing N N 248 
LYS CG    CD     sing N N 249 
LYS CG    HG2    sing N N 250 
LYS CG    HG3    sing N N 251 
LYS CD    CE     sing N N 252 
LYS CD    HD2    sing N N 253 
LYS CD    HD3    sing N N 254 
LYS CE    NZ     sing N N 255 
LYS CE    HE2    sing N N 256 
LYS CE    HE3    sing N N 257 
LYS NZ    HZ1    sing N N 258 
LYS NZ    HZ2    sing N N 259 
LYS NZ    HZ3    sing N N 260 
LYS OXT   HXT    sing N N 261 
MET N     CA     sing N N 262 
MET N     H      sing N N 263 
MET N     H2     sing N N 264 
MET CA    C      sing N N 265 
MET CA    CB     sing N N 266 
MET CA    HA     sing N N 267 
MET C     O      doub N N 268 
MET C     OXT    sing N N 269 
MET CB    CG     sing N N 270 
MET CB    HB2    sing N N 271 
MET CB    HB3    sing N N 272 
MET CG    SD     sing N N 273 
MET CG    HG2    sing N N 274 
MET CG    HG3    sing N N 275 
MET SD    CE     sing N N 276 
MET CE    HE1    sing N N 277 
MET CE    HE2    sing N N 278 
MET CE    HE3    sing N N 279 
MET OXT   HXT    sing N N 280 
PHE N     CA     sing N N 281 
PHE N     H      sing N N 282 
PHE N     H2     sing N N 283 
PHE CA    C      sing N N 284 
PHE CA    CB     sing N N 285 
PHE CA    HA     sing N N 286 
PHE C     O      doub N N 287 
PHE C     OXT    sing N N 288 
PHE CB    CG     sing N N 289 
PHE CB    HB2    sing N N 290 
PHE CB    HB3    sing N N 291 
PHE CG    CD1    doub Y N 292 
PHE CG    CD2    sing Y N 293 
PHE CD1   CE1    sing Y N 294 
PHE CD1   HD1    sing N N 295 
PHE CD2   CE2    doub Y N 296 
PHE CD2   HD2    sing N N 297 
PHE CE1   CZ     doub Y N 298 
PHE CE1   HE1    sing N N 299 
PHE CE2   CZ     sing Y N 300 
PHE CE2   HE2    sing N N 301 
PHE CZ    HZ     sing N N 302 
PHE OXT   HXT    sing N N 303 
PO4 P     O1     doub N N 304 
PO4 P     O2     sing N N 305 
PO4 P     O3     sing N N 306 
PO4 P     O4     sing N N 307 
PRO N     CA     sing N N 308 
PRO N     CD     sing N N 309 
PRO N     H      sing N N 310 
PRO CA    C      sing N N 311 
PRO CA    CB     sing N N 312 
PRO CA    HA     sing N N 313 
PRO C     O      doub N N 314 
PRO C     OXT    sing N N 315 
PRO CB    CG     sing N N 316 
PRO CB    HB2    sing N N 317 
PRO CB    HB3    sing N N 318 
PRO CG    CD     sing N N 319 
PRO CG    HG2    sing N N 320 
PRO CG    HG3    sing N N 321 
PRO CD    HD2    sing N N 322 
PRO CD    HD3    sing N N 323 
PRO OXT   HXT    sing N N 324 
SER N     CA     sing N N 325 
SER N     H      sing N N 326 
SER N     H2     sing N N 327 
SER CA    C      sing N N 328 
SER CA    CB     sing N N 329 
SER CA    HA     sing N N 330 
SER C     O      doub N N 331 
SER C     OXT    sing N N 332 
SER CB    OG     sing N N 333 
SER CB    HB2    sing N N 334 
SER CB    HB3    sing N N 335 
SER OG    HG     sing N N 336 
SER OXT   HXT    sing N N 337 
THR N     CA     sing N N 338 
THR N     H      sing N N 339 
THR N     H2     sing N N 340 
THR CA    C      sing N N 341 
THR CA    CB     sing N N 342 
THR CA    HA     sing N N 343 
THR C     O      doub N N 344 
THR C     OXT    sing N N 345 
THR CB    OG1    sing N N 346 
THR CB    CG2    sing N N 347 
THR CB    HB     sing N N 348 
THR OG1   HG1    sing N N 349 
THR CG2   HG21   sing N N 350 
THR CG2   HG22   sing N N 351 
THR CG2   HG23   sing N N 352 
THR OXT   HXT    sing N N 353 
TYR N     CA     sing N N 354 
TYR N     H      sing N N 355 
TYR N     H2     sing N N 356 
TYR CA    C      sing N N 357 
TYR CA    CB     sing N N 358 
TYR CA    HA     sing N N 359 
TYR C     O      doub N N 360 
TYR C     OXT    sing N N 361 
TYR CB    CG     sing N N 362 
TYR CB    HB2    sing N N 363 
TYR CB    HB3    sing N N 364 
TYR CG    CD1    doub Y N 365 
TYR CG    CD2    sing Y N 366 
TYR CD1   CE1    sing Y N 367 
TYR CD1   HD1    sing N N 368 
TYR CD2   CE2    doub Y N 369 
TYR CD2   HD2    sing N N 370 
TYR CE1   CZ     doub Y N 371 
TYR CE1   HE1    sing N N 372 
TYR CE2   CZ     sing Y N 373 
TYR CE2   HE2    sing N N 374 
TYR CZ    OH     sing N N 375 
TYR OH    HH     sing N N 376 
TYR OXT   HXT    sing N N 377 
VAL N     CA     sing N N 378 
VAL N     H      sing N N 379 
VAL N     H2     sing N N 380 
VAL CA    C      sing N N 381 
VAL CA    CB     sing N N 382 
VAL CA    HA     sing N N 383 
VAL C     O      doub N N 384 
VAL C     OXT    sing N N 385 
VAL CB    CG1    sing N N 386 
VAL CB    CG2    sing N N 387 
VAL CB    HB     sing N N 388 
VAL CG1   HG11   sing N N 389 
VAL CG1   HG12   sing N N 390 
VAL CG1   HG13   sing N N 391 
VAL CG2   HG21   sing N N 392 
VAL CG2   HG22   sing N N 393 
VAL CG2   HG23   sing N N 394 
VAL OXT   HXT    sing N N 395 
# 
loop_
_pdbx_entity_instance_feature.ordinal 
_pdbx_entity_instance_feature.comp_id 
_pdbx_entity_instance_feature.asym_id 
_pdbx_entity_instance_feature.seq_num 
_pdbx_entity_instance_feature.auth_comp_id 
_pdbx_entity_instance_feature.auth_asym_id 
_pdbx_entity_instance_feature.auth_seq_num 
_pdbx_entity_instance_feature.feature_type 
_pdbx_entity_instance_feature.details 
1 ADP ? ? ADP ? ? 'SUBJECT OF INVESTIGATION' ? 
2 PO4 ? ? PO4 ? ? 'SUBJECT OF INVESTIGATION' ? 
# 
loop_
_pdbx_entity_nonpoly.entity_id 
_pdbx_entity_nonpoly.name 
_pdbx_entity_nonpoly.comp_id 
2 "ADENOSINE-5'-DIPHOSPHATE" ADP 
3 'PHOSPHATE ION'            PO4 
4 water                      HOH 
# 
_pdbx_initial_refinement_model.id               1 
_pdbx_initial_refinement_model.entity_id_list   ? 
_pdbx_initial_refinement_model.type             'experimental model' 
_pdbx_initial_refinement_model.source_name      PDB 
_pdbx_initial_refinement_model.accession_code   1XW3 
_pdbx_initial_refinement_model.details          ? 
# 
_pdbx_struct_assembly_auth_evidence.id                     1 
_pdbx_struct_assembly_auth_evidence.assembly_id            1 
_pdbx_struct_assembly_auth_evidence.experimental_support   'gel filtration' 
_pdbx_struct_assembly_auth_evidence.details                ? 
# 
